data_4R55
# 
_entry.id   4R55 
# 
_audit_conform.dict_name       mmcif_pdbx.dic 
_audit_conform.dict_version    5.381 
_audit_conform.dict_location   http://mmcif.pdb.org/dictionaries/ascii/mmcif_pdbx.dic 
# 
loop_
_database_2.database_id 
_database_2.database_code 
_database_2.pdbx_database_accession 
_database_2.pdbx_DOI 
PDB   4R55         pdb_00004r55 10.2210/pdb4r55/pdb 
NDB   NA3159       ?            ?                   
RCSB  RCSB086911   ?            ?                   
WWPDB D_1000086911 ?            ?                   
# 
loop_
_pdbx_database_related.db_name 
_pdbx_database_related.db_id 
_pdbx_database_related.details 
_pdbx_database_related.content_type 
PDB 3LWH . unspecified 
PDB 3LWI . unspecified 
PDB 4R56 . unspecified 
# 
_pdbx_database_status.status_code                     REL 
_pdbx_database_status.entry_id                        4R55 
_pdbx_database_status.recvd_initial_deposition_date   2014-08-20 
_pdbx_database_status.deposit_site                    RCSB 
_pdbx_database_status.process_site                    PDBJ 
_pdbx_database_status.methods_development_category    ? 
_pdbx_database_status.status_code_sf                  REL 
_pdbx_database_status.status_code_mr                  ? 
_pdbx_database_status.SG_entry                        ? 
_pdbx_database_status.status_code_cs                  ? 
_pdbx_database_status.pdb_format_compatible           Y 
_pdbx_database_status.status_code_nmr_data            ? 
# 
loop_
_audit_author.name 
_audit_author.pdbx_ordinal 
'Zhang, Z.F.' 1 
'Gong, Y.'    2 
'Chen, Y.Y.'  3 
'Li, H.B.'    4 
'Huang, L.'   5 
# 
_citation.id                        primary 
_citation.title                     'Insights into the interaction between Cren7 and DNA: the role of loop beta 3-beta 4' 
_citation.journal_abbrev            Extremophiles 
_citation.journal_volume            19 
_citation.page_first                395 
_citation.page_last                 406 
_citation.year                      2015 
_citation.journal_id_ASTM           ? 
_citation.country                   DE 
_citation.journal_id_ISSN           1431-0651 
_citation.journal_id_CSD            ? 
_citation.book_publisher            ? 
_citation.pdbx_database_id_PubMed   25555709 
_citation.pdbx_database_id_DOI      10.1007/s00792-014-0725-y 
# 
loop_
_citation_author.citation_id 
_citation_author.name 
_citation_author.ordinal 
_citation_author.identifier_ORCID 
primary 'Zhang, Z.F.' 1 ? 
primary 'Gong, Y.'    2 ? 
primary 'Chen, Y.Y.'  3 ? 
primary 'Li, H.B.'    4 ? 
primary 'Huang, L.'   5 ? 
# 
_cell.entry_id           4R55 
_cell.length_a           42.495 
_cell.length_b           41.790 
_cell.length_c           54.278 
_cell.angle_alpha        90.00 
_cell.angle_beta         90.00 
_cell.angle_gamma        90.00 
_cell.Z_PDB              8 
_cell.pdbx_unique_axis   ? 
_cell.length_a_esd       ? 
_cell.length_b_esd       ? 
_cell.length_c_esd       ? 
_cell.angle_alpha_esd    ? 
_cell.angle_beta_esd     ? 
_cell.angle_gamma_esd    ? 
# 
_symmetry.entry_id                         4R55 
_symmetry.space_group_name_H-M             'P 21 21 21' 
_symmetry.pdbx_full_space_group_name_H-M   ? 
_symmetry.cell_setting                     ? 
_symmetry.Int_Tables_number                19 
_symmetry.space_group_name_Hall            ? 
# 
loop_
_entity.id 
_entity.type 
_entity.src_method 
_entity.pdbx_description 
_entity.formula_weight 
_entity.pdbx_number_of_molecules 
_entity.pdbx_ec 
_entity.pdbx_mutation 
_entity.pdbx_fragment 
_entity.details 
1 polymer man 'Chromatin protein Cren7'                6194.311 1  ? DELETION ? ? 
2 polymer syn 
;DNA (5'-D(*GP*TP*GP*AP*TP*CP*AP*C)-3')
;
2426.617 2  ? ?        ? ? 
3 water   nat water                                    18.015   72 ? ?        ? ? 
# 
loop_
_entity_poly.entity_id 
_entity_poly.type 
_entity_poly.nstd_linkage 
_entity_poly.nstd_monomer 
_entity_poly.pdbx_seq_one_letter_code 
_entity_poly.pdbx_seq_one_letter_code_can 
_entity_poly.pdbx_strand_id 
_entity_poly.pdbx_target_identifier 
1 'polypeptide(L)'        no no MSSGKKPVKVKTPAGKEAELVPEKVWALGRVKIGLFKDPETGKYFRHKLPDDYPI 
MSSGKKPVKVKTPAGKEAELVPEKVWALGRVKIGLFKDPETGKYFRHKLPDDYPI A   ? 
2 polydeoxyribonucleotide no no '(DG)(DT)(DG)(DA)(DT)(DC)(DA)(DC)'                      GTGATCAC B,C ? 
# 
loop_
_entity_poly_seq.entity_id 
_entity_poly_seq.num 
_entity_poly_seq.mon_id 
_entity_poly_seq.hetero 
1 1  MET n 
1 2  SER n 
1 3  SER n 
1 4  GLY n 
1 5  LYS n 
1 6  LYS n 
1 7  PRO n 
1 8  VAL n 
1 9  LYS n 
1 10 VAL n 
1 11 LYS n 
1 12 THR n 
1 13 PRO n 
1 14 ALA n 
1 15 GLY n 
1 16 LYS n 
1 17 GLU n 
1 18 ALA n 
1 19 GLU n 
1 20 LEU n 
1 21 VAL n 
1 22 PRO n 
1 23 GLU n 
1 24 LYS n 
1 25 VAL n 
1 26 TRP n 
1 27 ALA n 
1 28 LEU n 
1 29 GLY n 
1 30 ARG n 
1 31 VAL n 
1 32 LYS n 
1 33 ILE n 
1 34 GLY n 
1 35 LEU n 
1 36 PHE n 
1 37 LYS n 
1 38 ASP n 
1 39 PRO n 
1 40 GLU n 
1 41 THR n 
1 42 GLY n 
1 43 LYS n 
1 44 TYR n 
1 45 PHE n 
1 46 ARG n 
1 47 HIS n 
1 48 LYS n 
1 49 LEU n 
1 50 PRO n 
1 51 ASP n 
1 52 ASP n 
1 53 TYR n 
1 54 PRO n 
1 55 ILE n 
2 1  DG  n 
2 2  DT  n 
2 3  DG  n 
2 4  DA  n 
2 5  DT  n 
2 6  DC  n 
2 7  DA  n 
2 8  DC  n 
# 
_entity_src_gen.entity_id                          1 
_entity_src_gen.pdbx_src_id                        1 
_entity_src_gen.pdbx_alt_source_flag               sample 
_entity_src_gen.pdbx_seq_type                      ? 
_entity_src_gen.pdbx_beg_seq_num                   ? 
_entity_src_gen.pdbx_end_seq_num                   ? 
_entity_src_gen.gene_src_common_name               ? 
_entity_src_gen.gene_src_genus                     ? 
_entity_src_gen.pdbx_gene_src_gene                 'creN7, SSO6901' 
_entity_src_gen.gene_src_species                   ? 
_entity_src_gen.gene_src_strain                    ? 
_entity_src_gen.gene_src_tissue                    ? 
_entity_src_gen.gene_src_tissue_fraction           ? 
_entity_src_gen.gene_src_details                   ? 
_entity_src_gen.pdbx_gene_src_fragment             ? 
_entity_src_gen.pdbx_gene_src_scientific_name      'Sulfolobus solfataricus P2' 
_entity_src_gen.pdbx_gene_src_ncbi_taxonomy_id     273057 
_entity_src_gen.pdbx_gene_src_variant              ? 
_entity_src_gen.pdbx_gene_src_cell_line            ? 
_entity_src_gen.pdbx_gene_src_atcc                 ? 
_entity_src_gen.pdbx_gene_src_organ                ? 
_entity_src_gen.pdbx_gene_src_organelle            ? 
_entity_src_gen.pdbx_gene_src_cell                 ? 
_entity_src_gen.pdbx_gene_src_cellular_location    ? 
_entity_src_gen.host_org_common_name               ? 
_entity_src_gen.pdbx_host_org_scientific_name      'Escherichia coli' 
_entity_src_gen.pdbx_host_org_ncbi_taxonomy_id     562 
_entity_src_gen.host_org_genus                     ? 
_entity_src_gen.pdbx_host_org_gene                 ? 
_entity_src_gen.pdbx_host_org_organ                ? 
_entity_src_gen.host_org_species                   ? 
_entity_src_gen.pdbx_host_org_tissue               ? 
_entity_src_gen.pdbx_host_org_tissue_fraction      ? 
_entity_src_gen.pdbx_host_org_strain               'Rosetta 2 (DE3) plysS' 
_entity_src_gen.pdbx_host_org_variant              ? 
_entity_src_gen.pdbx_host_org_cell_line            ? 
_entity_src_gen.pdbx_host_org_atcc                 ? 
_entity_src_gen.pdbx_host_org_culture_collection   ? 
_entity_src_gen.pdbx_host_org_cell                 ? 
_entity_src_gen.pdbx_host_org_organelle            ? 
_entity_src_gen.pdbx_host_org_cellular_location    ? 
_entity_src_gen.pdbx_host_org_vector_type          PLASMID 
_entity_src_gen.pdbx_host_org_vector               ? 
_entity_src_gen.host_org_details                   ? 
_entity_src_gen.expression_system_id               ? 
_entity_src_gen.plasmid_name                       pET30a 
_entity_src_gen.plasmid_details                    ? 
_entity_src_gen.pdbx_description                   ? 
# 
_pdbx_entity_src_syn.entity_id              2 
_pdbx_entity_src_syn.pdbx_src_id            1 
_pdbx_entity_src_syn.pdbx_alt_source_flag   sample 
_pdbx_entity_src_syn.pdbx_beg_seq_num       ? 
_pdbx_entity_src_syn.pdbx_end_seq_num       ? 
_pdbx_entity_src_syn.organism_scientific    synthetic 
_pdbx_entity_src_syn.organism_common_name   ? 
_pdbx_entity_src_syn.ncbi_taxonomy_id       32630 
_pdbx_entity_src_syn.details                ? 
# 
loop_
_struct_ref.id 
_struct_ref.db_name 
_struct_ref.db_code 
_struct_ref.pdbx_db_accession 
_struct_ref.entity_id 
_struct_ref.pdbx_seq_one_letter_code 
_struct_ref.pdbx_align_begin 
_struct_ref.pdbx_db_isoform 
1 UNP CREN7_SULSO Q97ZE3 1 MSSGKKPVKVKTPAGKEAELVPEKVWALAPKGRKGVKIGLFKDPETGKYFRHKLPDDYPI 1 ? 
2 PDB 4R55        4R55   2 ?                                                            ? ? 
# 
loop_
_struct_ref_seq.align_id 
_struct_ref_seq.ref_id 
_struct_ref_seq.pdbx_PDB_id_code 
_struct_ref_seq.pdbx_strand_id 
_struct_ref_seq.seq_align_beg 
_struct_ref_seq.pdbx_seq_align_beg_ins_code 
_struct_ref_seq.seq_align_end 
_struct_ref_seq.pdbx_seq_align_end_ins_code 
_struct_ref_seq.pdbx_db_accession 
_struct_ref_seq.db_align_beg 
_struct_ref_seq.pdbx_db_align_beg_ins_code 
_struct_ref_seq.db_align_end 
_struct_ref_seq.pdbx_db_align_end_ins_code 
_struct_ref_seq.pdbx_auth_seq_align_beg 
_struct_ref_seq.pdbx_auth_seq_align_end 
1 1 4R55 A 1 ? 55 ? Q97ZE3 1   ? 60  ? 1   55  
2 2 4R55 B 1 ? 8  ? 4R55   101 ? 108 ? 101 108 
3 2 4R55 C 1 ? 8  ? 4R55   109 ? 116 ? 109 116 
# 
loop_
_struct_ref_seq_dif.align_id 
_struct_ref_seq_dif.pdbx_pdb_id_code 
_struct_ref_seq_dif.mon_id 
_struct_ref_seq_dif.pdbx_pdb_strand_id 
_struct_ref_seq_dif.seq_num 
_struct_ref_seq_dif.pdbx_pdb_ins_code 
_struct_ref_seq_dif.pdbx_seq_db_name 
_struct_ref_seq_dif.pdbx_seq_db_accession_code 
_struct_ref_seq_dif.db_mon_id 
_struct_ref_seq_dif.pdbx_seq_db_seq_num 
_struct_ref_seq_dif.details 
_struct_ref_seq_dif.pdbx_auth_seq_num 
_struct_ref_seq_dif.pdbx_ordinal 
1 4R55 ? A ? ? UNP Q97ZE3 ALA 29 deletion ? 1 
1 4R55 ? A ? ? UNP Q97ZE3 PRO 30 deletion ? 2 
1 4R55 ? A ? ? UNP Q97ZE3 LYS 31 deletion ? 3 
1 4R55 ? A ? ? UNP Q97ZE3 LYS 34 deletion ? 4 
1 4R55 ? A ? ? UNP Q97ZE3 GLY 35 deletion ? 5 
# 
loop_
_chem_comp.id 
_chem_comp.type 
_chem_comp.mon_nstd_flag 
_chem_comp.name 
_chem_comp.pdbx_synonyms 
_chem_comp.formula 
_chem_comp.formula_weight 
ALA 'L-peptide linking' y ALANINE                              ? 'C3 H7 N O2'      89.093  
ARG 'L-peptide linking' y ARGININE                             ? 'C6 H15 N4 O2 1'  175.209 
ASP 'L-peptide linking' y 'ASPARTIC ACID'                      ? 'C4 H7 N O4'      133.103 
DA  'DNA linking'       y "2'-DEOXYADENOSINE-5'-MONOPHOSPHATE" ? 'C10 H14 N5 O6 P' 331.222 
DC  'DNA linking'       y "2'-DEOXYCYTIDINE-5'-MONOPHOSPHATE"  ? 'C9 H14 N3 O7 P'  307.197 
DG  'DNA linking'       y "2'-DEOXYGUANOSINE-5'-MONOPHOSPHATE" ? 'C10 H14 N5 O7 P' 347.221 
DT  'DNA linking'       y "THYMIDINE-5'-MONOPHOSPHATE"         ? 'C10 H15 N2 O8 P' 322.208 
GLU 'L-peptide linking' y 'GLUTAMIC ACID'                      ? 'C5 H9 N O4'      147.129 
GLY 'peptide linking'   y GLYCINE                              ? 'C2 H5 N O2'      75.067  
HIS 'L-peptide linking' y HISTIDINE                            ? 'C6 H10 N3 O2 1'  156.162 
HOH non-polymer         . WATER                                ? 'H2 O'            18.015  
ILE 'L-peptide linking' y ISOLEUCINE                           ? 'C6 H13 N O2'     131.173 
LEU 'L-peptide linking' y LEUCINE                              ? 'C6 H13 N O2'     131.173 
LYS 'L-peptide linking' y LYSINE                               ? 'C6 H15 N2 O2 1'  147.195 
MET 'L-peptide linking' y METHIONINE                           ? 'C5 H11 N O2 S'   149.211 
PHE 'L-peptide linking' y PHENYLALANINE                        ? 'C9 H11 N O2'     165.189 
PRO 'L-peptide linking' y PROLINE                              ? 'C5 H9 N O2'      115.130 
SER 'L-peptide linking' y SERINE                               ? 'C3 H7 N O3'      105.093 
THR 'L-peptide linking' y THREONINE                            ? 'C4 H9 N O3'      119.119 
TRP 'L-peptide linking' y TRYPTOPHAN                           ? 'C11 H12 N2 O2'   204.225 
TYR 'L-peptide linking' y TYROSINE                             ? 'C9 H11 N O3'     181.189 
VAL 'L-peptide linking' y VALINE                               ? 'C5 H11 N O2'     117.146 
# 
_exptl.entry_id          4R55 
_exptl.method            'X-RAY DIFFRACTION' 
_exptl.crystals_number   1 
# 
_exptl_crystal.id                    1 
_exptl_crystal.density_meas          ? 
_exptl_crystal.density_Matthews      2.18 
_exptl_crystal.density_percent_sol   43.61 
_exptl_crystal.description           ? 
_exptl_crystal.F_000                 ? 
_exptl_crystal.preparation           ? 
# 
_exptl_crystal_grow.crystal_id      1 
_exptl_crystal_grow.method          'VAPOR DIFFUSION, SITTING DROP' 
_exptl_crystal_grow.temp            293 
_exptl_crystal_grow.temp_details    ? 
_exptl_crystal_grow.pH              6.5 
_exptl_crystal_grow.pdbx_details    
'0.2M NH4Ac, 0.01M MgAc2, 0.05M sodium cacodylate trihydrate, 30% PEG 8000, pH 6.5, VAPOR DIFFUSION, SITTING DROP, temperature 293K' 
_exptl_crystal_grow.pdbx_pH_range   ? 
# 
_diffrn.id                     1 
_diffrn.ambient_temp           100 
_diffrn.ambient_temp_details   ? 
_diffrn.crystal_id             1 
# 
_diffrn_detector.diffrn_id              1 
_diffrn_detector.detector               'IMAGE PLATE' 
_diffrn_detector.type                   'RIGAKU RAXIS IV++' 
_diffrn_detector.pdbx_collection_date   2013-05-17 
_diffrn_detector.details                ? 
# 
_diffrn_radiation.diffrn_id                        1 
_diffrn_radiation.wavelength_id                    1 
_diffrn_radiation.pdbx_monochromatic_or_laue_m_l   M 
_diffrn_radiation.monochromator                    GRAPHITE 
_diffrn_radiation.pdbx_diffrn_protocol             'SINGLE WAVELENGTH' 
_diffrn_radiation.pdbx_scattering_type             x-ray 
# 
_diffrn_radiation_wavelength.id           1 
_diffrn_radiation_wavelength.wavelength   1.5418 
_diffrn_radiation_wavelength.wt           1.0 
# 
_diffrn_source.diffrn_id                   1 
_diffrn_source.source                      'ROTATING ANODE' 
_diffrn_source.type                        'RIGAKU MICROMAX-007 HF' 
_diffrn_source.pdbx_synchrotron_site       ? 
_diffrn_source.pdbx_synchrotron_beamline   ? 
_diffrn_source.pdbx_wavelength             ? 
_diffrn_source.pdbx_wavelength_list        1.5418 
# 
_reflns.entry_id                     4R55 
_reflns.observed_criterion_sigma_I   1.0 
_reflns.observed_criterion_sigma_F   1.0 
_reflns.d_resolution_low             50 
_reflns.d_resolution_high            1.8 
_reflns.number_obs                   9402 
_reflns.number_all                   9449 
_reflns.percent_possible_obs         99.5 
_reflns.pdbx_Rmerge_I_obs            0.051 
_reflns.pdbx_Rsym_value              ? 
_reflns.pdbx_netI_over_sigmaI        40.6 
_reflns.B_iso_Wilson_estimate        12.9 
_reflns.pdbx_redundancy              6.7 
_reflns.R_free_details               ? 
_reflns.limit_h_max                  ? 
_reflns.limit_h_min                  ? 
_reflns.limit_k_max                  ? 
_reflns.limit_k_min                  ? 
_reflns.limit_l_max                  ? 
_reflns.limit_l_min                  ? 
_reflns.observed_criterion_F_max     ? 
_reflns.observed_criterion_F_min     ? 
_reflns.pdbx_chi_squared             ? 
_reflns.pdbx_scaling_rejects         ? 
_reflns.pdbx_ordinal                 1 
_reflns.pdbx_diffrn_id               1 
# 
_reflns_shell.d_res_high                  1.80 
_reflns_shell.d_res_low                   1.86 
_reflns_shell.percent_possible_all        99.0 
_reflns_shell.Rmerge_I_obs                0.084 
_reflns_shell.pdbx_Rsym_value             ? 
_reflns_shell.meanI_over_sigI_obs         25.3 
_reflns_shell.pdbx_redundancy             6.6 
_reflns_shell.percent_possible_obs        ? 
_reflns_shell.number_unique_all           918 
_reflns_shell.number_measured_all         ? 
_reflns_shell.number_measured_obs         ? 
_reflns_shell.number_unique_obs           ? 
_reflns_shell.pdbx_chi_squared            ? 
_reflns_shell.pdbx_rejects                ? 
_reflns_shell.pdbx_netI_over_sigmaI_obs   ? 
_reflns_shell.number_possible             ? 
_reflns_shell.Rmerge_F_all                ? 
_reflns_shell.Rmerge_F_obs                ? 
_reflns_shell.Rmerge_I_all                ? 
_reflns_shell.meanI_over_sigI_all         ? 
_reflns_shell.pdbx_Rrim_I_all             ? 
_reflns_shell.pdbx_Rpim_I_all             ? 
_reflns_shell.pdbx_ordinal                1 
_reflns_shell.pdbx_diffrn_id              1 
# 
_refine.entry_id                                 4R55 
_refine.ls_number_reflns_obs                     8922 
_refine.ls_number_reflns_all                     8964 
_refine.pdbx_ls_sigma_I                          ? 
_refine.pdbx_ls_sigma_F                          1.0 
_refine.pdbx_data_cutoff_high_absF               ? 
_refine.pdbx_data_cutoff_low_absF                ? 
_refine.pdbx_data_cutoff_high_rms_absF           ? 
_refine.ls_d_res_low                             17 
_refine.ls_d_res_high                            1.80 
_refine.ls_percent_reflns_obs                    99.53 
_refine.ls_R_factor_obs                          0.220 
_refine.ls_R_factor_all                          0.220 
_refine.ls_R_factor_R_work                       0.219 
_refine.ls_R_factor_R_free                       0.252 
_refine.ls_R_factor_R_free_error                 ? 
_refine.ls_R_factor_R_free_error_details         ? 
_refine.ls_percent_reflns_R_free                 4.8 
_refine.ls_number_reflns_R_free                  448 
_refine.ls_number_parameters                     ? 
_refine.ls_number_restraints                     ? 
_refine.occupancy_min                            ? 
_refine.occupancy_max                            ? 
_refine.correlation_coeff_Fo_to_Fc               0.927 
_refine.correlation_coeff_Fo_to_Fc_free          0.893 
_refine.B_iso_mean                               12.603 
_refine.aniso_B[1][1]                            0.01 
_refine.aniso_B[2][2]                            0.02 
_refine.aniso_B[3][3]                            -0.02 
_refine.aniso_B[1][2]                            -0.00 
_refine.aniso_B[1][3]                            0.00 
_refine.aniso_B[2][3]                            0.00 
_refine.solvent_model_details                    MASK 
_refine.solvent_model_param_ksol                 ? 
_refine.solvent_model_param_bsol                 ? 
_refine.pdbx_solvent_vdw_probe_radii             1.20 
_refine.pdbx_solvent_ion_probe_radii             0.80 
_refine.pdbx_solvent_shrinkage_radii             0.80 
_refine.pdbx_ls_cross_valid_method               THROUGHOUT 
_refine.details                                  ? 
_refine.pdbx_starting_model                      3LWH 
_refine.pdbx_method_to_determine_struct          'MOLECULAR REPLACEMENT' 
_refine.pdbx_isotropic_thermal_model             ? 
_refine.pdbx_stereochemistry_target_values       'MAXIMUM LIKELIHOOD' 
_refine.pdbx_stereochem_target_val_spec_case     ? 
_refine.pdbx_R_Free_selection_details            RANDOM 
_refine.pdbx_overall_ESU_R                       0.152 
_refine.pdbx_overall_ESU_R_Free                  0.140 
_refine.overall_SU_ML                            0.092 
_refine.pdbx_overall_phase_error                 ? 
_refine.overall_SU_B                             2.857 
_refine.overall_SU_R_Cruickshank_DPI             ? 
_refine.ls_redundancy_reflns_obs                 ? 
_refine.B_iso_min                                ? 
_refine.B_iso_max                                ? 
_refine.overall_SU_R_free                        ? 
_refine.ls_wR_factor_R_free                      ? 
_refine.ls_wR_factor_R_work                      ? 
_refine.overall_FOM_free_R_set                   ? 
_refine.overall_FOM_work_R_set                   ? 
_refine.pdbx_diffrn_id                           1 
_refine.pdbx_refine_id                           'X-RAY DIFFRACTION' 
_refine.pdbx_TLS_residual_ADP_flag               ? 
_refine.pdbx_overall_SU_R_free_Cruickshank_DPI   ? 
_refine.pdbx_overall_SU_R_Blow_DPI               ? 
_refine.pdbx_overall_SU_R_free_Blow_DPI          ? 
# 
_refine_hist.pdbx_refine_id                   'X-RAY DIFFRACTION' 
_refine_hist.cycle_id                         LAST 
_refine_hist.pdbx_number_atoms_protein        423 
_refine_hist.pdbx_number_atoms_nucleic_acid   322 
_refine_hist.pdbx_number_atoms_ligand         0 
_refine_hist.number_atoms_solvent             72 
_refine_hist.number_atoms_total               817 
_refine_hist.d_res_high                       1.80 
_refine_hist.d_res_low                        17 
# 
loop_
_refine_ls_restr.type 
_refine_ls_restr.dev_ideal 
_refine_ls_restr.dev_ideal_target 
_refine_ls_restr.weight 
_refine_ls_restr.number 
_refine_ls_restr.pdbx_restraint_function 
_refine_ls_restr.pdbx_refine_id 
r_bond_refined_d             0.016  0.015  ? 795  ? 'X-RAY DIFFRACTION' 
r_bond_other_d               0.001  0.020  ? 627  ? 'X-RAY DIFFRACTION' 
r_angle_refined_deg          1.714  1.604  ? 1138 ? 'X-RAY DIFFRACTION' 
r_angle_other_deg            1.091  3.000  ? 1470 ? 'X-RAY DIFFRACTION' 
r_dihedral_angle_1_deg       7.525  5.000  ? 52   ? 'X-RAY DIFFRACTION' 
r_dihedral_angle_2_deg       27.634 23.333 ? 15   ? 'X-RAY DIFFRACTION' 
r_dihedral_angle_3_deg       10.677 15.000 ? 83   ? 'X-RAY DIFFRACTION' 
r_dihedral_angle_4_deg       18.278 15.000 ? 2    ? 'X-RAY DIFFRACTION' 
r_chiral_restr               0.104  0.200  ? 109  ? 'X-RAY DIFFRACTION' 
r_gen_planes_refined         0.016  0.021  ? 646  ? 'X-RAY DIFFRACTION' 
r_gen_planes_other           0.002  0.020  ? 158  ? 'X-RAY DIFFRACTION' 
r_nbd_refined                ?      ?      ? ?    ? 'X-RAY DIFFRACTION' 
r_nbd_other                  ?      ?      ? ?    ? 'X-RAY DIFFRACTION' 
r_nbtor_refined              ?      ?      ? ?    ? 'X-RAY DIFFRACTION' 
r_nbtor_other                ?      ?      ? ?    ? 'X-RAY DIFFRACTION' 
r_xyhbond_nbd_refined        ?      ?      ? ?    ? 'X-RAY DIFFRACTION' 
r_xyhbond_nbd_other          ?      ?      ? ?    ? 'X-RAY DIFFRACTION' 
r_metal_ion_refined          ?      ?      ? ?    ? 'X-RAY DIFFRACTION' 
r_metal_ion_other            ?      ?      ? ?    ? 'X-RAY DIFFRACTION' 
r_symmetry_vdw_refined       ?      ?      ? ?    ? 'X-RAY DIFFRACTION' 
r_symmetry_vdw_other         ?      ?      ? ?    ? 'X-RAY DIFFRACTION' 
r_symmetry_hbond_refined     ?      ?      ? ?    ? 'X-RAY DIFFRACTION' 
r_symmetry_hbond_other       ?      ?      ? ?    ? 'X-RAY DIFFRACTION' 
r_symmetry_metal_ion_refined ?      ?      ? ?    ? 'X-RAY DIFFRACTION' 
r_symmetry_metal_ion_other   ?      ?      ? ?    ? 'X-RAY DIFFRACTION' 
r_mcbond_it                  1.241  1.144  ? 211  ? 'X-RAY DIFFRACTION' 
r_mcbond_other               1.242  1.141  ? 210  ? 'X-RAY DIFFRACTION' 
r_mcangle_it                 1.895  1.704  ? 262  ? 'X-RAY DIFFRACTION' 
r_mcangle_other              1.893  1.706  ? 263  ? 'X-RAY DIFFRACTION' 
r_scbond_it                  1.531  1.237  ? 584  ? 'X-RAY DIFFRACTION' 
r_scbond_other               1.532  1.237  ? 583  ? 'X-RAY DIFFRACTION' 
r_scangle_it                 ?      ?      ? ?    ? 'X-RAY DIFFRACTION' 
r_scangle_other              2.334  1.807  ? 876  ? 'X-RAY DIFFRACTION' 
r_long_range_B_refined       3.438  10.341 ? 993  ? 'X-RAY DIFFRACTION' 
r_long_range_B_other         3.423  10.228 ? 964  ? 'X-RAY DIFFRACTION' 
r_rigid_bond_restr           ?      ?      ? ?    ? 'X-RAY DIFFRACTION' 
r_sphericity_free            ?      ?      ? ?    ? 'X-RAY DIFFRACTION' 
r_sphericity_bonded          ?      ?      ? ?    ? 'X-RAY DIFFRACTION' 
# 
_refine_ls_shell.pdbx_refine_id                   'X-RAY DIFFRACTION' 
_refine_ls_shell.pdbx_total_number_of_bins_used   20 
_refine_ls_shell.d_res_high                       1.799 
_refine_ls_shell.d_res_low                        1.845 
_refine_ls_shell.number_reflns_R_work             633 
_refine_ls_shell.R_factor_R_work                  0.201 
_refine_ls_shell.percent_reflns_obs               98.23 
_refine_ls_shell.R_factor_R_free                  0.271 
_refine_ls_shell.R_factor_R_free_error            ? 
_refine_ls_shell.percent_reflns_R_free            ? 
_refine_ls_shell.number_reflns_R_free             34 
_refine_ls_shell.number_reflns_all                ? 
_refine_ls_shell.R_factor_all                     ? 
_refine_ls_shell.number_reflns_obs                ? 
_refine_ls_shell.redundancy_reflns_obs            ? 
# 
_struct.entry_id                  4R55 
_struct.title                     'The crystal structure of a Cren7 mutant protein GR and dsDNA complex' 
_struct.pdbx_model_details        ? 
_struct.pdbx_CASP_flag            ? 
_struct.pdbx_model_type_details   ? 
# 
_struct_keywords.entry_id        4R55 
_struct_keywords.pdbx_keywords   'DNA BINDING PROTEIN/DNA' 
_struct_keywords.text            'BETA-SHEET, DNA BINDING, DNA BINDING PROTEIN-DNA complex' 
# 
loop_
_struct_asym.id 
_struct_asym.pdbx_blank_PDB_chainid_flag 
_struct_asym.pdbx_modified 
_struct_asym.entity_id 
_struct_asym.details 
A N N 1 ? 
B N N 2 ? 
C N N 2 ? 
D N N 3 ? 
E N N 3 ? 
F N N 3 ? 
# 
_struct_biol.id        1 
_struct_biol.details   ? 
# 
loop_
_struct_conn.id 
_struct_conn.conn_type_id 
_struct_conn.pdbx_leaving_atom_flag 
_struct_conn.pdbx_PDB_id 
_struct_conn.ptnr1_label_asym_id 
_struct_conn.ptnr1_label_comp_id 
_struct_conn.ptnr1_label_seq_id 
_struct_conn.ptnr1_label_atom_id 
_struct_conn.pdbx_ptnr1_label_alt_id 
_struct_conn.pdbx_ptnr1_PDB_ins_code 
_struct_conn.pdbx_ptnr1_standard_comp_id 
_struct_conn.ptnr1_symmetry 
_struct_conn.ptnr2_label_asym_id 
_struct_conn.ptnr2_label_comp_id 
_struct_conn.ptnr2_label_seq_id 
_struct_conn.ptnr2_label_atom_id 
_struct_conn.pdbx_ptnr2_label_alt_id 
_struct_conn.pdbx_ptnr2_PDB_ins_code 
_struct_conn.ptnr1_auth_asym_id 
_struct_conn.ptnr1_auth_comp_id 
_struct_conn.ptnr1_auth_seq_id 
_struct_conn.ptnr2_auth_asym_id 
_struct_conn.ptnr2_auth_comp_id 
_struct_conn.ptnr2_auth_seq_id 
_struct_conn.ptnr2_symmetry 
_struct_conn.pdbx_ptnr3_label_atom_id 
_struct_conn.pdbx_ptnr3_label_seq_id 
_struct_conn.pdbx_ptnr3_label_comp_id 
_struct_conn.pdbx_ptnr3_label_asym_id 
_struct_conn.pdbx_ptnr3_label_alt_id 
_struct_conn.pdbx_ptnr3_PDB_ins_code 
_struct_conn.details 
_struct_conn.pdbx_dist_value 
_struct_conn.pdbx_value_order 
_struct_conn.pdbx_role 
hydrog1  hydrog ? ? B DG 1 N1 ? ? ? 1_555 C DC 8 N3 ? ? B DG 101 C DC 116 1_555 ? ? ? ? ? ? WATSON-CRICK ? ? ? 
hydrog2  hydrog ? ? B DG 1 N2 ? ? ? 1_555 C DC 8 O2 ? ? B DG 101 C DC 116 1_555 ? ? ? ? ? ? WATSON-CRICK ? ? ? 
hydrog3  hydrog ? ? B DG 1 O6 ? ? ? 1_555 C DC 8 N4 ? ? B DG 101 C DC 116 1_555 ? ? ? ? ? ? WATSON-CRICK ? ? ? 
hydrog4  hydrog ? ? B DT 2 N3 ? ? ? 1_555 C DA 7 N1 ? ? B DT 102 C DA 115 1_555 ? ? ? ? ? ? WATSON-CRICK ? ? ? 
hydrog5  hydrog ? ? B DT 2 O4 ? ? ? 1_555 C DA 7 N6 ? ? B DT 102 C DA 115 1_555 ? ? ? ? ? ? WATSON-CRICK ? ? ? 
hydrog6  hydrog ? ? B DG 3 N1 ? ? ? 1_555 C DC 6 N3 ? ? B DG 103 C DC 114 1_555 ? ? ? ? ? ? WATSON-CRICK ? ? ? 
hydrog7  hydrog ? ? B DG 3 N2 ? ? ? 1_555 C DC 6 O2 ? ? B DG 103 C DC 114 1_555 ? ? ? ? ? ? WATSON-CRICK ? ? ? 
hydrog8  hydrog ? ? B DG 3 O6 ? ? ? 1_555 C DC 6 N4 ? ? B DG 103 C DC 114 1_555 ? ? ? ? ? ? WATSON-CRICK ? ? ? 
hydrog9  hydrog ? ? B DA 4 N1 ? ? ? 1_555 C DT 5 N3 ? ? B DA 104 C DT 113 1_555 ? ? ? ? ? ? WATSON-CRICK ? ? ? 
hydrog10 hydrog ? ? B DA 4 N6 ? ? ? 1_555 C DT 5 O4 ? ? B DA 104 C DT 113 1_555 ? ? ? ? ? ? WATSON-CRICK ? ? ? 
hydrog11 hydrog ? ? B DT 5 N3 ? ? ? 1_555 C DA 4 N1 ? ? B DT 105 C DA 112 1_555 ? ? ? ? ? ? WATSON-CRICK ? ? ? 
hydrog12 hydrog ? ? B DT 5 O4 ? ? ? 1_555 C DA 4 N6 ? ? B DT 105 C DA 112 1_555 ? ? ? ? ? ? WATSON-CRICK ? ? ? 
hydrog13 hydrog ? ? B DC 6 N3 ? ? ? 1_555 C DG 3 N1 ? ? B DC 106 C DG 111 1_555 ? ? ? ? ? ? WATSON-CRICK ? ? ? 
hydrog14 hydrog ? ? B DC 6 N4 ? ? ? 1_555 C DG 3 O6 ? ? B DC 106 C DG 111 1_555 ? ? ? ? ? ? WATSON-CRICK ? ? ? 
hydrog15 hydrog ? ? B DC 6 O2 ? ? ? 1_555 C DG 3 N2 ? ? B DC 106 C DG 111 1_555 ? ? ? ? ? ? WATSON-CRICK ? ? ? 
hydrog16 hydrog ? ? B DA 7 N1 ? ? ? 1_555 C DT 2 N3 ? ? B DA 107 C DT 110 1_555 ? ? ? ? ? ? WATSON-CRICK ? ? ? 
hydrog17 hydrog ? ? B DA 7 N6 ? ? ? 1_555 C DT 2 O4 ? ? B DA 107 C DT 110 1_555 ? ? ? ? ? ? WATSON-CRICK ? ? ? 
hydrog18 hydrog ? ? B DC 8 N3 ? ? ? 1_555 C DG 1 N1 ? ? B DC 108 C DG 109 1_555 ? ? ? ? ? ? WATSON-CRICK ? ? ? 
hydrog19 hydrog ? ? B DC 8 N4 ? ? ? 1_555 C DG 1 O6 ? ? B DC 108 C DG 109 1_555 ? ? ? ? ? ? WATSON-CRICK ? ? ? 
hydrog20 hydrog ? ? B DC 8 O2 ? ? ? 1_555 C DG 1 N2 ? ? B DC 108 C DG 109 1_555 ? ? ? ? ? ? WATSON-CRICK ? ? ? 
# 
_struct_conn_type.id          hydrog 
_struct_conn_type.criteria    ? 
_struct_conn_type.reference   ? 
# 
loop_
_struct_sheet.id 
_struct_sheet.type 
_struct_sheet.number_strands 
_struct_sheet.details 
A ? 2 ? 
B ? 3 ? 
# 
loop_
_struct_sheet_order.sheet_id 
_struct_sheet_order.range_id_1 
_struct_sheet_order.range_id_2 
_struct_sheet_order.offset 
_struct_sheet_order.sense 
A 1 2 ? anti-parallel 
B 1 2 ? anti-parallel 
B 2 3 ? anti-parallel 
# 
loop_
_struct_sheet_range.sheet_id 
_struct_sheet_range.id 
_struct_sheet_range.beg_label_comp_id 
_struct_sheet_range.beg_label_asym_id 
_struct_sheet_range.beg_label_seq_id 
_struct_sheet_range.pdbx_beg_PDB_ins_code 
_struct_sheet_range.end_label_comp_id 
_struct_sheet_range.end_label_asym_id 
_struct_sheet_range.end_label_seq_id 
_struct_sheet_range.pdbx_end_PDB_ins_code 
_struct_sheet_range.beg_auth_comp_id 
_struct_sheet_range.beg_auth_asym_id 
_struct_sheet_range.beg_auth_seq_id 
_struct_sheet_range.end_auth_comp_id 
_struct_sheet_range.end_auth_asym_id 
_struct_sheet_range.end_auth_seq_id 
A 1 VAL A 8  ? LYS A 11 ? VAL A 8  LYS A 11 
A 2 GLU A 17 ? LEU A 20 ? GLU A 17 LEU A 20 
B 1 LYS A 24 ? LEU A 28 ? LYS A 24 LEU A 28 
B 2 VAL A 31 ? LYS A 37 ? VAL A 31 LYS A 37 
B 3 TYR A 44 ? LYS A 48 ? TYR A 44 LYS A 48 
# 
loop_
_pdbx_struct_sheet_hbond.sheet_id 
_pdbx_struct_sheet_hbond.range_id_1 
_pdbx_struct_sheet_hbond.range_id_2 
_pdbx_struct_sheet_hbond.range_1_label_atom_id 
_pdbx_struct_sheet_hbond.range_1_label_comp_id 
_pdbx_struct_sheet_hbond.range_1_label_asym_id 
_pdbx_struct_sheet_hbond.range_1_label_seq_id 
_pdbx_struct_sheet_hbond.range_1_PDB_ins_code 
_pdbx_struct_sheet_hbond.range_1_auth_atom_id 
_pdbx_struct_sheet_hbond.range_1_auth_comp_id 
_pdbx_struct_sheet_hbond.range_1_auth_asym_id 
_pdbx_struct_sheet_hbond.range_1_auth_seq_id 
_pdbx_struct_sheet_hbond.range_2_label_atom_id 
_pdbx_struct_sheet_hbond.range_2_label_comp_id 
_pdbx_struct_sheet_hbond.range_2_label_asym_id 
_pdbx_struct_sheet_hbond.range_2_label_seq_id 
_pdbx_struct_sheet_hbond.range_2_PDB_ins_code 
_pdbx_struct_sheet_hbond.range_2_auth_atom_id 
_pdbx_struct_sheet_hbond.range_2_auth_comp_id 
_pdbx_struct_sheet_hbond.range_2_auth_asym_id 
_pdbx_struct_sheet_hbond.range_2_auth_seq_id 
A 1 2 N VAL A 10 ? N VAL A 10 O ALA A 18 ? O ALA A 18 
B 1 2 N LEU A 28 ? N LEU A 28 O VAL A 31 ? O VAL A 31 
B 2 3 N PHE A 36 ? N PHE A 36 O PHE A 45 ? O PHE A 45 
# 
_atom_sites.entry_id                    4R55 
_atom_sites.fract_transf_matrix[1][1]   0.01308518 
_atom_sites.fract_transf_matrix[1][2]   0.01948015 
_atom_sites.fract_transf_matrix[1][3]   0.00174836 
_atom_sites.fract_transf_matrix[2][1]   0.00180588 
_atom_sites.fract_transf_matrix[2][2]   -0.00333356 
_atom_sites.fract_transf_matrix[2][3]   0.02362675 
_atom_sites.fract_transf_matrix[3][1]   0.01524972 
_atom_sites.fract_transf_matrix[3][2]   -0.01001213 
_atom_sites.fract_transf_matrix[3][3]   -0.00257823 
_atom_sites.fract_transf_vector[1]      1.245454 
_atom_sites.fract_transf_vector[2]      1.429225 
_atom_sites.fract_transf_vector[3]      0.188508 
# 
loop_
_atom_type.symbol 
C 
N 
O 
P 
# 
loop_
_atom_site.group_PDB 
_atom_site.id 
_atom_site.type_symbol 
_atom_site.label_atom_id 
_atom_site.label_alt_id 
_atom_site.label_comp_id 
_atom_site.label_asym_id 
_atom_site.label_entity_id 
_atom_site.label_seq_id 
_atom_site.pdbx_PDB_ins_code 
_atom_site.Cartn_x 
_atom_site.Cartn_y 
_atom_site.Cartn_z 
_atom_site.occupancy 
_atom_site.B_iso_or_equiv 
_atom_site.pdbx_formal_charge 
_atom_site.auth_seq_id 
_atom_site.auth_comp_id 
_atom_site.auth_asym_id 
_atom_site.auth_atom_id 
_atom_site.pdbx_PDB_model_num 
ATOM   1   N N     . SER A 1 3  ? -13.369 -6.871  5.932   1.00 23.24 ? 3   SER A N     1 
ATOM   2   C CA    . SER A 1 3  ? -12.409 -6.561  7.043   1.00 23.19 ? 3   SER A CA    1 
ATOM   3   C C     . SER A 1 3  ? -11.064 -6.046  6.435   1.00 21.51 ? 3   SER A C     1 
ATOM   4   O O     . SER A 1 3  ? -10.760 -6.286  5.234   1.00 21.78 ? 3   SER A O     1 
ATOM   5   C CB    . SER A 1 3  ? -12.196 -7.783  7.938   1.00 26.20 ? 3   SER A CB    1 
ATOM   6   O OG    . SER A 1 3  ? -11.352 -8.696  7.299   1.00 26.44 ? 3   SER A OG    1 
ATOM   7   N N     . GLY A 1 4  ? -10.269 -5.337  7.231   1.00 15.37 ? 4   GLY A N     1 
ATOM   8   C CA    . GLY A 1 4  ? -9.090  -4.719  6.642   1.00 14.57 ? 4   GLY A CA    1 
ATOM   9   C C     . GLY A 1 4  ? -7.951  -5.651  6.303   1.00 11.81 ? 4   GLY A C     1 
ATOM   10  O O     . GLY A 1 4  ? -7.655  -6.606  6.992   1.00 10.72 ? 4   GLY A O     1 
ATOM   11  N N     . LYS A 1 5  ? -7.225  -5.296  5.242   1.00 10.18 ? 5   LYS A N     1 
ATOM   12  C CA    . LYS A 1 5  ? -5.958  -5.905  4.997   1.00 9.64  ? 5   LYS A CA    1 
ATOM   13  C C     . LYS A 1 5  ? -4.903  -5.563  6.091   1.00 10.06 ? 5   LYS A C     1 
ATOM   14  O O     . LYS A 1 5  ? -4.974  -4.534  6.783   1.00 9.71  ? 5   LYS A O     1 
ATOM   15  C CB    . LYS A 1 5  ? -5.442  -5.477  3.644   1.00 9.45  ? 5   LYS A CB    1 
ATOM   16  C CG    . LYS A 1 5  ? -6.223  -6.079  2.471   1.00 9.18  ? 5   LYS A CG    1 
ATOM   17  C CD    . LYS A 1 5  ? -5.962  -7.566  2.200   1.00 9.06  ? 5   LYS A CD    1 
ATOM   18  C CE    . LYS A 1 5  ? -4.536  -7.937  1.798   1.00 9.64  ? 5   LYS A CE    1 
ATOM   19  N NZ    . LYS A 1 5  ? -4.495  -9.361  1.340   1.00 9.72  ? 5   LYS A NZ    1 
ATOM   20  N N     . LYS A 1 6  ? -3.886  -6.403  6.139   1.00 9.47  ? 6   LYS A N     1 
ATOM   21  C CA    . LYS A 1 6  ? -2.728  -6.207  7.017   1.00 9.40  ? 6   LYS A CA    1 
ATOM   22  C C     . LYS A 1 6  ? -2.100  -4.830  6.716   1.00 9.91  ? 6   LYS A C     1 
ATOM   23  O O     . LYS A 1 6  ? -1.846  -4.514  5.574   1.00 9.75  ? 6   LYS A O     1 
ATOM   24  C CB    . LYS A 1 6  ? -1.676  -7.299  6.708   1.00 9.56  ? 6   LYS A CB    1 
ATOM   25  C CG    . LYS A 1 6  ? -0.419  -7.364  7.593   1.00 9.77  ? 6   LYS A CG    1 
ATOM   26  C CD    . LYS A 1 6  ? 0.408   -8.535  7.031   1.00 11.64 ? 6   LYS A CD    1 
ATOM   27  C CE    . LYS A 1 6  ? 1.676   -8.866  7.744   1.00 13.31 ? 6   LYS A CE    1 
ATOM   28  N NZ    . LYS A 1 6  ? 2.352   -10.044 7.021   1.00 13.68 ? 6   LYS A NZ    1 
ATOM   29  N N     . PRO A 1 7  ? -1.860  -4.025  7.744   1.00 11.23 ? 7   PRO A N     1 
ATOM   30  C CA    . PRO A 1 7  ? -1.157  -2.758  7.538   1.00 11.55 ? 7   PRO A CA    1 
ATOM   31  C C     . PRO A 1 7  ? 0.223   -2.941  6.996   1.00 13.23 ? 7   PRO A C     1 
ATOM   32  O O     . PRO A 1 7  ? 0.859   -3.993  7.235   1.00 13.40 ? 7   PRO A O     1 
ATOM   33  C CB    . PRO A 1 7  ? -1.027  -2.210  8.951   1.00 12.53 ? 7   PRO A CB    1 
ATOM   34  C CG    . PRO A 1 7  ? -2.118  -2.857  9.683   1.00 12.43 ? 7   PRO A CG    1 
ATOM   35  C CD    . PRO A 1 7  ? -2.240  -4.214  9.155   1.00 11.44 ? 7   PRO A CD    1 
ATOM   36  N N     . VAL A 1 8  ? 0.712   -1.958  6.252   1.00 12.40 ? 8   VAL A N     1 
ATOM   37  C CA    . VAL A 1 8  ? 2.057   -1.982  5.713   1.00 14.87 ? 8   VAL A CA    1 
ATOM   38  C C     . VAL A 1 8  ? 2.685   -0.585  5.727   1.00 13.04 ? 8   VAL A C     1 
ATOM   39  O O     . VAL A 1 8  ? 2.016   0.430   5.556   1.00 13.13 ? 8   VAL A O     1 
ATOM   40  C CB    . VAL A 1 8  ? 2.100   -2.528  4.304   1.00 16.50 ? 8   VAL A CB    1 
ATOM   41  C CG1   . VAL A 1 8  ? 1.278   -1.656  3.452   1.00 16.01 ? 8   VAL A CG1   1 
ATOM   42  C CG2   . VAL A 1 8  ? 3.543   -2.658  3.782   1.00 17.48 ? 8   VAL A CG2   1 
ATOM   43  N N     . LYS A 1 9  ? 3.962   -0.574  6.024   1.00 14.96 ? 9   LYS A N     1 
ATOM   44  C CA    . LYS A 1 9  ? 4.741   0.721   6.083   1.00 14.67 ? 9   LYS A CA    1 
ATOM   45  C C     . LYS A 1 9  ? 5.058   1.121   4.660   1.00 13.75 ? 9   LYS A C     1 
ATOM   46  O O     . LYS A 1 9  ? 5.767   0.403   3.923   1.00 12.79 ? 9   LYS A O     1 
ATOM   47  C CB    . LYS A 1 9  ? 6.021   0.528   6.877   1.00 18.88 ? 9   LYS A CB    1 
ATOM   48  C CG    . LYS A 1 9  ? 5.772   0.186   8.366   1.00 22.73 ? 9   LYS A CG    1 
ATOM   49  C CD    . LYS A 1 9  ? 5.102   1.327   9.146   1.00 24.53 ? 9   LYS A CD    1 
ATOM   50  C CE    . LYS A 1 9  ? 6.066   2.512   9.224   1.00 31.76 ? 9   LYS A CE    1 
ATOM   51  N NZ    . LYS A 1 9  ? 5.465   3.871   9.500   1.00 31.44 ? 9   LYS A NZ    1 
ATOM   52  N N     . VAL A 1 10 ? 4.500   2.264   4.233   1.00 13.08 ? 10  VAL A N     1 
ATOM   53  C CA    . VAL A 1 10 ? 4.740   2.790   2.903   1.00 13.32 ? 10  VAL A CA    1 
ATOM   54  C C     . VAL A 1 10 ? 5.244   4.222   3.036   1.00 13.90 ? 10  VAL A C     1 
ATOM   55  O O     . VAL A 1 10 ? 5.102   4.804   4.120   1.00 15.64 ? 10  VAL A O     1 
ATOM   56  C CB    . VAL A 1 10 ? 3.482   2.673   2.052   1.00 12.96 ? 10  VAL A CB    1 
ATOM   57  C CG1   . VAL A 1 10 ? 3.157   1.211   1.871   1.00 13.31 ? 10  VAL A CG1   1 
ATOM   58  C CG2   . VAL A 1 10 ? 2.304   3.425   2.649   1.00 12.49 ? 10  VAL A CG2   1 
ATOM   59  N N     . LYS A 1 11 ? 5.884   4.725   1.980   1.00 14.57 ? 11  LYS A N     1 
ATOM   60  C CA    . LYS A 1 11 ? 6.097   6.162   1.773   1.00 16.81 ? 11  LYS A CA    1 
ATOM   61  C C     . LYS A 1 11 ? 4.956   6.764   0.978   1.00 15.49 ? 11  LYS A C     1 
ATOM   62  O O     . LYS A 1 11 ? 4.544   6.242   -0.072  1.00 13.59 ? 11  LYS A O     1 
ATOM   63  C CB    . LYS A 1 11 ? 7.413   6.448   1.030   1.00 21.39 ? 11  LYS A CB    1 
ATOM   64  C CG    . LYS A 1 11 ? 8.677   5.945   1.717   1.00 25.67 ? 11  LYS A CG    1 
ATOM   65  C CD    . LYS A 1 11 ? 8.943   6.645   3.050   1.00 28.14 ? 11  LYS A CD    1 
ATOM   66  C CE    . LYS A 1 11 ? 9.126   8.142   2.820   1.00 31.77 ? 11  LYS A CE    1 
ATOM   67  N NZ    . LYS A 1 11 ? 10.121  8.698   3.767   1.00 36.99 ? 11  LYS A NZ    1 
ATOM   68  N N     . THR A 1 12 ? 4.406   7.849   1.504   1.00 13.29 ? 12  THR A N     1 
ATOM   69  C CA    . THR A 1 12 ? 3.314   8.546   0.835   1.00 13.30 ? 12  THR A CA    1 
ATOM   70  C C     . THR A 1 12 ? 3.861   9.436   -0.257  1.00 13.10 ? 12  THR A C     1 
ATOM   71  O O     . THR A 1 12 ? 5.064   9.771   -0.257  1.00 10.60 ? 12  THR A O     1 
ATOM   72  C CB    . THR A 1 12 ? 2.511   9.370   1.824   1.00 13.30 ? 12  THR A CB    1 
ATOM   73  O OG1   . THR A 1 12 ? 3.282   10.458  2.296   1.00 14.00 ? 12  THR A OG1   1 
ATOM   74  C CG2   . THR A 1 12 ? 2.180   8.571   2.961   1.00 14.16 ? 12  THR A CG2   1 
ATOM   75  N N     . PRO A 1 13 ? 2.989   9.858   -1.178  1.00 12.65 ? 13  PRO A N     1 
ATOM   76  C CA    . PRO A 1 13 ? 3.512   10.712  -2.228  1.00 13.84 ? 13  PRO A CA    1 
ATOM   77  C C     . PRO A 1 13 ? 4.108   12.046  -1.684  1.00 13.34 ? 13  PRO A C     1 
ATOM   78  O O     . PRO A 1 13 ? 5.014   12.598  -2.339  1.00 13.36 ? 13  PRO A O     1 
ATOM   79  C CB    . PRO A 1 13 ? 2.299   10.923  -3.133  1.00 13.27 ? 13  PRO A CB    1 
ATOM   80  C CG    . PRO A 1 13 ? 1.525   9.601   -3.007  1.00 13.40 ? 13  PRO A CG    1 
ATOM   81  C CD    . PRO A 1 13 ? 1.658   9.284   -1.535  1.00 13.89 ? 13  PRO A CD    1 
ATOM   82  N N     . ALA A 1 14 ? 3.658   12.480  -0.486  1.00 13.70 ? 14  ALA A N     1 
ATOM   83  C CA    . ALA A 1 14 ? 4.303   13.612  0.253   1.00 14.61 ? 14  ALA A CA    1 
ATOM   84  C C     . ALA A 1 14 ? 5.707   13.339  0.791   1.00 15.51 ? 14  ALA A C     1 
ATOM   85  O O     . ALA A 1 14 ? 6.461   14.278  1.184   1.00 15.29 ? 14  ALA A O     1 
ATOM   86  C CB    . ALA A 1 14 ? 3.426   14.067  1.391   1.00 15.93 ? 14  ALA A CB    1 
ATOM   87  N N     . GLY A 1 15 ? 6.076   12.090  0.892   1.00 13.64 ? 15  GLY A N     1 
ATOM   88  C CA    . GLY A 1 15 ? 7.411   11.717  1.341   1.00 15.71 ? 15  GLY A CA    1 
ATOM   89  C C     . GLY A 1 15 ? 7.554   11.326  2.804   1.00 16.28 ? 15  GLY A C     1 
ATOM   90  O O     . GLY A 1 15 ? 8.694   11.156  3.293   1.00 18.63 ? 15  GLY A O     1 
ATOM   91  N N     . LYS A 1 16 ? 6.436   11.147  3.502   1.00 16.88 ? 16  LYS A N     1 
ATOM   92  C CA    . LYS A 1 16 ? 6.460   10.688  4.891   1.00 15.00 ? 16  LYS A CA    1 
ATOM   93  C C     . LYS A 1 16 ? 6.200   9.175   4.857   1.00 17.05 ? 16  LYS A C     1 
ATOM   94  O O     . LYS A 1 16 ? 5.564   8.643   3.906   1.00 19.91 ? 16  LYS A O     1 
ATOM   95  C CB    . LYS A 1 16 ? 5.380   11.363  5.722   1.00 15.79 ? 16  LYS A CB    1 
ATOM   96  C CG    . LYS A 1 16 ? 5.452   12.856  5.749   1.00 16.35 ? 16  LYS A CG    1 
ATOM   97  C CD    . LYS A 1 16 ? 4.466   13.445  6.714   1.00 18.85 ? 16  LYS A CD    1 
ATOM   98  C CE    . LYS A 1 16 ? 4.764   14.914  6.935   1.00 21.87 ? 16  LYS A CE    1 
ATOM   99  N NZ    . LYS A 1 16 ? 4.493   15.678  5.687   1.00 21.04 ? 16  LYS A NZ    1 
ATOM   100 N N     . GLU A 1 17 ? 6.739   8.476   5.840   1.00 15.79 ? 17  GLU A N     1 
ATOM   101 C CA    . GLU A 1 17 ? 6.404   7.060   6.022   1.00 17.45 ? 17  GLU A CA    1 
ATOM   102 C C     . GLU A 1 17 ? 5.105   6.940   6.831   1.00 15.27 ? 17  GLU A C     1 
ATOM   103 O O     . GLU A 1 17 ? 4.948   7.629   7.844   1.00 15.26 ? 17  GLU A O     1 
ATOM   104 C CB    . GLU A 1 17 ? 7.565   6.357   6.731   1.00 19.21 ? 17  GLU A CB    1 
ATOM   105 C CG    . GLU A 1 17 ? 7.383   4.860   6.884   1.00 22.25 ? 17  GLU A CG    1 
ATOM   106 C CD    . GLU A 1 17 ? 8.614   4.166   7.438   1.00 26.88 ? 17  GLU A CD    1 
ATOM   107 O OE1   . GLU A 1 17 ? 9.753   4.489   7.024   1.00 29.27 ? 17  GLU A OE1   1 
ATOM   108 O OE2   . GLU A 1 17 ? 8.438   3.286   8.289   1.00 29.99 ? 17  GLU A OE2   1 
ATOM   109 N N     . ALA A 1 18 ? 4.178   6.074   6.396   1.00 14.91 ? 18  ALA A N     1 
ATOM   110 C CA    . ALA A 1 18 ? 2.922   5.836   7.091   1.00 12.91 ? 18  ALA A CA    1 
ATOM   111 C C     . ALA A 1 18 ? 2.616   4.313   7.154   1.00 12.84 ? 18  ALA A C     1 
ATOM   112 O O     . ALA A 1 18 ? 3.003   3.584   6.279   1.00 12.08 ? 18  ALA A O     1 
ATOM   113 C CB    . ALA A 1 18 ? 1.791   6.533   6.374   1.00 13.63 ? 18  ALA A CB    1 
ATOM   114 N N     . GLU A 1 19 ? 1.985   3.864   8.226   1.00 12.13 ? 19  GLU A N     1 
ATOM   115 C CA    . GLU A 1 19 ? 1.473   2.481   8.286   1.00 13.08 ? 19  GLU A CA    1 
ATOM   116 C C     . GLU A 1 19 ? 0.000   2.474   7.839   1.00 11.03 ? 19  GLU A C     1 
ATOM   117 O O     . GLU A 1 19 ? -0.882  3.004   8.530   1.00 8.85  ? 19  GLU A O     1 
ATOM   118 C CB    . GLU A 1 19 ? 1.664   1.880   9.671   1.00 16.43 ? 19  GLU A CB    1 
ATOM   119 C CG    . GLU A 1 19 ? 1.510   0.393   9.707   1.00 22.21 ? 19  GLU A CG    1 
ATOM   120 C CD    . GLU A 1 19 ? 1.756   -0.151  11.099  1.00 29.85 ? 19  GLU A CD    1 
ATOM   121 O OE1   . GLU A 1 19 ? 1.622   0.683   12.052  1.00 36.61 ? 19  GLU A OE1   1 
ATOM   122 O OE2   . GLU A 1 19 ? 2.074   -1.381  11.231  1.00 31.49 ? 19  GLU A OE2   1 
ATOM   123 N N     . LEU A 1 20 ? -0.255  1.932   6.637   1.00 9.88  ? 20  LEU A N     1 
ATOM   124 C CA    . LEU A 1 20 ? -1.548  2.108   5.951   1.00 9.42  ? 20  LEU A CA    1 
ATOM   125 C C     . LEU A 1 20 ? -2.070  0.771   5.559   1.00 9.63  ? 20  LEU A C     1 
ATOM   126 O O     . LEU A 1 20 ? -1.331  -0.170  5.330   1.00 9.41  ? 20  LEU A O     1 
ATOM   127 C CB    . LEU A 1 20 ? -1.503  2.990   4.679   1.00 9.26  ? 20  LEU A CB    1 
ATOM   128 C CG    . LEU A 1 20 ? -0.906  4.442   4.840   1.00 9.27  ? 20  LEU A CG    1 
ATOM   129 C CD1   . LEU A 1 20 ? -0.937  5.131   3.476   1.00 9.37  ? 20  LEU A CD1   1 
ATOM   130 C CD2   . LEU A 1 20 ? -1.746  5.169   5.882   1.00 9.02  ? 20  LEU A CD2   1 
ATOM   131 N N     . VAL A 1 21 ? -3.369  0.750   5.394   1.00 10.16 ? 21  VAL A N     1 
ATOM   132 C CA    . VAL A 1 21 ? -4.083  -0.504  5.019   1.00 9.44  ? 21  VAL A CA    1 
ATOM   133 C C     . VAL A 1 21 ? -4.420  -0.397  3.551   1.00 8.93  ? 21  VAL A C     1 
ATOM   134 O O     . VAL A 1 21 ? -5.267  0.456   3.176   1.00 8.88  ? 21  VAL A O     1 
ATOM   135 C CB    . VAL A 1 21 ? -5.382  -0.633  5.839   1.00 9.90  ? 21  VAL A CB    1 
ATOM   136 C CG1   . VAL A 1 21 ? -6.290  -1.764  5.274   1.00 10.42 ? 21  VAL A CG1   1 
ATOM   137 C CG2   . VAL A 1 21 ? -5.082  -0.922  7.306   1.00 11.12 ? 21  VAL A CG2   1 
ATOM   138 N N     . PRO A 1 22 ? -3.798  -1.260  2.681   1.00 8.57  ? 22  PRO A N     1 
ATOM   139 C CA    . PRO A 1 22 ? -4.233  -1.173  1.290   1.00 8.65  ? 22  PRO A CA    1 
ATOM   140 C C     . PRO A 1 22 ? -5.691  -1.550  1.048   1.00 9.54  ? 22  PRO A C     1 
ATOM   141 O O     . PRO A 1 22 ? -6.225  -2.424  1.701   1.00 8.81  ? 22  PRO A O     1 
ATOM   142 C CB    . PRO A 1 22 ? -3.316  -2.118  0.564   1.00 8.09  ? 22  PRO A CB    1 
ATOM   143 C CG    . PRO A 1 22 ? -3.090  -3.217  1.572   1.00 7.83  ? 22  PRO A CG    1 
ATOM   144 C CD    . PRO A 1 22 ? -2.998  -2.479  2.921   1.00 7.99  ? 22  PRO A CD    1 
ATOM   145 N N     . GLU A 1 23 ? -6.311  -0.914  0.053   1.00 10.87 ? 23  GLU A N     1 
ATOM   146 C CA    . GLU A 1 23 ? -7.658  -1.250  -0.313  1.00 10.91 ? 23  GLU A CA    1 
ATOM   147 C C     . GLU A 1 23 ? -7.760  -2.531  -1.134  1.00 9.17  ? 23  GLU A C     1 
ATOM   148 O O     . GLU A 1 23 ? -8.807  -3.218  -1.089  1.00 8.34  ? 23  GLU A O     1 
ATOM   149 C CB    . GLU A 1 23 ? -8.369  -0.077  -1.049  1.00 12.62 ? 23  GLU A CB    1 
ATOM   150 C CG    . GLU A 1 23 ? -8.562  1.119   -0.124  1.00 13.99 ? 23  GLU A CG    1 
ATOM   151 C CD    . GLU A 1 23 ? -9.421  2.223   -0.753  1.00 16.61 ? 23  GLU A CD    1 
ATOM   152 O OE1   . GLU A 1 23 ? -9.880  2.070   -1.921  1.00 17.93 ? 23  GLU A OE1   1 
ATOM   153 O OE2   . GLU A 1 23 ? -9.584  3.229   -0.048  1.00 17.42 ? 23  GLU A OE2   1 
ATOM   154 N N     . LYS A 1 24 ? -6.704  -2.821  -1.895  1.00 9.02  ? 24  LYS A N     1 
ATOM   155 C CA    . LYS A 1 24 ? -6.659  -3.865  -2.931  1.00 7.73  ? 24  LYS A CA    1 
ATOM   156 C C     . LYS A 1 24 ? -5.171  -4.165  -3.136  1.00 7.40  ? 24  LYS A C     1 
ATOM   157 O O     . LYS A 1 24 ? -4.357  -3.245  -3.122  1.00 7.06  ? 24  LYS A O     1 
ATOM   158 C CB    . LYS A 1 24 ? -7.324  -3.325  -4.238  1.00 7.70  ? 24  LYS A CB    1 
ATOM   159 C CG    . LYS A 1 24 ? -7.122  -4.170  -5.483  1.00 7.66  ? 24  LYS A CG    1 
ATOM   160 C CD    . LYS A 1 24 ? -8.010  -5.405  -5.419  1.00 8.03  ? 24  LYS A CD    1 
ATOM   161 C CE    . LYS A 1 24 ? -7.807  -6.317  -6.627  1.00 8.35  ? 24  LYS A CE    1 
ATOM   162 N NZ    . LYS A 1 24 ? -8.739  -7.488  -6.528  1.00 8.55  ? 24  LYS A NZ    1 
ATOM   163 N N     . VAL A 1 25 ? -4.822  -5.429  -3.318  1.00 6.64  ? 25  VAL A N     1 
ATOM   164 C CA    . VAL A 1 25 ? -3.419  -5.832  -3.510  1.00 6.82  ? 25  VAL A CA    1 
ATOM   165 C C     . VAL A 1 25 ? -3.436  -6.889  -4.626  1.00 7.17  ? 25  VAL A C     1 
ATOM   166 O O     . VAL A 1 25 ? -4.485  -7.655  -4.802  1.00 6.78  ? 25  VAL A O     1 
ATOM   167 C CB    . VAL A 1 25 ? -2.774  -6.365  -2.202  1.00 6.62  ? 25  VAL A CB    1 
ATOM   168 C CG1   . VAL A 1 25 ? -2.824  -5.332  -1.110  1.00 6.71  ? 25  VAL A CG1   1 
ATOM   169 C CG2   . VAL A 1 25 ? -3.432  -7.650  -1.752  1.00 6.65  ? 25  VAL A CG2   1 
ATOM   170 N N     . TRP A 1 26 ? -2.339  -6.975  -5.351  1.00 7.15  ? 26  TRP A N     1 
ATOM   171 C CA    . TRP A 1 26 ? -2.213  -7.921  -6.427  1.00 8.01  ? 26  TRP A CA    1 
ATOM   172 C C     . TRP A 1 26 ? -0.772  -8.172  -6.786  1.00 8.30  ? 26  TRP A C     1 
ATOM   173 O O     . TRP A 1 26 ? 0.131   -7.357  -6.388  1.00 9.10  ? 26  TRP A O     1 
ATOM   174 C CB    . TRP A 1 26 ? -3.039  -7.438  -7.655  1.00 7.83  ? 26  TRP A CB    1 
ATOM   175 C CG    . TRP A 1 26 ? -2.618  -6.208  -8.321  1.00 7.42  ? 26  TRP A CG    1 
ATOM   176 C CD1   . TRP A 1 26 ? -1.859  -6.107  -9.433  1.00 7.89  ? 26  TRP A CD1   1 
ATOM   177 C CD2   . TRP A 1 26 ? -2.889  -4.865  -7.905  1.00 7.17  ? 26  TRP A CD2   1 
ATOM   178 N NE1   . TRP A 1 26 ? -1.647  -4.806  -9.739  1.00 7.76  ? 26  TRP A NE1   1 
ATOM   179 C CE2   . TRP A 1 26 ? -2.323  -4.016  -8.865  1.00 7.45  ? 26  TRP A CE2   1 
ATOM   180 C CE3   . TRP A 1 26 ? -3.653  -4.294  -6.872  1.00 6.97  ? 26  TRP A CE3   1 
ATOM   181 C CZ2   . TRP A 1 26 ? -2.409  -2.630  -8.780  1.00 7.40  ? 26  TRP A CZ2   1 
ATOM   182 C CZ3   . TRP A 1 26 ? -3.776  -2.878  -6.804  1.00 7.43  ? 26  TRP A CZ3   1 
ATOM   183 C CH2   . TRP A 1 26 ? -3.173  -2.083  -7.768  1.00 7.24  ? 26  TRP A CH2   1 
ATOM   184 N N     . ALA A 1 27 ? -0.553  -9.284  -7.528  1.00 9.41  ? 27  ALA A N     1 
ATOM   185 C CA    . ALA A 1 27 ? 0.745   -9.614  -8.090  1.00 9.43  ? 27  ALA A CA    1 
ATOM   186 C C     . ALA A 1 27 ? 0.872   -8.970  -9.465  1.00 9.50  ? 27  ALA A C     1 
ATOM   187 O O     . ALA A 1 27 ? 0.153   -9.295  -10.401 1.00 7.98  ? 27  ALA A O     1 
ATOM   188 C CB    . ALA A 1 27 ? 1.057   -11.133 -8.121  1.00 9.69  ? 27  ALA A CB    1 
ATOM   189 N N     . LEU A 1 28 ? 1.827   -8.020  -9.551  1.00 10.61 ? 28  LEU A N     1 
ATOM   190 C CA    . LEU A 1 28 ? 2.235   -7.400  -10.813 1.00 11.41 ? 28  LEU A CA    1 
ATOM   191 C C     . LEU A 1 28 ? 3.447   -8.108  -11.369 1.00 11.86 ? 28  LEU A C     1 
ATOM   192 O O     . LEU A 1 28 ? 4.647   -7.846  -11.048 1.00 10.62 ? 28  LEU A O     1 
ATOM   193 C CB    . LEU A 1 28 ? 2.421   -5.875  -10.722 1.00 11.37 ? 28  LEU A CB    1 
ATOM   194 C CG    . LEU A 1 28 ? 3.035   -5.220  -11.950 1.00 11.32 ? 28  LEU A CG    1 
ATOM   195 C CD1   . LEU A 1 28 ? 2.029   -5.387  -13.069 1.00 11.85 ? 28  LEU A CD1   1 
ATOM   196 C CD2   . LEU A 1 28 ? 3.381   -3.740  -11.651 1.00 10.80 ? 28  LEU A CD2   1 
ATOM   197 N N     . GLY A 1 29 ? 3.125   -9.120  -12.169 1.00 13.10 ? 29  GLY A N     1 
ATOM   198 C CA    . GLY A 1 29 ? 4.086   -10.163 -12.307 1.00 15.10 ? 29  GLY A CA    1 
ATOM   199 C C     . GLY A 1 29 ? 4.596   -10.632 -10.965 1.00 16.61 ? 29  GLY A C     1 
ATOM   200 O O     . GLY A 1 29 ? 3.830   -11.120 -10.124 1.00 17.69 ? 29  GLY A O     1 
ATOM   201 N N     . ARG A 1 30 ? 5.887   -10.563 -10.780 1.00 16.25 ? 30  ARG A N     1 
ATOM   202 C CA    . ARG A 1 30 ? 6.441   -11.069 -9.520  1.00 19.99 ? 30  ARG A CA    1 
ATOM   203 C C     . ARG A 1 30 ? 6.252   -10.078 -8.367  1.00 18.71 ? 30  ARG A C     1 
ATOM   204 O O     . ARG A 1 30 ? 6.251   -10.497 -7.219  1.00 21.01 ? 30  ARG A O     1 
ATOM   205 C CB    . ARG A 1 30 ? 7.904   -11.316 -9.670  1.00 21.79 ? 30  ARG A CB    1 
ATOM   206 C CG    . ARG A 1 30 ? 8.197   -12.564 -10.492 1.00 26.36 ? 30  ARG A CG    1 
ATOM   207 C CD    . ARG A 1 30 ? 9.687   -12.598 -10.817 1.00 30.32 ? 30  ARG A CD    1 
ATOM   208 N NE    . ARG A 1 30 ? 10.023  -11.582 -11.825 1.00 34.67 ? 30  ARG A NE    1 
ATOM   209 C CZ    . ARG A 1 30 ? 9.694   -11.654 -13.130 1.00 38.26 ? 30  ARG A CZ    1 
ATOM   210 N NH1   . ARG A 1 30 ? 8.997   -12.705 -13.614 1.00 39.53 ? 30  ARG A NH1   1 
ATOM   211 N NH2   . ARG A 1 30 ? 10.046  -10.658 -13.966 1.00 30.78 ? 30  ARG A NH2   1 
ATOM   212 N N     . VAL A 1 31 ? 6.126   -8.782  -8.707  1.00 13.61 ? 31  VAL A N     1 
ATOM   213 C CA    . VAL A 1 31 ? 6.141   -7.694  -7.712  1.00 11.36 ? 31  VAL A CA    1 
ATOM   214 C C     . VAL A 1 31 ? 4.765   -7.489  -7.149  1.00 9.38  ? 31  VAL A C     1 
ATOM   215 O O     . VAL A 1 31 ? 3.822   -7.346  -7.885  1.00 7.62  ? 31  VAL A O     1 
ATOM   216 C CB    . VAL A 1 31 ? 6.644   -6.379  -8.336  1.00 11.84 ? 31  VAL A CB    1 
ATOM   217 C CG1   . VAL A 1 31 ? 6.705   -5.286  -7.284  1.00 11.13 ? 31  VAL A CG1   1 
ATOM   218 C CG2   . VAL A 1 31 ? 8.008   -6.621  -8.961  1.00 12.49 ? 31  VAL A CG2   1 
ATOM   219 N N     . LYS A 1 32 ? 4.653   -7.489  -5.807  1.00 8.80  ? 32  LYS A N     1 
ATOM   220 C CA    . LYS A 1 32 ? 3.360   -7.287  -5.152  1.00 8.88  ? 32  LYS A CA    1 
ATOM   221 C C     . LYS A 1 32 ? 3.125   -5.774  -4.994  1.00 8.02  ? 32  LYS A C     1 
ATOM   222 O O     . LYS A 1 32 ? 3.968   -5.039  -4.454  1.00 8.05  ? 32  LYS A O     1 
ATOM   223 C CB    . LYS A 1 32 ? 3.359   -7.958  -3.789  1.00 8.88  ? 32  LYS A CB    1 
ATOM   224 C CG    . LYS A 1 32 ? 3.561   -9.481  -3.851  1.00 10.01 ? 32  LYS A CG    1 
ATOM   225 C CD    . LYS A 1 32 ? 3.420   -10.164 -2.508  1.00 10.03 ? 32  LYS A CD    1 
ATOM   226 C CE    . LYS A 1 32 ? 3.312   -11.640 -2.740  1.00 11.43 ? 32  LYS A CE    1 
ATOM   227 N NZ    . LYS A 1 32 ? 3.298   -12.469 -1.521  1.00 11.93 ? 32  LYS A NZ    1 
ATOM   228 N N     . ILE A 1 33 ? 1.930   -5.345  -5.399  1.00 8.34  ? 33  ILE A N     1 
ATOM   229 C CA    . ILE A 1 33 ? 1.521   -3.938  -5.441  1.00 7.84  ? 33  ILE A CA    1 
ATOM   230 C C     . ILE A 1 33 ? 0.236   -3.780  -4.665  1.00 7.61  ? 33  ILE A C     1 
ATOM   231 O O     . ILE A 1 33 ? -0.682  -4.632  -4.737  1.00 7.39  ? 33  ILE A O     1 
ATOM   232 C CB    . ILE A 1 33 ? 1.319   -3.435  -6.895  1.00 8.53  ? 33  ILE A CB    1 
ATOM   233 C CG1   . ILE A 1 33 ? 2.631   -3.541  -7.681  1.00 8.44  ? 33  ILE A CG1   1 
ATOM   234 C CG2   . ILE A 1 33 ? 0.701   -2.036  -6.916  1.00 8.11  ? 33  ILE A CG2   1 
ATOM   235 C CD1   . ILE A 1 33 ? 3.648   -2.535  -7.217  1.00 8.69  ? 33  ILE A CD1   1 
ATOM   236 N N     . GLY A 1 34 ? 0.182   -2.696  -3.893  1.00 7.02  ? 34  GLY A N     1 
ATOM   237 C CA    . GLY A 1 34 ? -1.058  -2.296  -3.194  1.00 6.51  ? 34  GLY A CA    1 
ATOM   238 C C     . GLY A 1 34 ? -1.582  -0.946  -3.613  1.00 6.34  ? 34  GLY A C     1 
ATOM   239 O O     . GLY A 1 34 ? -0.821  -0.101  -4.054  1.00 6.15  ? 34  GLY A O     1 
ATOM   240 N N     . LEU A 1 35 ? -2.889  -0.800  -3.573  1.00 6.38  ? 35  LEU A N     1 
ATOM   241 C CA    . LEU A 1 35 ? -3.544  0.493   -3.812  1.00 7.43  ? 35  LEU A CA    1 
ATOM   242 C C     . LEU A 1 35 ? -3.921  1.083   -2.440  1.00 7.67  ? 35  LEU A C     1 
ATOM   243 O O     . LEU A 1 35 ? -4.607  0.434   -1.656  1.00 7.61  ? 35  LEU A O     1 
ATOM   244 C CB    . LEU A 1 35 ? -4.786  0.297   -4.693  1.00 7.57  ? 35  LEU A CB    1 
ATOM   245 C CG    . LEU A 1 35 ? -5.627  1.584   -4.867  1.00 8.01  ? 35  LEU A CG    1 
ATOM   246 C CD1   . LEU A 1 35 ? -4.868  2.684   -5.633  1.00 8.08  ? 35  LEU A CD1   1 
ATOM   247 C CD2   . LEU A 1 35 ? -6.881  1.235   -5.613  1.00 9.07  ? 35  LEU A CD2   1 
ATOM   248 N N     . PHE A 1 36 ? -3.389  2.258   -2.169  1.00 7.92  ? 36  PHE A N     1 
ATOM   249 C CA    . PHE A 1 36 ? -3.503  2.945   -0.902  1.00 8.96  ? 36  PHE A CA    1 
ATOM   250 C C     . PHE A 1 36 ? -4.119  4.323   -1.108  1.00 9.74  ? 36  PHE A C     1 
ATOM   251 O O     . PHE A 1 36 ? -4.072  4.892   -2.199  1.00 11.45 ? 36  PHE A O     1 
ATOM   252 C CB    . PHE A 1 36 ? -2.145  3.193   -0.257  1.00 8.62  ? 36  PHE A CB    1 
ATOM   253 C CG    . PHE A 1 36 ? -1.387  1.949   0.078   1.00 8.67  ? 36  PHE A CG    1 
ATOM   254 C CD1   . PHE A 1 36 ? -0.588  1.340   -0.883  1.00 9.11  ? 36  PHE A CD1   1 
ATOM   255 C CD2   . PHE A 1 36 ? -1.437  1.412   1.342   1.00 9.12  ? 36  PHE A CD2   1 
ATOM   256 C CE1   . PHE A 1 36 ? 0.148   0.228   -0.599  1.00 8.99  ? 36  PHE A CE1   1 
ATOM   257 C CE2   . PHE A 1 36 ? -0.709  0.259   1.637   1.00 9.13  ? 36  PHE A CE2   1 
ATOM   258 C CZ    . PHE A 1 36 ? 0.073   -0.321  0.656   1.00 8.82  ? 36  PHE A CZ    1 
ATOM   259 N N     . LYS A 1 37 ? -4.755  4.803   -0.044  1.00 11.32 ? 37  LYS A N     1 
ATOM   260 C CA    . LYS A 1 37 ? -5.239  6.156   0.048   1.00 11.49 ? 37  LYS A CA    1 
ATOM   261 C C     . LYS A 1 37 ? -4.496  6.890   1.189   1.00 11.56 ? 37  LYS A C     1 
ATOM   262 O O     . LYS A 1 37 ? -4.487  6.432   2.348   1.00 9.86  ? 37  LYS A O     1 
ATOM   263 C CB    . LYS A 1 37 ? -6.758  6.126   0.257   1.00 13.98 ? 37  LYS A CB    1 
ATOM   264 C CG    . LYS A 1 37 ? -7.362  7.531   0.371   1.00 17.71 ? 37  LYS A CG    1 
ATOM   265 C CD    . LYS A 1 37 ? -8.865  7.586   0.153   1.00 20.52 ? 37  LYS A CD    1 
ATOM   266 C CE    . LYS A 1 37 ? -9.592  7.419   1.468   1.00 25.75 ? 37  LYS A CE    1 
ATOM   267 N NZ    . LYS A 1 37 ? -11.079 7.448   1.259   1.00 31.60 ? 37  LYS A NZ    1 
ATOM   268 N N     . ASP A 1 38 ? -3.873  8.021   0.880   1.00 10.26 ? 38  ASP A N     1 
ATOM   269 C CA    . ASP A 1 38 ? -3.201  8.830   1.908   1.00 11.74 ? 38  ASP A CA    1 
ATOM   270 C C     . ASP A 1 38 ? -4.343  9.449   2.720   1.00 11.11 ? 38  ASP A C     1 
ATOM   271 O O     . ASP A 1 38 ? -5.149  10.206  2.168   1.00 10.50 ? 38  ASP A O     1 
ATOM   272 C CB    . ASP A 1 38 ? -2.351  9.896   1.240   1.00 13.64 ? 38  ASP A CB    1 
ATOM   273 C CG    . ASP A 1 38 ? -1.624  10.823  2.235   1.00 16.94 ? 38  ASP A CG    1 
ATOM   274 O OD1   . ASP A 1 38 ? -2.292  11.499  3.028   1.00 21.72 ? 38  ASP A OD1   1 
ATOM   275 O OD2   . ASP A 1 38 ? -0.371  10.943  2.169   1.00 19.05 ? 38  ASP A OD2   1 
ATOM   276 N N     . PRO A 1 39 ? -4.407  9.133   4.038   1.00 11.30 ? 39  PRO A N     1 
ATOM   277 C CA    . PRO A 1 39 ? -5.505  9.602   4.854   1.00 11.55 ? 39  PRO A CA    1 
ATOM   278 C C     . PRO A 1 39 ? -5.561  11.118  4.939   1.00 12.70 ? 39  PRO A C     1 
ATOM   279 O O     . PRO A 1 39 ? -6.648  11.676  4.895   1.00 14.25 ? 39  PRO A O     1 
ATOM   280 C CB    . PRO A 1 39 ? -5.251  8.957   6.230   1.00 12.81 ? 39  PRO A CB    1 
ATOM   281 C CG    . PRO A 1 39 ? -4.273  7.829   5.952   1.00 11.91 ? 39  PRO A CG    1 
ATOM   282 C CD    . PRO A 1 39 ? -3.430  8.370   4.845   1.00 11.90 ? 39  PRO A CD    1 
ATOM   283 N N     . GLU A 1 40 ? -4.417  11.757  5.005   1.00 14.11 ? 40  GLU A N     1 
ATOM   284 C CA    . GLU A 1 40 ? -4.369  13.234  5.153   1.00 15.50 ? 40  GLU A CA    1 
ATOM   285 C C     . GLU A 1 40 ? -4.908  13.945  3.907   1.00 13.49 ? 40  GLU A C     1 
ATOM   286 O O     . GLU A 1 40 ? -5.692  14.875  3.999   1.00 13.40 ? 40  GLU A O     1 
ATOM   287 C CB    . GLU A 1 40 ? -2.942  13.703  5.456   1.00 18.28 ? 40  GLU A CB    1 
ATOM   288 C CG    . GLU A 1 40 ? -2.866  15.200  5.798   1.00 23.46 ? 40  GLU A CG    1 
ATOM   289 C CD    . GLU A 1 40 ? -1.456  15.810  5.761   1.00 28.24 ? 40  GLU A CD    1 
ATOM   290 O OE1   . GLU A 1 40 ? -0.465  15.012  5.816   1.00 32.99 ? 40  GLU A OE1   1 
ATOM   291 O OE2   . GLU A 1 40 ? -1.337  17.099  5.705   1.00 30.87 ? 40  GLU A OE2   1 
ATOM   292 N N     . THR A 1 41 ? -4.463  13.499  2.732   1.00 13.75 ? 41  THR A N     1 
ATOM   293 C CA    . THR A 1 41 ? -4.727  14.192  1.459   1.00 12.22 ? 41  THR A CA    1 
ATOM   294 C C     . THR A 1 41 ? -5.909  13.630  0.728   1.00 11.80 ? 41  THR A C     1 
ATOM   295 O O     . THR A 1 41 ? -6.458  14.266  -0.174  1.00 11.15 ? 41  THR A O     1 
ATOM   296 C CB    . THR A 1 41 ? -3.504  14.107  0.506   1.00 12.17 ? 41  THR A CB    1 
ATOM   297 O OG1   . THR A 1 41 ? -3.279  12.766  0.043   1.00 11.30 ? 41  THR A OG1   1 
ATOM   298 C CG2   . THR A 1 41 ? -2.301  14.583  1.132   1.00 13.04 ? 41  THR A CG2   1 
ATOM   299 N N     . GLY A 1 42 ? -6.266  12.394  1.040   1.00 10.90 ? 42  GLY A N     1 
ATOM   300 C CA    . GLY A 1 42 ? -7.336  11.713  0.341   1.00 11.13 ? 42  GLY A CA    1 
ATOM   301 C C     . GLY A 1 42 ? -6.990  11.097  -1.000  1.00 12.45 ? 42  GLY A C     1 
ATOM   302 O O     . GLY A 1 42 ? -7.885  10.498  -1.670  1.00 13.35 ? 42  GLY A O     1 
ATOM   303 N N     . LYS A 1 43 ? -5.733  11.200  -1.400  1.00 12.34 ? 43  LYS A N     1 
ATOM   304 C CA    . LYS A 1 43 ? -5.347  10.825  -2.760  1.00 13.85 ? 43  LYS A CA    1 
ATOM   305 C C     . LYS A 1 43 ? -4.826  9.406   -2.784  1.00 11.44 ? 43  LYS A C     1 
ATOM   306 O O     . LYS A 1 43 ? -4.235  8.959   -1.831  1.00 10.35 ? 43  LYS A O     1 
ATOM   307 C CB    . LYS A 1 43 ? -4.356  11.791  -3.311  1.00 15.47 ? 43  LYS A CB    1 
ATOM   308 C CG    . LYS A 1 43 ? -4.955  13.186  -3.420  1.00 17.19 ? 43  LYS A CG    1 
ATOM   309 C CD    . LYS A 1 43 ? -3.913  14.222  -3.830  1.00 20.85 ? 43  LYS A CD    1 
ATOM   310 C CE    . LYS A 1 43 ? -4.484  15.363  -4.721  1.00 22.05 ? 43  LYS A CE    1 
ATOM   311 N NZ    . LYS A 1 43 ? -3.559  16.564  -4.909  1.00 20.34 ? 43  LYS A NZ    1 
ATOM   312 N N     . TYR A 1 44 ? -5.204  8.707   -3.854  1.00 10.26 ? 44  TYR A N     1 
ATOM   313 C CA    . TYR A 1 44 ? -4.763  7.325   -4.118  1.00 10.58 ? 44  TYR A CA    1 
ATOM   314 C C     . TYR A 1 44 ? -3.367  7.246   -4.703  1.00 9.28  ? 44  TYR A C     1 
ATOM   315 O O     . TYR A 1 44 ? -2.918  8.110   -5.485  1.00 8.14  ? 44  TYR A O     1 
ATOM   316 C CB    . TYR A 1 44 ? -5.775  6.665   -5.036  1.00 11.51 ? 44  TYR A CB    1 
ATOM   317 C CG    . TYR A 1 44 ? -7.053  6.351   -4.358  1.00 12.54 ? 44  TYR A CG    1 
ATOM   318 C CD1   . TYR A 1 44 ? -7.196  5.130   -3.746  1.00 15.26 ? 44  TYR A CD1   1 
ATOM   319 C CD2   . TYR A 1 44 ? -8.113  7.267   -4.292  1.00 15.09 ? 44  TYR A CD2   1 
ATOM   320 C CE1   . TYR A 1 44 ? -8.370  4.788   -3.117  1.00 18.09 ? 44  TYR A CE1   1 
ATOM   321 C CE2   . TYR A 1 44 ? -9.325  6.940   -3.632  1.00 15.94 ? 44  TYR A CE2   1 
ATOM   322 C CZ    . TYR A 1 44 ? -9.418  5.690   -3.046  1.00 17.58 ? 44  TYR A CZ    1 
ATOM   323 O OH    . TYR A 1 44 ? -10.521 5.208   -2.338  1.00 22.46 ? 44  TYR A OH    1 
ATOM   324 N N     . PHE A 1 45 ? -2.667  6.191   -4.321  1.00 8.44  ? 45  PHE A N     1 
ATOM   325 C CA    . PHE A 1 45 ? -1.367  5.872   -4.837  1.00 8.36  ? 45  PHE A CA    1 
ATOM   326 C C     . PHE A 1 45 ? -1.119  4.415   -4.741  1.00 7.42  ? 45  PHE A C     1 
ATOM   327 O O     . PHE A 1 45 ? -1.661  3.726   -3.875  1.00 7.72  ? 45  PHE A O     1 
ATOM   328 C CB    . PHE A 1 45 ? -0.216  6.598   -4.149  1.00 8.81  ? 45  PHE A CB    1 
ATOM   329 C CG    . PHE A 1 45 ? -0.026  6.278   -2.687  1.00 8.87  ? 45  PHE A CG    1 
ATOM   330 C CD1   . PHE A 1 45 ? -0.855  6.828   -1.737  1.00 8.84  ? 45  PHE A CD1   1 
ATOM   331 C CD2   . PHE A 1 45 ? 1.040   5.536   -2.271  1.00 8.48  ? 45  PHE A CD2   1 
ATOM   332 C CE1   . PHE A 1 45 ? -0.619  6.622   -0.399  1.00 9.78  ? 45  PHE A CE1   1 
ATOM   333 C CE2   . PHE A 1 45 ? 1.267   5.290   -0.904  1.00 8.70  ? 45  PHE A CE2   1 
ATOM   334 C CZ    . PHE A 1 45 ? 0.412   5.817   0.037   1.00 9.03  ? 45  PHE A CZ    1 
ATOM   335 N N     . ARG A 1 46 ? -0.246  3.954   -5.603  1.00 7.38  ? 46  ARG A N     1 
ATOM   336 C CA    . ARG A 1 46 ? 0.213   2.535   -5.551  1.00 7.40  ? 46  ARG A CA    1 
ATOM   337 C C     . ARG A 1 46 ? 1.613   2.486   -4.976  1.00 7.52  ? 46  ARG A C     1 
ATOM   338 O O     . ARG A 1 46 ? 2.349   3.493   -4.960  1.00 6.28  ? 46  ARG A O     1 
ATOM   339 C CB    . ARG A 1 46 ? 0.148   1.854   -6.909  1.00 7.89  ? 46  ARG A CB    1 
ATOM   340 C CG    . ARG A 1 46 ? -1.244  1.670   -7.407  1.00 8.51  ? 46  ARG A CG    1 
ATOM   341 C CD    . ARG A 1 46 ? -1.266  1.447   -8.943  1.00 8.57  ? 46  ARG A CD    1 
ATOM   342 N NE    . ARG A 1 46 ? -2.612  1.107   -9.343  1.00 8.61  ? 46  ARG A NE    1 
ATOM   343 C CZ    . ARG A 1 46 ? -3.682  1.927   -9.377  1.00 8.79  ? 46  ARG A CZ    1 
ATOM   344 N NH1   . ARG A 1 46 ? -4.861  1.416   -9.719  1.00 9.95  ? 46  ARG A NH1   1 
ATOM   345 N NH2   . ARG A 1 46 ? -3.595  3.240   -9.151  1.00 9.24  ? 46  ARG A NH2   1 
ATOM   346 N N     . HIS A 1 47 ? 1.932   1.335   -4.382  1.00 7.73  ? 47  HIS A N     1 
ATOM   347 C CA    . HIS A 1 47 ? 3.216   1.161   -3.706  1.00 8.07  ? 47  HIS A CA    1 
ATOM   348 C C     . HIS A 1 47 ? 3.505   -0.347  -3.615  1.00 8.25  ? 47  HIS A C     1 
ATOM   349 O O     . HIS A 1 47 ? 2.592   -1.162  -3.436  1.00 7.58  ? 47  HIS A O     1 
ATOM   350 C CB    . HIS A 1 47 ? 3.123   1.796   -2.311  1.00 8.49  ? 47  HIS A CB    1 
ATOM   351 C CG    . HIS A 1 47 ? 4.444   2.032   -1.648  1.00 9.56  ? 47  HIS A CG    1 
ATOM   352 N ND1   . HIS A 1 47 ? 5.216   1.007   -1.160  1.00 9.95  ? 47  HIS A ND1   1 
ATOM   353 C CD2   . HIS A 1 47 ? 5.088   3.170   -1.321  1.00 11.01 ? 47  HIS A CD2   1 
ATOM   354 C CE1   . HIS A 1 47 ? 6.303   1.492   -0.590  1.00 10.99 ? 47  HIS A CE1   1 
ATOM   355 N NE2   . HIS A 1 47 ? 6.235   2.806   -0.646  1.00 11.54 ? 47  HIS A NE2   1 
ATOM   356 N N     . LYS A 1 48 ? 4.787   -0.682  -3.768  1.00 8.53  ? 48  LYS A N     1 
ATOM   357 C CA    . LYS A 1 48 ? 5.303   -2.032  -3.608  1.00 9.31  ? 48  LYS A CA    1 
ATOM   358 C C     . LYS A 1 48 ? 4.991   -2.556  -2.198  1.00 8.70  ? 48  LYS A C     1 
ATOM   359 O O     . LYS A 1 48 ? 5.014   -1.797  -1.199  1.00 7.86  ? 48  LYS A O     1 
ATOM   360 C CB    . LYS A 1 48 ? 6.823   -2.079  -3.801  1.00 10.57 ? 48  LYS A CB    1 
ATOM   361 C CG    . LYS A 1 48 ? 7.356   -3.497  -3.707  1.00 12.24 ? 48  LYS A CG    1 
ATOM   362 C CD    . LYS A 1 48 ? 8.844   -3.547  -3.952  1.00 14.98 ? 48  LYS A CD    1 
ATOM   363 C CE    . LYS A 1 48 ? 9.538   -4.827  -3.546  1.00 18.01 ? 48  LYS A CE    1 
ATOM   364 N NZ    . LYS A 1 48 ? 9.001   -5.897  -4.351  1.00 22.37 ? 48  LYS A NZ    1 
ATOM   365 N N     . LEU A 1 49 ? 4.654   -3.825  -2.158  1.00 8.26  ? 49  LEU A N     1 
ATOM   366 C CA    . LEU A 1 49 ? 4.445   -4.549  -0.901  1.00 8.47  ? 49  LEU A CA    1 
ATOM   367 C C     . LEU A 1 49 ? 5.580   -5.493  -0.624  1.00 9.05  ? 49  LEU A C     1 
ATOM   368 O O     . LEU A 1 49 ? 6.299   -5.919  -1.533  1.00 7.79  ? 49  LEU A O     1 
ATOM   369 C CB    . LEU A 1 49 ? 3.157   -5.368  -0.895  1.00 8.44  ? 49  LEU A CB    1 
ATOM   370 C CG    . LEU A 1 49 ? 1.913   -4.655  -1.446  1.00 8.03  ? 49  LEU A CG    1 
ATOM   371 C CD1   . LEU A 1 49 ? 0.722   -5.583  -1.589  1.00 7.87  ? 49  LEU A CD1   1 
ATOM   372 C CD2   . LEU A 1 49 ? 1.638   -3.526  -0.505  1.00 8.19  ? 49  LEU A CD2   1 
ATOM   373 N N     . PRO A 1 50 ? 5.702   -5.907  0.645   1.00 9.75  ? 50  PRO A N     1 
ATOM   374 C CA    . PRO A 1 50 ? 6.731   -6.902  0.966   1.00 10.48 ? 50  PRO A CA    1 
ATOM   375 C C     . PRO A 1 50 ? 6.540   -8.160  0.176   1.00 10.42 ? 50  PRO A C     1 
ATOM   376 O O     . PRO A 1 50 ? 5.454   -8.522  -0.132  1.00 10.92 ? 50  PRO A O     1 
ATOM   377 C CB    . PRO A 1 50 ? 6.474   -7.173  2.463   1.00 10.39 ? 50  PRO A CB    1 
ATOM   378 C CG    . PRO A 1 50 ? 6.018   -5.859  2.956   1.00 10.11 ? 50  PRO A CG    1 
ATOM   379 C CD    . PRO A 1 50 ? 5.070   -5.414  1.873   1.00 9.63  ? 50  PRO A CD    1 
ATOM   380 N N     . ASP A 1 51 ? 7.634   -8.848  -0.130  1.00 10.44 ? 51  ASP A N     1 
ATOM   381 C CA    . ASP A 1 51 ? 7.522   -10.011 -0.977  1.00 11.40 ? 51  ASP A CA    1 
ATOM   382 C C     . ASP A 1 51 ? 6.731   -11.130 -0.361  1.00 10.62 ? 51  ASP A C     1 
ATOM   383 O O     . ASP A 1 51 ? 6.208   -11.945 -1.115  1.00 9.94  ? 51  ASP A O     1 
ATOM   384 C CB    . ASP A 1 51 ? 8.859   -10.555 -1.366  1.00 12.96 ? 51  ASP A CB    1 
ATOM   385 C CG    . ASP A 1 51 ? 9.643   -9.594  -2.289  1.00 15.03 ? 51  ASP A CG    1 
ATOM   386 O OD1   . ASP A 1 51 ? 9.008   -8.831  -3.036  1.00 16.35 ? 51  ASP A OD1   1 
ATOM   387 O OD2   . ASP A 1 51 ? 10.900  -9.655  -2.262  1.00 17.27 ? 51  ASP A OD2   1 
ATOM   388 N N     . ASP A 1 52 ? 6.653   -11.161 0.957   1.00 11.39 ? 52  ASP A N     1 
ATOM   389 C CA    . ASP A 1 52 ? 5.877   -12.218 1.689   1.00 11.98 ? 52  ASP A CA    1 
ATOM   390 C C     . ASP A 1 52 ? 4.435   -11.806 1.958   1.00 11.41 ? 52  ASP A C     1 
ATOM   391 O O     . ASP A 1 52 ? 3.686   -12.512 2.659   1.00 11.99 ? 52  ASP A O     1 
ATOM   392 C CB    . ASP A 1 52 ? 6.560   -12.530 3.006   1.00 13.24 ? 52  ASP A CB    1 
ATOM   393 C CG    . ASP A 1 52 ? 6.648   -11.306 3.909   1.00 15.07 ? 52  ASP A CG    1 
ATOM   394 O OD1   . ASP A 1 52 ? 7.295   -10.323 3.571   1.00 15.77 ? 52  ASP A OD1   1 
ATOM   395 O OD2   . ASP A 1 52 ? 6.024   -11.263 4.957   1.00 17.76 ? 52  ASP A OD2   1 
ATOM   396 N N     . TYR A 1 53 ? 4.028   -10.644 1.461   1.00 11.35 ? 53  TYR A N     1 
ATOM   397 C CA    . TYR A 1 53 ? 2.732   -10.032 1.879   1.00 10.30 ? 53  TYR A CA    1 
ATOM   398 C C     . TYR A 1 53 ? 1.563   -10.874 1.300   1.00 9.98  ? 53  TYR A C     1 
ATOM   399 O O     . TYR A 1 53 ? 1.638   -11.420 0.170   1.00 10.24 ? 53  TYR A O     1 
ATOM   400 C CB    . TYR A 1 53 ? 2.653   -8.547  1.398   1.00 10.52 ? 53  TYR A CB    1 
ATOM   401 C CG    . TYR A 1 53 ? 1.419   -7.827  1.875   1.00 8.94  ? 53  TYR A CG    1 
ATOM   402 C CD1   . TYR A 1 53 ? 0.224   -7.941  1.214   1.00 9.45  ? 53  TYR A CD1   1 
ATOM   403 C CD2   . TYR A 1 53 ? 1.437   -7.096  3.024   1.00 9.00  ? 53  TYR A CD2   1 
ATOM   404 C CE1   . TYR A 1 53 ? -0.919  -7.270  1.660   1.00 8.51  ? 53  TYR A CE1   1 
ATOM   405 C CE2   . TYR A 1 53 ? 0.276   -6.427  3.492   1.00 8.26  ? 53  TYR A CE2   1 
ATOM   406 C CZ    . TYR A 1 53 ? -0.873  -6.529  2.803   1.00 8.43  ? 53  TYR A CZ    1 
ATOM   407 O OH    . TYR A 1 53 ? -2.012  -5.900  3.280   1.00 7.32  ? 53  TYR A OH    1 
ATOM   408 N N     . PRO A 1 54 ? 0.446   -11.003 2.079   1.00 10.70 ? 54  PRO A N     1 
ATOM   409 C CA    . PRO A 1 54 ? -0.606  -11.898 1.613   1.00 11.04 ? 54  PRO A CA    1 
ATOM   410 C C     . PRO A 1 54 ? -1.404  -11.298 0.478   1.00 11.89 ? 54  PRO A C     1 
ATOM   411 O O     . PRO A 1 54 ? -1.899  -10.180 0.618   1.00 11.98 ? 54  PRO A O     1 
ATOM   412 C CB    . PRO A 1 54 ? -1.492  -12.100 2.889   1.00 11.14 ? 54  PRO A CB    1 
ATOM   413 C CG    . PRO A 1 54 ? -1.243  -10.888 3.726   1.00 10.73 ? 54  PRO A CG    1 
ATOM   414 C CD    . PRO A 1 54 ? 0.211   -10.566 3.468   1.00 10.86 ? 54  PRO A CD    1 
ATOM   415 N N     . ILE A 1 55 ? -1.533  -12.029 -0.619  1.00 12.90 ? 55  ILE A N     1 
ATOM   416 C CA    . ILE A 1 55 ? -2.283  -11.533 -1.786  1.00 16.09 ? 55  ILE A CA    1 
ATOM   417 C C     . ILE A 1 55 ? -3.680  -12.184 -1.891  1.00 16.46 ? 55  ILE A C     1 
ATOM   418 O O     . ILE A 1 55 ? -3.858  -13.391 -1.749  1.00 15.40 ? 55  ILE A O     1 
ATOM   419 C CB    . ILE A 1 55 ? -1.498  -11.722 -3.085  1.00 16.84 ? 55  ILE A CB    1 
ATOM   420 C CG1   . ILE A 1 55 ? -0.198  -10.956 -3.044  1.00 17.07 ? 55  ILE A CG1   1 
ATOM   421 C CG2   . ILE A 1 55 ? -2.346  -11.252 -4.274  1.00 17.98 ? 55  ILE A CG2   1 
ATOM   422 C CD1   . ILE A 1 55 ? -0.327  -9.469  -3.127  1.00 16.98 ? 55  ILE A CD1   1 
ATOM   423 O OXT   . ILE A 1 55 ? -4.690  -11.507 -2.014  1.00 18.58 ? 55  ILE A OXT   1 
ATOM   424 O "O5'" . DG  B 2 1  ? 8.570   -1.239  -25.103 1.00 21.86 ? 101 DG  B "O5'" 1 
ATOM   425 C "C5'" . DG  B 2 1  ? 8.610   -2.458  -25.833 1.00 18.80 ? 101 DG  B "C5'" 1 
ATOM   426 C "C4'" . DG  B 2 1  ? 7.924   -3.552  -25.045 1.00 17.39 ? 101 DG  B "C4'" 1 
ATOM   427 O "O4'" . DG  B 2 1  ? 8.729   -3.977  -23.915 1.00 14.30 ? 101 DG  B "O4'" 1 
ATOM   428 C "C3'" . DG  B 2 1  ? 6.530   -3.266  -24.487 1.00 17.29 ? 101 DG  B "C3'" 1 
ATOM   429 O "O3'" . DG  B 2 1  ? 5.852   -4.483  -24.767 1.00 19.86 ? 101 DG  B "O3'" 1 
ATOM   430 C "C2'" . DG  B 2 1  ? 6.783   -2.954  -23.022 1.00 15.11 ? 101 DG  B "C2'" 1 
ATOM   431 C "C1'" . DG  B 2 1  ? 8.032   -3.760  -22.687 1.00 12.86 ? 101 DG  B "C1'" 1 
ATOM   432 N N9    . DG  B 2 1  ? 8.941   -3.105  -21.753 1.00 11.27 ? 101 DG  B N9    1 
ATOM   433 C C8    . DG  B 2 1  ? 9.278   -1.777  -21.686 1.00 11.62 ? 101 DG  B C8    1 
ATOM   434 N N7    . DG  B 2 1  ? 10.136  -1.517  -20.736 1.00 11.16 ? 101 DG  B N7    1 
ATOM   435 C C5    . DG  B 2 1  ? 10.339  -2.736  -20.111 1.00 10.27 ? 101 DG  B C5    1 
ATOM   436 C C6    . DG  B 2 1  ? 11.189  -3.079  -19.026 1.00 10.27 ? 101 DG  B C6    1 
ATOM   437 O O6    . DG  B 2 1  ? 11.897  -2.331  -18.344 1.00 11.29 ? 101 DG  B O6    1 
ATOM   438 N N1    . DG  B 2 1  ? 11.105  -4.429  -18.717 1.00 9.74  ? 101 DG  B N1    1 
ATOM   439 C C2    . DG  B 2 1  ? 10.344  -5.346  -19.401 1.00 9.68  ? 101 DG  B C2    1 
ATOM   440 N N2    . DG  B 2 1  ? 10.412  -6.604  -18.971 1.00 9.32  ? 101 DG  B N2    1 
ATOM   441 N N3    . DG  B 2 1  ? 9.569   -5.043  -20.432 1.00 9.70  ? 101 DG  B N3    1 
ATOM   442 C C4    . DG  B 2 1  ? 9.624   -3.729  -20.733 1.00 10.81 ? 101 DG  B C4    1 
ATOM   443 P P     . DT  B 2 2  ? 4.378   -4.877  -24.155 1.00 22.16 ? 102 DT  B P     1 
ATOM   444 O OP1   . DT  B 2 2  ? 3.738   -5.819  -25.140 1.00 22.84 ? 102 DT  B OP1   1 
ATOM   445 O OP2   . DT  B 2 2  ? 3.693   -3.658  -23.673 1.00 19.93 ? 102 DT  B OP2   1 
ATOM   446 O "O5'" . DT  B 2 2  ? 4.752   -5.791  -22.900 1.00 18.90 ? 102 DT  B "O5'" 1 
ATOM   447 C "C5'" . DT  B 2 2  ? 5.397   -7.075  -23.041 1.00 14.80 ? 102 DT  B "C5'" 1 
ATOM   448 C "C4'" . DT  B 2 2  ? 5.535   -7.675  -21.663 1.00 14.13 ? 102 DT  B "C4'" 1 
ATOM   449 O "O4'" . DT  B 2 2  ? 6.364   -6.806  -20.868 1.00 13.40 ? 102 DT  B "O4'" 1 
ATOM   450 C "C3'" . DT  B 2 2  ? 4.203   -7.759  -20.915 1.00 13.25 ? 102 DT  B "C3'" 1 
ATOM   451 O "O3'" . DT  B 2 2  ? 3.819   -9.132  -20.929 1.00 14.41 ? 102 DT  B "O3'" 1 
ATOM   452 C "C2'" . DT  B 2 2  ? 4.470   -7.146  -19.542 1.00 13.96 ? 102 DT  B "C2'" 1 
ATOM   453 C "C1'" . DT  B 2 2  ? 5.966   -6.920  -19.504 1.00 13.40 ? 102 DT  B "C1'" 1 
ATOM   454 N N1    . DT  B 2 2  ? 6.435   -5.709  -18.845 1.00 11.59 ? 102 DT  B N1    1 
ATOM   455 C C2    . DT  B 2 2  ? 7.317   -5.800  -17.785 1.00 11.96 ? 102 DT  B C2    1 
ATOM   456 O O2    . DT  B 2 2  ? 7.614   -6.854  -17.239 1.00 11.60 ? 102 DT  B O2    1 
ATOM   457 N N3    . DT  B 2 2  ? 7.795   -4.591  -17.341 1.00 10.68 ? 102 DT  B N3    1 
ATOM   458 C C4    . DT  B 2 2  ? 7.505   -3.335  -17.857 1.00 11.05 ? 102 DT  B C4    1 
ATOM   459 O O4    . DT  B 2 2  ? 8.012   -2.338  -17.358 1.00 11.50 ? 102 DT  B O4    1 
ATOM   460 C C5    . DT  B 2 2  ? 6.587   -3.318  -18.964 1.00 11.01 ? 102 DT  B C5    1 
ATOM   461 C C7    . DT  B 2 2  ? 6.201   -2.005  -19.567 1.00 11.19 ? 102 DT  B C7    1 
ATOM   462 C C6    . DT  B 2 2  ? 6.115   -4.491  -19.409 1.00 11.64 ? 102 DT  B C6    1 
ATOM   463 P P     . DG  B 2 3  ? 2.249   -9.494  -20.978 1.00 11.41 ? 103 DG  B P     1 
ATOM   464 O OP1   . DG  B 2 3  ? 2.094   -10.888 -21.448 1.00 11.51 ? 103 DG  B OP1   1 
ATOM   465 O OP2   . DG  B 2 3  ? 1.486   -8.369  -21.538 1.00 10.83 ? 103 DG  B OP2   1 
ATOM   466 O "O5'" . DG  B 2 3  ? 1.827   -9.455  -19.436 1.00 10.24 ? 103 DG  B "O5'" 1 
ATOM   467 C "C5'" . DG  B 2 3  ? 2.081   -10.549 -18.546 1.00 9.73  ? 103 DG  B "C5'" 1 
ATOM   468 C "C4'" . DG  B 2 3  ? 2.068   -10.081 -17.112 1.00 9.30  ? 103 DG  B "C4'" 1 
ATOM   469 O "O4'" . DG  B 2 3  ? 3.215   -9.249  -16.793 1.00 8.68  ? 103 DG  B "O4'" 1 
ATOM   470 C "C3'" . DG  B 2 3  ? 0.866   -9.217  -16.756 1.00 8.48  ? 103 DG  B "C3'" 1 
ATOM   471 O "O3'" . DG  B 2 3  ? -0.256  -10.093 -16.586 1.00 8.15  ? 103 DG  B "O3'" 1 
ATOM   472 C "C2'" . DG  B 2 3  ? 1.345   -8.525  -15.494 1.00 8.45  ? 103 DG  B "C2'" 1 
ATOM   473 C "C1'" . DG  B 2 3  ? 2.844   -8.365  -15.718 1.00 8.31  ? 103 DG  B "C1'" 1 
ATOM   474 N N9    . DG  B 2 3  ? 3.239   -7.004  -16.059 1.00 8.39  ? 103 DG  B N9    1 
ATOM   475 C C8    . DG  B 2 3  ? 2.587   -6.124  -16.880 1.00 8.21  ? 103 DG  B C8    1 
ATOM   476 N N7    . DG  B 2 3  ? 3.160   -4.951  -16.926 1.00 8.78  ? 103 DG  B N7    1 
ATOM   477 C C5    . DG  B 2 3  ? 4.188   -5.036  -15.992 1.00 9.64  ? 103 DG  B C5    1 
ATOM   478 C C6    . DG  B 2 3  ? 5.127   -4.055  -15.558 1.00 9.25  ? 103 DG  B C6    1 
ATOM   479 O O6    . DG  B 2 3  ? 5.264   -2.895  -15.952 1.00 10.56 ? 103 DG  B O6    1 
ATOM   480 N N1    . DG  B 2 3  ? 5.944   -4.544  -14.543 1.00 9.11  ? 103 DG  B N1    1 
ATOM   481 C C2    . DG  B 2 3  ? 5.876   -5.807  -14.019 1.00 9.30  ? 103 DG  B C2    1 
ATOM   482 N N2    . DG  B 2 3  ? 6.788   -6.106  -13.075 1.00 9.64  ? 103 DG  B N2    1 
ATOM   483 N N3    . DG  B 2 3  ? 5.064   -6.749  -14.470 1.00 8.69  ? 103 DG  B N3    1 
ATOM   484 C C4    . DG  B 2 3  ? 4.251   -6.292  -15.450 1.00 8.54  ? 103 DG  B C4    1 
ATOM   485 P P     . DA  B 2 4  ? -1.725  -9.507  -16.526 1.00 7.79  ? 104 DA  B P     1 
ATOM   486 O OP1   . DA  B 2 4  ? -2.641  -10.670 -16.540 1.00 7.41  ? 104 DA  B OP1   1 
ATOM   487 O OP2   . DA  B 2 4  ? -1.839  -8.447  -17.546 1.00 7.65  ? 104 DA  B OP2   1 
ATOM   488 O "O5'" . DA  B 2 4  ? -1.800  -8.744  -15.126 1.00 8.38  ? 104 DA  B "O5'" 1 
ATOM   489 C "C5'" . DA  B 2 4  ? -1.679  -9.386  -13.857 1.00 9.04  ? 104 DA  B "C5'" 1 
ATOM   490 C "C4'" . DA  B 2 4  ? -2.434  -8.587  -12.813 1.00 9.38  ? 104 DA  B "C4'" 1 
ATOM   491 O "O4'" . DA  B 2 4  ? -1.812  -7.279  -12.680 1.00 9.39  ? 104 DA  B "O4'" 1 
ATOM   492 C "C3'" . DA  B 2 4  ? -3.917  -8.338  -13.099 1.00 9.22  ? 104 DA  B "C3'" 1 
ATOM   493 O "O3'" . DA  B 2 4  ? -4.654  -8.405  -11.872 1.00 9.67  ? 104 DA  B "O3'" 1 
ATOM   494 C "C2'" . DA  B 2 4  ? -3.933  -6.950  -13.705 1.00 9.00  ? 104 DA  B "C2'" 1 
ATOM   495 C "C1'" . DA  B 2 4  ? -2.716  -6.251  -13.085 1.00 8.81  ? 104 DA  B "C1'" 1 
ATOM   496 N N9    . DA  B 2 4  ? -1.975  -5.385  -13.972 1.00 8.60  ? 104 DA  B N9    1 
ATOM   497 C C8    . DA  B 2 4  ? -1.649  -5.609  -15.291 1.00 8.32  ? 104 DA  B C8    1 
ATOM   498 N N7    . DA  B 2 4  ? -0.887  -4.680  -15.807 1.00 8.29  ? 104 DA  B N7    1 
ATOM   499 C C5    . DA  B 2 4  ? -0.640  -3.817  -14.743 1.00 7.69  ? 104 DA  B C5    1 
ATOM   500 C C6    . DA  B 2 4  ? 0.139   -2.636  -14.630 1.00 7.53  ? 104 DA  B C6    1 
ATOM   501 N N6    . DA  B 2 4  ? 0.850   -2.114  -15.636 1.00 6.47  ? 104 DA  B N6    1 
ATOM   502 N N1    . DA  B 2 4  ? 0.152   -2.002  -13.435 1.00 6.93  ? 104 DA  B N1    1 
ATOM   503 C C2    . DA  B 2 4  ? -0.566  -2.523  -12.425 1.00 7.50  ? 104 DA  B C2    1 
ATOM   504 N N3    . DA  B 2 4  ? -1.294  -3.648  -12.398 1.00 8.34  ? 104 DA  B N3    1 
ATOM   505 C C4    . DA  B 2 4  ? -1.293  -4.245  -13.606 1.00 8.17  ? 104 DA  B C4    1 
ATOM   506 P P     . DT  B 2 5  ? -6.210  -8.187  -11.824 1.00 9.81  ? 105 DT  B P     1 
ATOM   507 O OP1   . DT  B 2 5  ? -6.677  -9.098  -10.720 1.00 10.54 ? 105 DT  B OP1   1 
ATOM   508 O OP2   . DT  B 2 5  ? -6.781  -8.260  -13.174 1.00 9.44  ? 105 DT  B OP2   1 
ATOM   509 O "O5'" . DT  B 2 5  ? -6.289  -6.662  -11.402 1.00 9.09  ? 105 DT  B "O5'" 1 
ATOM   510 C "C5'" . DT  B 2 5  ? -5.762  -6.270  -10.126 1.00 8.65  ? 105 DT  B "C5'" 1 
ATOM   511 C "C4'" . DT  B 2 5  ? -5.742  -4.765  -10.033 1.00 8.19  ? 105 DT  B "C4'" 1 
ATOM   512 O "O4'" . DT  B 2 5  ? -4.848  -4.231  -11.020 1.00 7.77  ? 105 DT  B "O4'" 1 
ATOM   513 C "C3'" . DT  B 2 5  ? -7.085  -4.120  -10.353 1.00 8.26  ? 105 DT  B "C3'" 1 
ATOM   514 O "O3'" . DT  B 2 5  ? -7.791  -3.869  -9.149  1.00 8.71  ? 105 DT  B "O3'" 1 
ATOM   515 C "C2'" . DT  B 2 5  ? -6.727  -2.864  -11.146 1.00 8.19  ? 105 DT  B "C2'" 1 
ATOM   516 C "C1'" . DT  B 2 5  ? -5.221  -2.887  -11.205 1.00 8.19  ? 105 DT  B "C1'" 1 
ATOM   517 N N1    . DT  B 2 5  ? -4.637  -2.448  -12.454 1.00 8.17  ? 105 DT  B N1    1 
ATOM   518 C C2    . DT  B 2 5  ? -3.833  -1.336  -12.440 1.00 8.94  ? 105 DT  B C2    1 
ATOM   519 O O2    . DT  B 2 5  ? -3.578  -0.706  -11.420 1.00 8.22  ? 105 DT  B O2    1 
ATOM   520 N N3    . DT  B 2 5  ? -3.263  -1.033  -13.652 1.00 8.75  ? 105 DT  B N3    1 
ATOM   521 C C4    . DT  B 2 5  ? -3.441  -1.695  -14.848 1.00 8.97  ? 105 DT  B C4    1 
ATOM   522 O O4    . DT  B 2 5  ? -2.854  -1.305  -15.848 1.00 9.66  ? 105 DT  B O4    1 
ATOM   523 C C5    . DT  B 2 5  ? -4.321  -2.845  -14.793 1.00 9.00  ? 105 DT  B C5    1 
ATOM   524 C C7    . DT  B 2 5  ? -4.585  -3.628  -16.043 1.00 9.26  ? 105 DT  B C7    1 
ATOM   525 C C6    . DT  B 2 5  ? -4.893  -3.137  -13.622 1.00 9.07  ? 105 DT  B C6    1 
ATOM   526 P P     . DC  B 2 6  ? -9.368  -3.531  -9.121  1.00 9.36  ? 106 DC  B P     1 
ATOM   527 O OP1   . DC  B 2 6  ? -9.853  -3.851  -7.793  1.00 8.60  ? 106 DC  B OP1   1 
ATOM   528 O OP2   . DC  B 2 6  ? -9.985  -4.069  -10.367 1.00 9.63  ? 106 DC  B OP2   1 
ATOM   529 O "O5'" . DC  B 2 6  ? -9.412  -1.940  -9.253  1.00 9.33  ? 106 DC  B "O5'" 1 
ATOM   530 C "C5'" . DC  B 2 6  ? -8.720  -1.085  -8.345  1.00 8.54  ? 106 DC  B "C5'" 1 
ATOM   531 C "C4'" . DC  B 2 6  ? -8.761  0.340   -8.852  1.00 8.69  ? 106 DC  B "C4'" 1 
ATOM   532 O "O4'" . DC  B 2 6  ? -7.905  0.468   -10.013 1.00 8.24  ? 106 DC  B "O4'" 1 
ATOM   533 C "C3'" . DC  B 2 6  ? -10.147 0.817   -9.291  1.00 9.02  ? 106 DC  B "C3'" 1 
ATOM   534 O "O3'" . DC  B 2 6  ? -10.339 2.197   -8.967  1.00 10.61 ? 106 DC  B "O3'" 1 
ATOM   535 C "C2'" . DC  B 2 6  ? -10.072 0.747   -10.801 1.00 8.78  ? 106 DC  B "C2'" 1 
ATOM   536 C "C1'" . DC  B 2 6  ? -8.631  1.121   -11.049 1.00 8.35  ? 106 DC  B "C1'" 1 
ATOM   537 N N1    . DC  B 2 6  ? -8.010  0.772   -12.345 1.00 8.36  ? 106 DC  B N1    1 
ATOM   538 C C2    . DC  B 2 6  ? -6.933  1.565   -12.808 1.00 8.88  ? 106 DC  B C2    1 
ATOM   539 O O2    . DC  B 2 6  ? -6.523  2.502   -12.105 1.00 9.40  ? 106 DC  B O2    1 
ATOM   540 N N3    . DC  B 2 6  ? -6.348  1.259   -13.984 1.00 8.90  ? 106 DC  B N3    1 
ATOM   541 C C4    . DC  B 2 6  ? -6.792  0.220   -14.700 1.00 8.44  ? 106 DC  B C4    1 
ATOM   542 N N4    . DC  B 2 6  ? -6.183  -0.041  -15.847 1.00 8.73  ? 106 DC  B N4    1 
ATOM   543 C C5    . DC  B 2 6  ? -7.883  -0.595  -14.264 1.00 9.30  ? 106 DC  B C5    1 
ATOM   544 C C6    . DC  B 2 6  ? -8.468  -0.275  -13.097 1.00 8.81  ? 106 DC  B C6    1 
ATOM   545 P P     . DA  B 2 7  ? -11.215 2.655   -7.764  1.00 10.70 ? 107 DA  B P     1 
ATOM   546 O OP1   . DA  B 2 7  ? -10.836 1.852   -6.592  1.00 13.32 ? 107 DA  B OP1   1 
ATOM   547 O OP2   . DA  B 2 7  ? -12.644 2.654   -8.225  1.00 9.63  ? 107 DA  B OP2   1 
ATOM   548 O "O5'" . DA  B 2 7  ? -10.717 4.142   -7.528  1.00 10.31 ? 107 DA  B "O5'" 1 
ATOM   549 C "C5'" . DA  B 2 7  ? -9.402  4.424   -7.028  1.00 10.10 ? 107 DA  B "C5'" 1 
ATOM   550 C "C4'" . DA  B 2 7  ? -8.848  5.684   -7.640  1.00 10.00 ? 107 DA  B "C4'" 1 
ATOM   551 O "O4'" . DA  B 2 7  ? -8.418  5.437   -8.999  1.00 10.16 ? 107 DA  B "O4'" 1 
ATOM   552 C "C3'" . DA  B 2 7  ? -9.815  6.875   -7.708  1.00 10.24 ? 107 DA  B "C3'" 1 
ATOM   553 O "O3'" . DA  B 2 7  ? -9.047  8.043   -7.400  1.00 11.35 ? 107 DA  B "O3'" 1 
ATOM   554 C "C2'" . DA  B 2 7  ? -10.333 6.838   -9.127  1.00 10.25 ? 107 DA  B "C2'" 1 
ATOM   555 C "C1'" . DA  B 2 7  ? -9.186  6.228   -9.920  1.00 9.91  ? 107 DA  B "C1'" 1 
ATOM   556 N N9    . DA  B 2 7  ? -9.607  5.331   -10.993 1.00 9.55  ? 107 DA  B N9    1 
ATOM   557 C C8    . DA  B 2 7  ? -10.703 4.498   -11.025 1.00 9.72  ? 107 DA  B C8    1 
ATOM   558 N N7    . DA  B 2 7  ? -10.803 3.797   -12.127 1.00 9.34  ? 107 DA  B N7    1 
ATOM   559 C C5    . DA  B 2 7  ? -9.692  4.176   -12.866 1.00 9.53  ? 107 DA  B C5    1 
ATOM   560 C C6    . DA  B 2 7  ? -9.189  3.742   -14.111 1.00 9.64  ? 107 DA  B C6    1 
ATOM   561 N N6    . DA  B 2 7  ? -9.794  2.816   -14.876 1.00 9.72  ? 107 DA  B N6    1 
ATOM   562 N N1    . DA  B 2 7  ? -8.070  4.341   -14.580 1.00 10.20 ? 107 DA  B N1    1 
ATOM   563 C C2    . DA  B 2 7  ? -7.460  5.258   -13.805 1.00 9.54  ? 107 DA  B C2    1 
ATOM   564 N N3    . DA  B 2 7  ? -7.792  5.686   -12.582 1.00 9.38  ? 107 DA  B N3    1 
ATOM   565 C C4    . DA  B 2 7  ? -8.937  5.112   -12.171 1.00 9.57  ? 107 DA  B C4    1 
ATOM   566 P P     . DC  B 2 8  ? -9.732  9.488   -7.327  1.00 12.16 ? 108 DC  B P     1 
ATOM   567 O OP1   . DC  B 2 8  ? -8.832  10.366  -6.448  1.00 12.90 ? 108 DC  B OP1   1 
ATOM   568 O OP2   . DC  B 2 8  ? -11.160 9.375   -7.107  1.00 11.78 ? 108 DC  B OP2   1 
ATOM   569 O "O5'" . DC  B 2 8  ? -9.508  10.060  -8.803  1.00 13.05 ? 108 DC  B "O5'" 1 
ATOM   570 C "C5'" . DC  B 2 8  ? -8.157  10.262  -9.289  1.00 13.10 ? 108 DC  B "C5'" 1 
ATOM   571 C "C4'" . DC  B 2 8  ? -8.167  10.457  -10.786 1.00 13.92 ? 108 DC  B "C4'" 1 
ATOM   572 O "O4'" . DC  B 2 8  ? -8.478  9.234   -11.464 1.00 12.81 ? 108 DC  B "O4'" 1 
ATOM   573 C "C3'" . DC  B 2 8  ? -9.184  11.455  -11.320 1.00 13.84 ? 108 DC  B "C3'" 1 
ATOM   574 O "O3'" . DC  B 2 8  ? -8.645  12.771  -11.149 1.00 14.29 ? 108 DC  B "O3'" 1 
ATOM   575 C "C2'" . DC  B 2 8  ? -9.367  11.011  -12.762 1.00 13.60 ? 108 DC  B "C2'" 1 
ATOM   576 C "C1'" . DC  B 2 8  ? -8.822  9.567   -12.788 1.00 13.50 ? 108 DC  B "C1'" 1 
ATOM   577 N N1    . DC  B 2 8  ? -9.758  8.537   -13.288 1.00 10.76 ? 108 DC  B N1    1 
ATOM   578 C C2    . DC  B 2 8  ? -9.471  7.935   -14.516 1.00 10.31 ? 108 DC  B C2    1 
ATOM   579 O O2    . DC  B 2 8  ? -8.462  8.301   -15.138 1.00 9.67  ? 108 DC  B O2    1 
ATOM   580 N N3    . DC  B 2 8  ? -10.312 6.997   -15.005 1.00 9.29  ? 108 DC  B N3    1 
ATOM   581 C C4    . DC  B 2 8  ? -11.400 6.651   -14.311 1.00 10.16 ? 108 DC  B C4    1 
ATOM   582 N N4    . DC  B 2 8  ? -12.177 5.691   -14.806 1.00 9.86  ? 108 DC  B N4    1 
ATOM   583 C C5    . DC  B 2 8  ? -11.714 7.245   -13.057 1.00 10.22 ? 108 DC  B C5    1 
ATOM   584 C C6    . DC  B 2 8  ? -10.867 8.168   -12.582 1.00 10.86 ? 108 DC  B C6    1 
ATOM   585 O "O5'" . DG  C 2 1  ? -10.975 5.388   -25.217 1.00 24.98 ? 109 DG  C "O5'" 1 
ATOM   586 C "C5'" . DG  C 2 1  ? -9.913  4.439   -25.068 1.00 19.52 ? 109 DG  C "C5'" 1 
ATOM   587 C "C4'" . DG  C 2 1  ? -8.661  5.179   -24.656 1.00 17.35 ? 109 DG  C "C4'" 1 
ATOM   588 O "O4'" . DG  C 2 1  ? -8.877  5.723   -23.337 1.00 15.78 ? 109 DG  C "O4'" 1 
ATOM   589 C "C3'" . DG  C 2 1  ? -7.451  4.277   -24.505 1.00 16.51 ? 109 DG  C "C3'" 1 
ATOM   590 O "O3'" . DG  C 2 1  ? -6.257  5.065   -24.637 1.00 16.16 ? 109 DG  C "O3'" 1 
ATOM   591 C "C2'" . DG  C 2 1  ? -7.680  3.694   -23.120 1.00 16.17 ? 109 DG  C "C2'" 1 
ATOM   592 C "C1'" . DG  C 2 1  ? -8.225  4.901   -22.370 1.00 14.30 ? 109 DG  C "C1'" 1 
ATOM   593 N N9    . DG  C 2 1  ? -9.183  4.604   -21.323 1.00 12.49 ? 109 DG  C N9    1 
ATOM   594 C C8    . DG  C 2 1  ? -10.212 3.697   -21.371 1.00 11.91 ? 109 DG  C C8    1 
ATOM   595 N N7    . DG  C 2 1  ? -10.919 3.668   -20.278 1.00 10.80 ? 109 DG  C N7    1 
ATOM   596 C C5    . DG  C 2 1  ? -10.303 4.591   -19.444 1.00 10.76 ? 109 DG  C C5    1 
ATOM   597 C C6    . DG  C 2 1  ? -10.623 4.989   -18.124 1.00 10.32 ? 109 DG  C C6    1 
ATOM   598 O O6    . DG  C 2 1  ? -11.576 4.613   -17.406 1.00 10.02 ? 109 DG  C O6    1 
ATOM   599 N N1    . DG  C 2 1  ? -9.741  5.958   -17.655 1.00 9.79  ? 109 DG  C N1    1 
ATOM   600 C C2    . DG  C 2 1  ? -8.730  6.525   -18.393 1.00 10.29 ? 109 DG  C C2    1 
ATOM   601 N N2    . DG  C 2 1  ? -8.011  7.476   -17.786 1.00 10.46 ? 109 DG  C N2    1 
ATOM   602 N N3    . DG  C 2 1  ? -8.381  6.113   -19.603 1.00 12.30 ? 109 DG  C N3    1 
ATOM   603 C C4    . DG  C 2 1  ? -9.238  5.187   -20.082 1.00 11.51 ? 109 DG  C C4    1 
ATOM   604 P P     . DT  C 2 2  ? -4.790  4.401   -24.393 1.00 18.95 ? 110 DT  C P     1 
ATOM   605 O OP1   . DT  C 2 2  ? -3.848  5.145   -25.243 1.00 16.55 ? 110 DT  C OP1   1 
ATOM   606 O OP2   . DT  C 2 2  ? -4.875  2.948   -24.535 1.00 18.64 ? 110 DT  C OP2   1 
ATOM   607 O "O5'" . DT  C 2 2  ? -4.479  4.814   -22.885 1.00 18.41 ? 110 DT  C "O5'" 1 
ATOM   608 C "C5'" . DT  C 2 2  ? -4.292  6.192   -22.524 1.00 17.11 ? 110 DT  C "C5'" 1 
ATOM   609 C "C4'" . DT  C 2 2  ? -3.798  6.292   -21.097 1.00 17.35 ? 110 DT  C "C4'" 1 
ATOM   610 O "O4'" . DT  C 2 2  ? -4.838  5.890   -20.178 1.00 15.65 ? 110 DT  C "O4'" 1 
ATOM   611 C "C3'" . DT  C 2 2  ? -2.611  5.383   -20.774 1.00 16.19 ? 110 DT  C "C3'" 1 
ATOM   612 O "O3'" . DT  C 2 2  ? -1.833  6.044   -19.781 1.00 19.41 ? 110 DT  C "O3'" 1 
ATOM   613 C "C2'" . DT  C 2 2  ? -3.260  4.199   -20.074 1.00 14.78 ? 110 DT  C "C2'" 1 
ATOM   614 C "C1'" . DT  C 2 2  ? -4.308  4.926   -19.275 1.00 14.88 ? 110 DT  C "C1'" 1 
ATOM   615 N N1    . DT  C 2 2  ? -5.443  4.126   -18.746 1.00 13.84 ? 110 DT  C N1    1 
ATOM   616 C C2    . DT  C 2 2  ? -5.948  4.449   -17.500 1.00 12.70 ? 110 DT  C C2    1 
ATOM   617 O O2    . DT  C 2 2  ? -5.461  5.296   -16.781 1.00 13.57 ? 110 DT  C O2    1 
ATOM   618 N N3    . DT  C 2 2  ? -7.020  3.691   -17.107 1.00 12.48 ? 110 DT  C N3    1 
ATOM   619 C C4    . DT  C 2 2  ? -7.649  2.703   -17.825 1.00 12.68 ? 110 DT  C C4    1 
ATOM   620 O O4    . DT  C 2 2  ? -8.580  2.081   -17.322 1.00 11.87 ? 110 DT  C O4    1 
ATOM   621 C C5    . DT  C 2 2  ? -7.046  2.387   -19.099 1.00 12.91 ? 110 DT  C C5    1 
ATOM   622 C C7    . DT  C 2 2  ? -7.662  1.314   -19.935 1.00 13.40 ? 110 DT  C C7    1 
ATOM   623 C C6    . DT  C 2 2  ? -6.005  3.122   -19.504 1.00 12.54 ? 110 DT  C C6    1 
ATOM   624 P P     . DG  C 2 3  ? -0.500  6.874   -20.172 1.00 18.92 ? 111 DG  C P     1 
ATOM   625 O OP1   . DG  C 2 3  ? -0.876  7.892   -21.225 1.00 18.54 ? 111 DG  C OP1   1 
ATOM   626 O OP2   . DG  C 2 3  ? 0.571   5.865   -20.467 1.00 19.13 ? 111 DG  C OP2   1 
ATOM   627 O "O5'" . DG  C 2 3  ? -0.180  7.647   -18.822 1.00 15.83 ? 111 DG  C "O5'" 1 
ATOM   628 C "C5'" . DG  C 2 3  ? -1.044  8.621   -18.235 1.00 14.38 ? 111 DG  C "C5'" 1 
ATOM   629 C "C4'" . DG  C 2 3  ? -0.834  8.683   -16.740 1.00 14.53 ? 111 DG  C "C4'" 1 
ATOM   630 O "O4'" . DG  C 2 3  ? -1.574  7.637   -16.077 1.00 13.20 ? 111 DG  C "O4'" 1 
ATOM   631 C "C3'" . DG  C 2 3  ? 0.592   8.546   -16.218 1.00 13.81 ? 111 DG  C "C3'" 1 
ATOM   632 O "O3'" . DG  C 2 3  ? 0.638   9.277   -15.004 1.00 14.27 ? 111 DG  C "O3'" 1 
ATOM   633 C "C2'" . DG  C 2 3  ? 0.738   7.056   -15.931 1.00 12.60 ? 111 DG  C "C2'" 1 
ATOM   634 C "C1'" . DG  C 2 3  ? -0.674  6.652   -15.505 1.00 12.24 ? 111 DG  C "C1'" 1 
ATOM   635 N N9    . DG  C 2 3  ? -1.164  5.354   -15.949 1.00 11.58 ? 111 DG  C N9    1 
ATOM   636 C C8    . DG  C 2 3  ? -0.894  4.721   -17.137 1.00 10.39 ? 111 DG  C C8    1 
ATOM   637 N N7    . DG  C 2 3  ? -1.665  3.688   -17.353 1.00 11.01 ? 111 DG  C N7    1 
ATOM   638 C C5    . DG  C 2 3  ? -2.489  3.630   -16.234 1.00 10.38 ? 111 DG  C C5    1 
ATOM   639 C C6    . DG  C 2 3  ? -3.505  2.702   -15.893 1.00 10.26 ? 111 DG  C C6    1 
ATOM   640 O O6    . DG  C 2 3  ? -3.862  1.698   -16.518 1.00 9.65  ? 111 DG  C O6    1 
ATOM   641 N N1    . DG  C 2 3  ? -4.109  3.024   -14.670 1.00 10.24 ? 111 DG  C N1    1 
ATOM   642 C C2    . DG  C 2 3  ? -3.753  4.097   -13.878 1.00 11.27 ? 111 DG  C C2    1 
ATOM   643 N N2    . DG  C 2 3  ? -4.438  4.269   -12.732 1.00 11.79 ? 111 DG  C N2    1 
ATOM   644 N N3    . DG  C 2 3  ? -2.823  4.981   -14.211 1.00 10.28 ? 111 DG  C N3    1 
ATOM   645 C C4    . DG  C 2 3  ? -2.224  4.674   -15.379 1.00 11.08 ? 111 DG  C C4    1 
ATOM   646 P P     . DA  C 2 4  ? 2.073   9.666   -14.350 1.00 16.26 ? 112 DA  C P     1 
ATOM   647 O OP1   . DA  C 2 4  ? 1.841   10.902  -13.574 1.00 14.50 ? 112 DA  C OP1   1 
ATOM   648 O OP2   . DA  C 2 4  ? 3.151   9.547   -15.391 1.00 13.61 ? 112 DA  C OP2   1 
ATOM   649 O "O5'" . DA  C 2 4  ? 2.393   8.480   -13.319 1.00 14.10 ? 112 DA  C "O5'" 1 
ATOM   650 C "C5'" . DA  C 2 4  ? 1.691   8.416   -12.058 1.00 14.19 ? 112 DA  C "C5'" 1 
ATOM   651 C "C4'" . DA  C 2 4  ? 1.830   7.028   -11.475 1.00 13.26 ? 112 DA  C "C4'" 1 
ATOM   652 O "O4'" . DA  C 2 4  ? 1.143   6.089   -12.308 1.00 12.84 ? 112 DA  C "O4'" 1 
ATOM   653 C "C3'" . DA  C 2 4  ? 3.272   6.536   -11.415 1.00 12.31 ? 112 DA  C "C3'" 1 
ATOM   654 O "O3'" . DA  C 2 4  ? 3.698   6.679   -10.057 1.00 12.52 ? 112 DA  C "O3'" 1 
ATOM   655 C "C2'" . DA  C 2 4  ? 3.200   5.098   -11.906 1.00 11.95 ? 112 DA  C "C2'" 1 
ATOM   656 C "C1'" . DA  C 2 4  ? 1.736   4.835   -12.073 1.00 12.05 ? 112 DA  C "C1'" 1 
ATOM   657 N N9    . DA  C 2 4  ? 1.419   3.982   -13.197 1.00 10.52 ? 112 DA  C N9    1 
ATOM   658 C C8    . DA  C 2 4  ? 1.994   3.877   -14.440 1.00 10.24 ? 112 DA  C C8    1 
ATOM   659 N N7    . DA  C 2 4  ? 1.431   2.974   -15.205 1.00 9.47  ? 112 DA  C N7    1 
ATOM   660 C C5    . DA  C 2 4  ? 0.395   2.477   -14.426 1.00 9.80  ? 112 DA  C C5    1 
ATOM   661 C C6    . DA  C 2 4  ? -0.539  1.445   -14.637 1.00 9.03  ? 112 DA  C C6    1 
ATOM   662 N N6    . DA  C 2 4  ? -0.635  0.771   -15.770 1.00 9.85  ? 112 DA  C N6    1 
ATOM   663 N N1    . DA  C 2 4  ? -1.420  1.179   -13.644 1.00 8.98  ? 112 DA  C N1    1 
ATOM   664 C C2    . DA  C 2 4  ? -1.316  1.861   -12.498 1.00 9.51  ? 112 DA  C C2    1 
ATOM   665 N N3    . DA  C 2 4  ? -0.445  2.821   -12.164 1.00 9.55  ? 112 DA  C N3    1 
ATOM   666 C C4    . DA  C 2 4  ? 0.395   3.070   -13.178 1.00 9.70  ? 112 DA  C C4    1 
ATOM   667 P P     . DT  C 2 5  ? 5.110   6.137   -9.567  1.00 12.09 ? 113 DT  C P     1 
ATOM   668 O OP1   . DT  C 2 5  ? 5.439   6.944   -8.309  1.00 12.62 ? 113 DT  C OP1   1 
ATOM   669 O OP2   . DT  C 2 5  ? 6.068   6.108   -10.733 1.00 11.41 ? 113 DT  C OP2   1 
ATOM   670 O "O5'" . DT  C 2 5  ? 4.824   4.647   -9.092  1.00 9.51  ? 113 DT  C "O5'" 1 
ATOM   671 C "C5'" . DT  C 2 5  ? 3.988   4.326   -7.998  1.00 8.47  ? 113 DT  C "C5'" 1 
ATOM   672 C "C4'" . DT  C 2 5  ? 3.759   2.832   -7.984  1.00 8.02  ? 113 DT  C "C4'" 1 
ATOM   673 O "O4'" . DT  C 2 5  ? 3.155   2.455   -9.241  1.00 7.82  ? 113 DT  C "O4'" 1 
ATOM   674 C "C3'" . DT  C 2 5  ? 5.025   2.000   -7.912  1.00 7.90  ? 113 DT  C "C3'" 1 
ATOM   675 O "O3'" . DT  C 2 5  ? 5.283   1.643   -6.549  1.00 7.75  ? 113 DT  C "O3'" 1 
ATOM   676 C "C2'" . DT  C 2 5  ? 4.707   0.794   -8.789  1.00 7.97  ? 113 DT  C "C2'" 1 
ATOM   677 C "C1'" . DT  C 2 5  ? 3.351   1.087   -9.399  1.00 8.07  ? 113 DT  C "C1'" 1 
ATOM   678 N N1    . DT  C 2 5  ? 3.193   0.793   -10.829 1.00 7.59  ? 113 DT  C N1    1 
ATOM   679 C C2    . DT  C 2 5  ? 2.087   0.070   -11.228 1.00 8.17  ? 113 DT  C C2    1 
ATOM   680 O O2    . DT  C 2 5  ? 1.273   -0.403  -10.450 1.00 8.51  ? 113 DT  C O2    1 
ATOM   681 N N3    . DT  C 2 5  ? 1.988   -0.114  -12.582 1.00 8.02  ? 113 DT  C N3    1 
ATOM   682 C C4    . DT  C 2 5  ? 2.872   0.320   -13.557 1.00 8.36  ? 113 DT  C C4    1 
ATOM   683 O O4    . DT  C 2 5  ? 2.630   0.070   -14.742 1.00 9.76  ? 113 DT  C O4    1 
ATOM   684 C C5    . DT  C 2 5  ? 3.945   1.173   -13.076 1.00 8.03  ? 113 DT  C C5    1 
ATOM   685 C C7    . DT  C 2 5  ? 4.937   1.725   -14.053 1.00 8.17  ? 113 DT  C C7    1 
ATOM   686 C C6    . DT  C 2 5  ? 4.073   1.324   -11.751 1.00 7.99  ? 113 DT  C C6    1 
ATOM   687 P P     . DC  C 2 6  ? 6.789   1.505   -5.999  1.00 8.56  ? 114 DC  C P     1 
ATOM   688 O OP1   . DC  C 2 6  ? 6.752   1.206   -4.551  1.00 8.84  ? 114 DC  C OP1   1 
ATOM   689 O OP2   . DC  C 2 6  ? 7.658   2.682   -6.483  1.00 7.98  ? 114 DC  C OP2   1 
ATOM   690 O "O5'" . DC  C 2 6  ? 7.279   0.196   -6.778  1.00 10.06 ? 114 DC  C "O5'" 1 
ATOM   691 C "C5'" . DC  C 2 6  ? 8.642   -0.138  -6.864  1.00 10.00 ? 114 DC  C "C5'" 1 
ATOM   692 C "C4'" . DC  C 2 6  ? 8.786   -1.467  -7.560  1.00 10.37 ? 114 DC  C "C4'" 1 
ATOM   693 O "O4'" . DC  C 2 6  ? 8.117   -1.466  -8.825  1.00 10.13 ? 114 DC  C "O4'" 1 
ATOM   694 C "C3'" . DC  C 2 6  ? 10.241  -1.779  -7.869  1.00 10.65 ? 114 DC  C "C3'" 1 
ATOM   695 O "O3'" . DC  C 2 6  ? 10.597  -2.739  -6.888  1.00 12.28 ? 114 DC  C "O3'" 1 
ATOM   696 C "C2'" . DC  C 2 6  ? 10.265  -2.295  -9.301  1.00 10.34 ? 114 DC  C "C2'" 1 
ATOM   697 C "C1'" . DC  C 2 6  ? 8.798   -2.404  -9.674  1.00 10.40 ? 114 DC  C "C1'" 1 
ATOM   698 N N1    . DC  C 2 6  ? 8.454   -2.048  -11.058 1.00 11.11 ? 114 DC  C N1    1 
ATOM   699 C C2    . DC  C 2 6  ? 7.878   -3.011  -11.909 1.00 11.36 ? 114 DC  C C2    1 
ATOM   700 O O2    . DC  C 2 6  ? 7.830   -4.199  -11.536 1.00 11.36 ? 114 DC  C O2    1 
ATOM   701 N N3    . DC  C 2 6  ? 7.467   -2.629  -13.149 1.00 9.57  ? 114 DC  C N3    1 
ATOM   702 C C4    . DC  C 2 6  ? 7.582   -1.350  -13.526 1.00 9.92  ? 114 DC  C C4    1 
ATOM   703 N N4    . DC  C 2 6  ? 7.180   -1.010  -14.757 1.00 8.32  ? 114 DC  C N4    1 
ATOM   704 C C5    . DC  C 2 6  ? 8.159   -0.361  -12.674 1.00 11.21 ? 114 DC  C C5    1 
ATOM   705 C C6    . DC  C 2 6  ? 8.509   -0.737  -11.439 1.00 11.79 ? 114 DC  C C6    1 
ATOM   706 P P     . DA  C 2 7  ? 12.117  -3.101  -6.623  1.00 15.78 ? 115 DA  C P     1 
ATOM   707 O OP1   . DA  C 2 7  ? 12.200  -3.642  -5.231  1.00 15.35 ? 115 DA  C OP1   1 
ATOM   708 O OP2   . DA  C 2 7  ? 12.958  -1.934  -6.980  1.00 14.11 ? 115 DA  C OP2   1 
ATOM   709 O "O5'" . DA  C 2 7  ? 12.314  -4.291  -7.637  1.00 13.66 ? 115 DA  C "O5'" 1 
ATOM   710 C "C5'" . DA  C 2 7  ? 11.639  -5.528  -7.442  1.00 14.95 ? 115 DA  C "C5'" 1 
ATOM   711 C "C4'" . DA  C 2 7  ? 12.001  -6.450  -8.571  1.00 16.29 ? 115 DA  C "C4'" 1 
ATOM   712 O "O4'" . DA  C 2 7  ? 11.311  -6.027  -9.775  1.00 15.86 ? 115 DA  C "O4'" 1 
ATOM   713 C "C3'" . DA  C 2 7  ? 13.508  -6.504  -8.905  1.00 16.32 ? 115 DA  C "C3'" 1 
ATOM   714 O "O3'" . DA  C 2 7  ? 13.832  -7.883  -8.904  1.00 18.50 ? 115 DA  C "O3'" 1 
ATOM   715 C "C2'" . DA  C 2 7  ? 13.600  -5.886  -10.288 1.00 17.51 ? 115 DA  C "C2'" 1 
ATOM   716 C "C1'" . DA  C 2 7  ? 12.209  -6.070  -10.876 1.00 14.95 ? 115 DA  C "C1'" 1 
ATOM   717 N N9    . DA  C 2 7  ? 11.830  -5.013  -11.814 1.00 12.92 ? 115 DA  C N9    1 
ATOM   718 C C8    . DA  C 2 7  ? 12.247  -3.707  -11.775 1.00 13.12 ? 115 DA  C C8    1 
ATOM   719 N N7    . DA  C 2 7  ? 11.798  -2.979  -12.766 1.00 10.73 ? 115 DA  C N7    1 
ATOM   720 C C5    . DA  C 2 7  ? 10.988  -3.848  -13.478 1.00 10.35 ? 115 DA  C C5    1 
ATOM   721 C C6    . DA  C 2 7  ? 10.210  -3.671  -14.631 1.00 9.79  ? 115 DA  C C6    1 
ATOM   722 N N6    . DA  C 2 7  ? 10.105  -2.503  -15.271 1.00 9.70  ? 115 DA  C N6    1 
ATOM   723 N N1    . DA  C 2 7  ? 9.531   -4.743  -15.108 1.00 10.56 ? 115 DA  C N1    1 
ATOM   724 C C2    . DA  C 2 7  ? 9.645   -5.911  -14.451 1.00 11.14 ? 115 DA  C C2    1 
ATOM   725 N N3    . DA  C 2 7  ? 10.362  -6.201  -13.359 1.00 10.33 ? 115 DA  C N3    1 
ATOM   726 C C4    . DA  C 2 7  ? 11.002  -5.108  -12.909 1.00 11.70 ? 115 DA  C C4    1 
ATOM   727 P P     . DC  C 2 8  ? 15.259  -8.480  -9.380  1.00 16.60 ? 116 DC  C P     1 
ATOM   728 O OP1   . DC  C 2 8  ? 15.483  -9.752  -8.559  1.00 16.83 ? 116 DC  C OP1   1 
ATOM   729 O OP2   . DC  C 2 8  ? 16.279  -7.406  -9.424  1.00 15.54 ? 116 DC  C OP2   1 
ATOM   730 O "O5'" . DC  C 2 8  ? 14.988  -8.869  -10.905 1.00 16.34 ? 116 DC  C "O5'" 1 
ATOM   731 C "C5'" . DC  C 2 8  ? 13.940  -9.783  -11.225 1.00 16.29 ? 116 DC  C "C5'" 1 
ATOM   732 C "C4'" . DC  C 2 8  ? 13.632  -9.746  -12.706 1.00 15.90 ? 116 DC  C "C4'" 1 
ATOM   733 O "O4'" . DC  C 2 8  ? 13.137  -8.455  -13.067 1.00 15.16 ? 116 DC  C "O4'" 1 
ATOM   734 C "C3'" . DC  C 2 8  ? 14.790  -9.950  -13.671 1.00 16.09 ? 116 DC  C "C3'" 1 
ATOM   735 O "O3'" . DC  C 2 8  ? 15.124  -11.336 -13.860 1.00 18.21 ? 116 DC  C "O3'" 1 
ATOM   736 C "C2'" . DC  C 2 8  ? 14.243  -9.344  -14.959 1.00 15.26 ? 116 DC  C "C2'" 1 
ATOM   737 C "C1'" . DC  C 2 8  ? 13.103  -8.428  -14.492 1.00 15.04 ? 116 DC  C "C1'" 1 
ATOM   738 N N1    . DC  C 2 8  ? 13.236  -7.041  -14.910 1.00 12.02 ? 116 DC  C N1    1 
ATOM   739 C C2    . DC  C 2 8  ? 12.597  -6.609  -16.072 1.00 11.06 ? 116 DC  C C2    1 
ATOM   740 O O2    . DC  C 2 8  ? 11.868  -7.400  -16.689 1.00 9.68  ? 116 DC  C O2    1 
ATOM   741 N N3    . DC  C 2 8  ? 12.734  -5.320  -16.457 1.00 11.31 ? 116 DC  C N3    1 
ATOM   742 C C4    . DC  C 2 8  ? 13.457  -4.481  -15.717 1.00 10.65 ? 116 DC  C C4    1 
ATOM   743 N N4    . DC  C 2 8  ? 13.579  -3.223  -16.145 1.00 9.78  ? 116 DC  C N4    1 
ATOM   744 C C5    . DC  C 2 8  ? 14.177  -4.918  -14.568 1.00 11.93 ? 116 DC  C C5    1 
ATOM   745 C C6    . DC  C 2 8  ? 14.040  -6.191  -14.205 1.00 13.04 ? 116 DC  C C6    1 
HETATM 746 O O     . HOH D 3 .  ? -8.297  -3.439  3.184   1.00 5.85  ? 101 HOH A O     1 
HETATM 747 O O     . HOH D 3 .  ? -2.876  -10.955 -7.784  1.00 10.99 ? 102 HOH A O     1 
HETATM 748 O O     . HOH D 3 .  ? 0.595   5.591   -7.840  1.00 9.17  ? 103 HOH A O     1 
HETATM 749 O O     . HOH D 3 .  ? -2.961  16.956  -2.127  1.00 14.49 ? 104 HOH A O     1 
HETATM 750 O O     . HOH D 3 .  ? 4.390   7.201   -2.609  1.00 14.14 ? 105 HOH A O     1 
HETATM 751 O O     . HOH D 3 .  ? 6.779   -7.337  -3.900  1.00 15.34 ? 106 HOH A O     1 
HETATM 752 O O     . HOH D 3 .  ? 1.293   -14.336 2.453   1.00 16.00 ? 107 HOH A O     1 
HETATM 753 O O     . HOH D 3 .  ? -8.545  10.070  3.419   1.00 15.08 ? 108 HOH A O     1 
HETATM 754 O O     . HOH D 3 .  ? 4.100   5.386   -4.615  1.00 12.70 ? 109 HOH A O     1 
HETATM 755 O O     . HOH D 3 .  ? 4.815   -15.132 -0.155  1.00 17.25 ? 110 HOH A O     1 
HETATM 756 O O     . HOH D 3 .  ? -7.908  1.201   3.734   1.00 16.71 ? 111 HOH A O     1 
HETATM 757 O O     . HOH D 3 .  ? 8.799   3.846   -1.309  1.00 20.00 ? 112 HOH A O     1 
HETATM 758 O O     . HOH D 3 .  ? -13.057 -11.086 7.408   1.00 11.86 ? 113 HOH A O     1 
HETATM 759 O O     . HOH D 3 .  ? 10.223  -7.862  -5.288  1.00 15.92 ? 114 HOH A O     1 
HETATM 760 O O     . HOH D 3 .  ? -0.463  -14.750 -1.037  1.00 16.18 ? 115 HOH A O     1 
HETATM 761 O O     . HOH D 3 .  ? 10.231  -7.478  0.306   1.00 16.56 ? 116 HOH A O     1 
HETATM 762 O O     . HOH D 3 .  ? -8.048  -9.101  -4.215  1.00 14.93 ? 117 HOH A O     1 
HETATM 763 O O     . HOH D 3 .  ? -4.889  18.914  -5.928  1.00 18.26 ? 118 HOH A O     1 
HETATM 764 O O     . HOH D 3 .  ? 2.149   14.908  4.372   1.00 16.63 ? 119 HOH A O     1 
HETATM 765 O O     . HOH D 3 .  ? -9.451  -1.025  3.805   1.00 19.22 ? 120 HOH A O     1 
HETATM 766 O O     . HOH D 3 .  ? 1.315   -11.653 -13.619 1.00 22.43 ? 121 HOH A O     1 
HETATM 767 O O     . HOH D 3 .  ? 6.960   -2.517  0.635   1.00 17.05 ? 122 HOH A O     1 
HETATM 768 O O     . HOH D 3 .  ? -8.893  3.479   2.488   1.00 20.62 ? 123 HOH A O     1 
HETATM 769 O O     . HOH D 3 .  ? -9.442  10.790  -3.744  1.00 20.77 ? 124 HOH A O     1 
HETATM 770 O O     . HOH D 3 .  ? 10.815  -9.473  -9.393  1.00 22.99 ? 125 HOH A O     1 
HETATM 771 O O     . HOH D 3 .  ? -4.589  3.086   2.264   1.00 21.73 ? 126 HOH A O     1 
HETATM 772 O O     . HOH D 3 .  ? 5.643   -15.604 -2.758  1.00 20.20 ? 127 HOH A O     1 
HETATM 773 O O     . HOH D 3 .  ? 8.780   1.240   -3.011  1.00 15.00 ? 128 HOH A O     1 
HETATM 774 O O     . HOH E 3 .  ? -9.287  -3.746  -13.118 1.00 14.08 ? 201 HOH B O     1 
HETATM 775 O O     . HOH E 3 .  ? 2.883   -13.247 -20.807 1.00 14.26 ? 202 HOH B O     1 
HETATM 776 O O     . HOH E 3 .  ? -9.131  -8.319  -9.391  1.00 15.94 ? 203 HOH B O     1 
HETATM 777 O O     . HOH E 3 .  ? 4.219   -0.766  -16.940 1.00 11.81 ? 204 HOH B O     1 
HETATM 778 O O     . HOH E 3 .  ? -1.276  -8.452  -22.101 1.00 11.49 ? 205 HOH B O     1 
HETATM 779 O O     . HOH E 3 .  ? -0.715  -6.165  -18.397 1.00 13.82 ? 206 HOH B O     1 
HETATM 780 O O     . HOH E 3 .  ? 8.891   0.040   -17.783 1.00 16.11 ? 207 HOH B O     1 
HETATM 781 O O     . HOH E 3 .  ? -10.194 -0.192  -5.072  1.00 19.48 ? 208 HOH B O     1 
HETATM 782 O O     . HOH E 3 .  ? -12.276 -2.933  -11.230 1.00 15.75 ? 209 HOH B O     1 
HETATM 783 O O     . HOH E 3 .  ? -5.735  7.347   -11.629 1.00 16.75 ? 210 HOH B O     1 
HETATM 784 O O     . HOH E 3 .  ? -6.322  10.251  -6.000  1.00 14.24 ? 211 HOH B O     1 
HETATM 785 O O     . HOH E 3 .  ? -10.548 -6.555  -10.790 1.00 17.17 ? 212 HOH B O     1 
HETATM 786 O O     . HOH E 3 .  ? -1.131  -10.020 -24.358 1.00 6.55  ? 213 HOH B O     1 
HETATM 787 O O     . HOH E 3 .  ? -3.062  -12.248 -11.963 1.00 10.90 ? 214 HOH B O     1 
HETATM 788 O O     . HOH E 3 .  ? -6.963  -9.518  -7.876  1.00 13.83 ? 215 HOH B O     1 
HETATM 789 O O     . HOH E 3 .  ? -7.417  -5.575  -14.183 1.00 16.47 ? 216 HOH B O     1 
HETATM 790 O O     . HOH E 3 .  ? -14.052 1.532   -10.161 1.00 12.24 ? 217 HOH B O     1 
HETATM 791 O O     . HOH E 3 .  ? -11.265 -5.979  -6.886  1.00 12.73 ? 218 HOH B O     1 
HETATM 792 O O     . HOH E 3 .  ? 1.118   -11.614 -23.828 1.00 14.23 ? 219 HOH B O     1 
HETATM 793 O O     . HOH E 3 .  ? -13.165 2.466   -12.552 1.00 16.21 ? 220 HOH B O     1 
HETATM 794 O O     . HOH E 3 .  ? -4.733  -11.172 -10.145 1.00 11.91 ? 221 HOH B O     1 
HETATM 795 O O     . HOH E 3 .  ? -2.124  -2.204  -18.310 1.00 15.80 ? 222 HOH B O     1 
HETATM 796 O O     . HOH E 3 .  ? -7.444  -2.432  -17.387 1.00 20.24 ? 223 HOH B O     1 
HETATM 797 O O     . HOH E 3 .  ? -12.415 11.711  -6.465  1.00 20.68 ? 224 HOH B O     1 
HETATM 798 O O     . HOH E 3 .  ? -13.557 5.636   -8.738  1.00 21.07 ? 225 HOH B O     1 
HETATM 799 O O     . HOH E 3 .  ? -12.039 0.887   -14.550 1.00 16.74 ? 226 HOH B O     1 
HETATM 800 O O     . HOH F 3 .  ? 6.966   3.272   -11.166 1.00 11.14 ? 201 HOH C O     1 
HETATM 801 O O     . HOH F 3 .  ? -10.614 0.406   -18.295 1.00 18.72 ? 202 HOH C O     1 
HETATM 802 O O     . HOH F 3 .  ? 2.311   2.897   -17.902 1.00 10.42 ? 203 HOH C O     1 
HETATM 803 O O     . HOH F 3 .  ? 2.737   5.529   -18.679 1.00 14.71 ? 204 HOH C O     1 
HETATM 804 O O     . HOH F 3 .  ? 13.996  -1.735  -9.562  1.00 22.73 ? 205 HOH C O     1 
HETATM 805 O O     . HOH F 3 .  ? 11.913  -0.344  -13.829 1.00 11.37 ? 206 HOH C O     1 
HETATM 806 O O     . HOH F 3 .  ? 5.821   9.047   -14.189 1.00 18.51 ? 207 HOH C O     1 
HETATM 807 O O     . HOH F 3 .  ? 10.691  1.525   -9.750  1.00 14.59 ? 208 HOH C O     1 
HETATM 808 O O     . HOH F 3 .  ? 12.928  -8.679  -5.742  1.00 17.06 ? 209 HOH C O     1 
HETATM 809 O O     . HOH F 3 .  ? 6.218   3.688   -16.986 1.00 15.57 ? 210 HOH C O     1 
HETATM 810 O O     . HOH F 3 .  ? 8.945   5.654   -13.710 1.00 14.34 ? 211 HOH C O     1 
HETATM 811 O O     . HOH F 3 .  ? 7.945   1.695   -15.660 1.00 10.85 ? 212 HOH C O     1 
HETATM 812 O O     . HOH F 3 .  ? 8.682   3.025   -13.440 1.00 12.87 ? 213 HOH C O     1 
HETATM 813 O O     . HOH F 3 .  ? 8.505   3.078   -9.037  1.00 15.52 ? 214 HOH C O     1 
HETATM 814 O O     . HOH F 3 .  ? 10.960  1.854   -12.392 1.00 13.61 ? 215 HOH C O     1 
HETATM 815 O O     . HOH F 3 .  ? 6.365   6.625   -13.331 1.00 15.60 ? 216 HOH C O     1 
HETATM 816 O O     . HOH F 3 .  ? 4.853   5.350   -15.290 1.00 15.32 ? 217 HOH C O     1 
HETATM 817 O O     . HOH F 3 .  ? -0.498  1.608   -19.030 1.00 20.48 ? 218 HOH C O     1 
# 
loop_
_pdbx_poly_seq_scheme.asym_id 
_pdbx_poly_seq_scheme.entity_id 
_pdbx_poly_seq_scheme.seq_id 
_pdbx_poly_seq_scheme.mon_id 
_pdbx_poly_seq_scheme.ndb_seq_num 
_pdbx_poly_seq_scheme.pdb_seq_num 
_pdbx_poly_seq_scheme.auth_seq_num 
_pdbx_poly_seq_scheme.pdb_mon_id 
_pdbx_poly_seq_scheme.auth_mon_id 
_pdbx_poly_seq_scheme.pdb_strand_id 
_pdbx_poly_seq_scheme.pdb_ins_code 
_pdbx_poly_seq_scheme.hetero 
A 1 1  MET 1  1   ?   ?   ?   A . n 
A 1 2  SER 2  2   ?   ?   ?   A . n 
A 1 3  SER 3  3   3   SER SER A . n 
A 1 4  GLY 4  4   4   GLY GLY A . n 
A 1 5  LYS 5  5   5   LYS LYS A . n 
A 1 6  LYS 6  6   6   LYS LYS A . n 
A 1 7  PRO 7  7   7   PRO PRO A . n 
A 1 8  VAL 8  8   8   VAL VAL A . n 
A 1 9  LYS 9  9   9   LYS LYS A . n 
A 1 10 VAL 10 10  10  VAL VAL A . n 
A 1 11 LYS 11 11  11  LYS LYS A . n 
A 1 12 THR 12 12  12  THR THR A . n 
A 1 13 PRO 13 13  13  PRO PRO A . n 
A 1 14 ALA 14 14  14  ALA ALA A . n 
A 1 15 GLY 15 15  15  GLY GLY A . n 
A 1 16 LYS 16 16  16  LYS LYS A . n 
A 1 17 GLU 17 17  17  GLU GLU A . n 
A 1 18 ALA 18 18  18  ALA ALA A . n 
A 1 19 GLU 19 19  19  GLU GLU A . n 
A 1 20 LEU 20 20  20  LEU LEU A . n 
A 1 21 VAL 21 21  21  VAL VAL A . n 
A 1 22 PRO 22 22  22  PRO PRO A . n 
A 1 23 GLU 23 23  23  GLU GLU A . n 
A 1 24 LYS 24 24  24  LYS LYS A . n 
A 1 25 VAL 25 25  25  VAL VAL A . n 
A 1 26 TRP 26 26  26  TRP TRP A . n 
A 1 27 ALA 27 27  27  ALA ALA A . n 
A 1 28 LEU 28 28  28  LEU LEU A . n 
A 1 29 GLY 29 29  29  GLY GLY A . n 
A 1 30 ARG 30 30  30  ARG ARG A . n 
A 1 31 VAL 31 31  31  VAL VAL A . n 
A 1 32 LYS 32 32  32  LYS LYS A . n 
A 1 33 ILE 33 33  33  ILE ILE A . n 
A 1 34 GLY 34 34  34  GLY GLY A . n 
A 1 35 LEU 35 35  35  LEU LEU A . n 
A 1 36 PHE 36 36  36  PHE PHE A . n 
A 1 37 LYS 37 37  37  LYS LYS A . n 
A 1 38 ASP 38 38  38  ASP ASP A . n 
A 1 39 PRO 39 39  39  PRO PRO A . n 
A 1 40 GLU 40 40  40  GLU GLU A . n 
A 1 41 THR 41 41  41  THR THR A . n 
A 1 42 GLY 42 42  42  GLY GLY A . n 
A 1 43 LYS 43 43  43  LYS LYS A . n 
A 1 44 TYR 44 44  44  TYR TYR A . n 
A 1 45 PHE 45 45  45  PHE PHE A . n 
A 1 46 ARG 46 46  46  ARG ARG A . n 
A 1 47 HIS 47 47  47  HIS HIS A . n 
A 1 48 LYS 48 48  48  LYS LYS A . n 
A 1 49 LEU 49 49  49  LEU LEU A . n 
A 1 50 PRO 50 50  50  PRO PRO A . n 
A 1 51 ASP 51 51  51  ASP ASP A . n 
A 1 52 ASP 52 52  52  ASP ASP A . n 
A 1 53 TYR 53 53  53  TYR TYR A . n 
A 1 54 PRO 54 54  54  PRO PRO A . n 
A 1 55 ILE 55 55  55  ILE ILE A . n 
B 2 1  DG  1  101 101 DG  DG  B . n 
B 2 2  DT  2  102 102 DT  DT  B . n 
B 2 3  DG  3  103 103 DG  DG  B . n 
B 2 4  DA  4  104 104 DA  DA  B . n 
B 2 5  DT  5  105 105 DT  DT  B . n 
B 2 6  DC  6  106 106 DC  DC  B . n 
B 2 7  DA  7  107 107 DA  DA  B . n 
B 2 8  DC  8  108 108 DC  DC  B . n 
C 2 1  DG  1  109 109 DG  DG  C . n 
C 2 2  DT  2  110 110 DT  DT  C . n 
C 2 3  DG  3  111 111 DG  DG  C . n 
C 2 4  DA  4  112 112 DA  DA  C . n 
C 2 5  DT  5  113 113 DT  DT  C . n 
C 2 6  DC  6  114 114 DC  DC  C . n 
C 2 7  DA  7  115 115 DA  DA  C . n 
C 2 8  DC  8  116 116 DC  DC  C . n 
# 
loop_
_pdbx_nonpoly_scheme.asym_id 
_pdbx_nonpoly_scheme.entity_id 
_pdbx_nonpoly_scheme.mon_id 
_pdbx_nonpoly_scheme.ndb_seq_num 
_pdbx_nonpoly_scheme.pdb_seq_num 
_pdbx_nonpoly_scheme.auth_seq_num 
_pdbx_nonpoly_scheme.pdb_mon_id 
_pdbx_nonpoly_scheme.auth_mon_id 
_pdbx_nonpoly_scheme.pdb_strand_id 
_pdbx_nonpoly_scheme.pdb_ins_code 
D 3 HOH 1  101 1  HOH HOH A . 
D 3 HOH 2  102 4  HOH HOH A . 
D 3 HOH 3  103 7  HOH HOH A . 
D 3 HOH 4  104 13 HOH HOH A . 
D 3 HOH 5  105 14 HOH HOH A . 
D 3 HOH 6  106 15 HOH HOH A . 
D 3 HOH 7  107 16 HOH HOH A . 
D 3 HOH 8  108 18 HOH HOH A . 
D 3 HOH 9  109 22 HOH HOH A . 
D 3 HOH 10 110 34 HOH HOH A . 
D 3 HOH 11 111 46 HOH HOH A . 
D 3 HOH 12 112 47 HOH HOH A . 
D 3 HOH 13 113 48 HOH HOH A . 
D 3 HOH 14 114 50 HOH HOH A . 
D 3 HOH 15 115 51 HOH HOH A . 
D 3 HOH 16 116 52 HOH HOH A . 
D 3 HOH 17 117 54 HOH HOH A . 
D 3 HOH 18 118 56 HOH HOH A . 
D 3 HOH 19 119 59 HOH HOH A . 
D 3 HOH 20 120 61 HOH HOH A . 
D 3 HOH 21 121 63 HOH HOH A . 
D 3 HOH 22 122 64 HOH HOH A . 
D 3 HOH 23 123 66 HOH HOH A . 
D 3 HOH 24 124 68 HOH HOH A . 
D 3 HOH 25 125 69 HOH HOH A . 
D 3 HOH 26 126 71 HOH HOH A . 
D 3 HOH 27 127 73 HOH HOH A . 
D 3 HOH 28 128 25 HOH HOH A . 
E 3 HOH 1  201 2  HOH HOH B . 
E 3 HOH 2  202 5  HOH HOH B . 
E 3 HOH 3  203 6  HOH HOH B . 
E 3 HOH 4  204 8  HOH HOH B . 
E 3 HOH 5  205 9  HOH HOH B . 
E 3 HOH 6  206 12 HOH HOH B . 
E 3 HOH 7  207 19 HOH HOH B . 
E 3 HOH 8  208 20 HOH HOH B . 
E 3 HOH 9  209 21 HOH HOH B . 
E 3 HOH 10 210 23 HOH HOH B . 
E 3 HOH 11 211 26 HOH HOH B . 
E 3 HOH 12 212 27 HOH HOH B . 
E 3 HOH 13 213 30 HOH HOH B . 
E 3 HOH 14 214 33 HOH HOH B . 
E 3 HOH 15 215 38 HOH HOH B . 
E 3 HOH 16 216 40 HOH HOH B . 
E 3 HOH 17 217 41 HOH HOH B . 
E 3 HOH 18 218 42 HOH HOH B . 
E 3 HOH 19 219 43 HOH HOH B . 
E 3 HOH 20 220 49 HOH HOH B . 
E 3 HOH 21 221 55 HOH HOH B . 
E 3 HOH 22 222 58 HOH HOH B . 
E 3 HOH 23 223 60 HOH HOH B . 
E 3 HOH 24 224 65 HOH HOH B . 
E 3 HOH 25 225 67 HOH HOH B . 
E 3 HOH 26 226 70 HOH HOH B . 
F 3 HOH 1  201 3  HOH HOH C . 
F 3 HOH 2  202 10 HOH HOH C . 
F 3 HOH 3  203 11 HOH HOH C . 
F 3 HOH 4  204 17 HOH HOH C . 
F 3 HOH 5  205 24 HOH HOH C . 
F 3 HOH 6  206 28 HOH HOH C . 
F 3 HOH 7  207 29 HOH HOH C . 
F 3 HOH 8  208 31 HOH HOH C . 
F 3 HOH 9  209 32 HOH HOH C . 
F 3 HOH 10 210 35 HOH HOH C . 
F 3 HOH 11 211 36 HOH HOH C . 
F 3 HOH 12 212 37 HOH HOH C . 
F 3 HOH 13 213 44 HOH HOH C . 
F 3 HOH 14 214 45 HOH HOH C . 
F 3 HOH 15 215 53 HOH HOH C . 
F 3 HOH 16 216 57 HOH HOH C . 
F 3 HOH 17 217 62 HOH HOH C . 
F 3 HOH 18 218 72 HOH HOH C . 
# 
_pdbx_struct_assembly.id                   1 
_pdbx_struct_assembly.details              author_defined_assembly 
_pdbx_struct_assembly.method_details       ? 
_pdbx_struct_assembly.oligomeric_details   trimeric 
_pdbx_struct_assembly.oligomeric_count     3 
# 
_pdbx_struct_assembly_gen.assembly_id       1 
_pdbx_struct_assembly_gen.oper_expression   1 
_pdbx_struct_assembly_gen.asym_id_list      A,B,C,D,E,F 
# 
_pdbx_struct_oper_list.id                   1 
_pdbx_struct_oper_list.type                 'identity operation' 
_pdbx_struct_oper_list.name                 1_555 
_pdbx_struct_oper_list.symmetry_operation   x,y,z 
_pdbx_struct_oper_list.matrix[1][1]         1.0000000000 
_pdbx_struct_oper_list.matrix[1][2]         0.0000000000 
_pdbx_struct_oper_list.matrix[1][3]         0.0000000000 
_pdbx_struct_oper_list.vector[1]            0.0000000000 
_pdbx_struct_oper_list.matrix[2][1]         0.0000000000 
_pdbx_struct_oper_list.matrix[2][2]         1.0000000000 
_pdbx_struct_oper_list.matrix[2][3]         0.0000000000 
_pdbx_struct_oper_list.vector[2]            0.0000000000 
_pdbx_struct_oper_list.matrix[3][1]         0.0000000000 
_pdbx_struct_oper_list.matrix[3][2]         0.0000000000 
_pdbx_struct_oper_list.matrix[3][3]         1.0000000000 
_pdbx_struct_oper_list.vector[3]            0.0000000000 
# 
loop_
_pdbx_audit_revision_history.ordinal 
_pdbx_audit_revision_history.data_content_type 
_pdbx_audit_revision_history.major_revision 
_pdbx_audit_revision_history.minor_revision 
_pdbx_audit_revision_history.revision_date 
1 'Structure model' 1 0 2015-08-05 
2 'Structure model' 1 1 2023-11-08 
# 
_pdbx_audit_revision_details.ordinal             1 
_pdbx_audit_revision_details.revision_ordinal    1 
_pdbx_audit_revision_details.data_content_type   'Structure model' 
_pdbx_audit_revision_details.provider            repository 
_pdbx_audit_revision_details.type                'Initial release' 
_pdbx_audit_revision_details.description         ? 
_pdbx_audit_revision_details.details             ? 
# 
loop_
_pdbx_audit_revision_group.ordinal 
_pdbx_audit_revision_group.revision_ordinal 
_pdbx_audit_revision_group.data_content_type 
_pdbx_audit_revision_group.group 
1 2 'Structure model' 'Data collection'        
2 2 'Structure model' 'Database references'    
3 2 'Structure model' 'Refinement description' 
# 
loop_
_pdbx_audit_revision_category.ordinal 
_pdbx_audit_revision_category.revision_ordinal 
_pdbx_audit_revision_category.data_content_type 
_pdbx_audit_revision_category.category 
1 2 'Structure model' chem_comp_atom                
2 2 'Structure model' chem_comp_bond                
3 2 'Structure model' database_2                    
4 2 'Structure model' pdbx_initial_refinement_model 
5 2 'Structure model' struct_ref_seq_dif            
# 
loop_
_pdbx_audit_revision_item.ordinal 
_pdbx_audit_revision_item.revision_ordinal 
_pdbx_audit_revision_item.data_content_type 
_pdbx_audit_revision_item.item 
1 2 'Structure model' '_database_2.pdbx_DOI'                
2 2 'Structure model' '_database_2.pdbx_database_accession' 
3 2 'Structure model' '_struct_ref_seq_dif.details'         
# 
loop_
_software.name 
_software.classification 
_software.version 
_software.citation_id 
_software.pdbx_ordinal 
CrystalClear 'data collection' .        ? 1 
PHASER       phasing           .        ? 2 
REFMAC       refinement        5.7.0032 ? 3 
HKL-2000     'data reduction'  .        ? 4 
HKL-2000     'data scaling'    .        ? 5 
# 
loop_
_pdbx_unobs_or_zero_occ_residues.id 
_pdbx_unobs_or_zero_occ_residues.PDB_model_num 
_pdbx_unobs_or_zero_occ_residues.polymer_flag 
_pdbx_unobs_or_zero_occ_residues.occupancy_flag 
_pdbx_unobs_or_zero_occ_residues.auth_asym_id 
_pdbx_unobs_or_zero_occ_residues.auth_comp_id 
_pdbx_unobs_or_zero_occ_residues.auth_seq_id 
_pdbx_unobs_or_zero_occ_residues.PDB_ins_code 
_pdbx_unobs_or_zero_occ_residues.label_asym_id 
_pdbx_unobs_or_zero_occ_residues.label_comp_id 
_pdbx_unobs_or_zero_occ_residues.label_seq_id 
1 1 Y 1 A MET 1 ? A MET 1 
2 1 Y 1 A SER 2 ? A SER 2 
# 
loop_
_chem_comp_atom.comp_id 
_chem_comp_atom.atom_id 
_chem_comp_atom.type_symbol 
_chem_comp_atom.pdbx_aromatic_flag 
_chem_comp_atom.pdbx_stereo_config 
_chem_comp_atom.pdbx_ordinal 
ALA N      N N N 1   
ALA CA     C N S 2   
ALA C      C N N 3   
ALA O      O N N 4   
ALA CB     C N N 5   
ALA OXT    O N N 6   
ALA H      H N N 7   
ALA H2     H N N 8   
ALA HA     H N N 9   
ALA HB1    H N N 10  
ALA HB2    H N N 11  
ALA HB3    H N N 12  
ALA HXT    H N N 13  
ARG N      N N N 14  
ARG CA     C N S 15  
ARG C      C N N 16  
ARG O      O N N 17  
ARG CB     C N N 18  
ARG CG     C N N 19  
ARG CD     C N N 20  
ARG NE     N N N 21  
ARG CZ     C N N 22  
ARG NH1    N N N 23  
ARG NH2    N N N 24  
ARG OXT    O N N 25  
ARG H      H N N 26  
ARG H2     H N N 27  
ARG HA     H N N 28  
ARG HB2    H N N 29  
ARG HB3    H N N 30  
ARG HG2    H N N 31  
ARG HG3    H N N 32  
ARG HD2    H N N 33  
ARG HD3    H N N 34  
ARG HE     H N N 35  
ARG HH11   H N N 36  
ARG HH12   H N N 37  
ARG HH21   H N N 38  
ARG HH22   H N N 39  
ARG HXT    H N N 40  
ASP N      N N N 41  
ASP CA     C N S 42  
ASP C      C N N 43  
ASP O      O N N 44  
ASP CB     C N N 45  
ASP CG     C N N 46  
ASP OD1    O N N 47  
ASP OD2    O N N 48  
ASP OXT    O N N 49  
ASP H      H N N 50  
ASP H2     H N N 51  
ASP HA     H N N 52  
ASP HB2    H N N 53  
ASP HB3    H N N 54  
ASP HD2    H N N 55  
ASP HXT    H N N 56  
DA  OP3    O N N 57  
DA  P      P N N 58  
DA  OP1    O N N 59  
DA  OP2    O N N 60  
DA  "O5'"  O N N 61  
DA  "C5'"  C N N 62  
DA  "C4'"  C N R 63  
DA  "O4'"  O N N 64  
DA  "C3'"  C N S 65  
DA  "O3'"  O N N 66  
DA  "C2'"  C N N 67  
DA  "C1'"  C N R 68  
DA  N9     N Y N 69  
DA  C8     C Y N 70  
DA  N7     N Y N 71  
DA  C5     C Y N 72  
DA  C6     C Y N 73  
DA  N6     N N N 74  
DA  N1     N Y N 75  
DA  C2     C Y N 76  
DA  N3     N Y N 77  
DA  C4     C Y N 78  
DA  HOP3   H N N 79  
DA  HOP2   H N N 80  
DA  "H5'"  H N N 81  
DA  "H5''" H N N 82  
DA  "H4'"  H N N 83  
DA  "H3'"  H N N 84  
DA  "HO3'" H N N 85  
DA  "H2'"  H N N 86  
DA  "H2''" H N N 87  
DA  "H1'"  H N N 88  
DA  H8     H N N 89  
DA  H61    H N N 90  
DA  H62    H N N 91  
DA  H2     H N N 92  
DC  OP3    O N N 93  
DC  P      P N N 94  
DC  OP1    O N N 95  
DC  OP2    O N N 96  
DC  "O5'"  O N N 97  
DC  "C5'"  C N N 98  
DC  "C4'"  C N R 99  
DC  "O4'"  O N N 100 
DC  "C3'"  C N S 101 
DC  "O3'"  O N N 102 
DC  "C2'"  C N N 103 
DC  "C1'"  C N R 104 
DC  N1     N N N 105 
DC  C2     C N N 106 
DC  O2     O N N 107 
DC  N3     N N N 108 
DC  C4     C N N 109 
DC  N4     N N N 110 
DC  C5     C N N 111 
DC  C6     C N N 112 
DC  HOP3   H N N 113 
DC  HOP2   H N N 114 
DC  "H5'"  H N N 115 
DC  "H5''" H N N 116 
DC  "H4'"  H N N 117 
DC  "H3'"  H N N 118 
DC  "HO3'" H N N 119 
DC  "H2'"  H N N 120 
DC  "H2''" H N N 121 
DC  "H1'"  H N N 122 
DC  H41    H N N 123 
DC  H42    H N N 124 
DC  H5     H N N 125 
DC  H6     H N N 126 
DG  OP3    O N N 127 
DG  P      P N N 128 
DG  OP1    O N N 129 
DG  OP2    O N N 130 
DG  "O5'"  O N N 131 
DG  "C5'"  C N N 132 
DG  "C4'"  C N R 133 
DG  "O4'"  O N N 134 
DG  "C3'"  C N S 135 
DG  "O3'"  O N N 136 
DG  "C2'"  C N N 137 
DG  "C1'"  C N R 138 
DG  N9     N Y N 139 
DG  C8     C Y N 140 
DG  N7     N Y N 141 
DG  C5     C Y N 142 
DG  C6     C N N 143 
DG  O6     O N N 144 
DG  N1     N N N 145 
DG  C2     C N N 146 
DG  N2     N N N 147 
DG  N3     N N N 148 
DG  C4     C Y N 149 
DG  HOP3   H N N 150 
DG  HOP2   H N N 151 
DG  "H5'"  H N N 152 
DG  "H5''" H N N 153 
DG  "H4'"  H N N 154 
DG  "H3'"  H N N 155 
DG  "HO3'" H N N 156 
DG  "H2'"  H N N 157 
DG  "H2''" H N N 158 
DG  "H1'"  H N N 159 
DG  H8     H N N 160 
DG  H1     H N N 161 
DG  H21    H N N 162 
DG  H22    H N N 163 
DT  OP3    O N N 164 
DT  P      P N N 165 
DT  OP1    O N N 166 
DT  OP2    O N N 167 
DT  "O5'"  O N N 168 
DT  "C5'"  C N N 169 
DT  "C4'"  C N R 170 
DT  "O4'"  O N N 171 
DT  "C3'"  C N S 172 
DT  "O3'"  O N N 173 
DT  "C2'"  C N N 174 
DT  "C1'"  C N R 175 
DT  N1     N N N 176 
DT  C2     C N N 177 
DT  O2     O N N 178 
DT  N3     N N N 179 
DT  C4     C N N 180 
DT  O4     O N N 181 
DT  C5     C N N 182 
DT  C7     C N N 183 
DT  C6     C N N 184 
DT  HOP3   H N N 185 
DT  HOP2   H N N 186 
DT  "H5'"  H N N 187 
DT  "H5''" H N N 188 
DT  "H4'"  H N N 189 
DT  "H3'"  H N N 190 
DT  "HO3'" H N N 191 
DT  "H2'"  H N N 192 
DT  "H2''" H N N 193 
DT  "H1'"  H N N 194 
DT  H3     H N N 195 
DT  H71    H N N 196 
DT  H72    H N N 197 
DT  H73    H N N 198 
DT  H6     H N N 199 
GLU N      N N N 200 
GLU CA     C N S 201 
GLU C      C N N 202 
GLU O      O N N 203 
GLU CB     C N N 204 
GLU CG     C N N 205 
GLU CD     C N N 206 
GLU OE1    O N N 207 
GLU OE2    O N N 208 
GLU OXT    O N N 209 
GLU H      H N N 210 
GLU H2     H N N 211 
GLU HA     H N N 212 
GLU HB2    H N N 213 
GLU HB3    H N N 214 
GLU HG2    H N N 215 
GLU HG3    H N N 216 
GLU HE2    H N N 217 
GLU HXT    H N N 218 
GLY N      N N N 219 
GLY CA     C N N 220 
GLY C      C N N 221 
GLY O      O N N 222 
GLY OXT    O N N 223 
GLY H      H N N 224 
GLY H2     H N N 225 
GLY HA2    H N N 226 
GLY HA3    H N N 227 
GLY HXT    H N N 228 
HIS N      N N N 229 
HIS CA     C N S 230 
HIS C      C N N 231 
HIS O      O N N 232 
HIS CB     C N N 233 
HIS CG     C Y N 234 
HIS ND1    N Y N 235 
HIS CD2    C Y N 236 
HIS CE1    C Y N 237 
HIS NE2    N Y N 238 
HIS OXT    O N N 239 
HIS H      H N N 240 
HIS H2     H N N 241 
HIS HA     H N N 242 
HIS HB2    H N N 243 
HIS HB3    H N N 244 
HIS HD1    H N N 245 
HIS HD2    H N N 246 
HIS HE1    H N N 247 
HIS HE2    H N N 248 
HIS HXT    H N N 249 
HOH O      O N N 250 
HOH H1     H N N 251 
HOH H2     H N N 252 
ILE N      N N N 253 
ILE CA     C N S 254 
ILE C      C N N 255 
ILE O      O N N 256 
ILE CB     C N S 257 
ILE CG1    C N N 258 
ILE CG2    C N N 259 
ILE CD1    C N N 260 
ILE OXT    O N N 261 
ILE H      H N N 262 
ILE H2     H N N 263 
ILE HA     H N N 264 
ILE HB     H N N 265 
ILE HG12   H N N 266 
ILE HG13   H N N 267 
ILE HG21   H N N 268 
ILE HG22   H N N 269 
ILE HG23   H N N 270 
ILE HD11   H N N 271 
ILE HD12   H N N 272 
ILE HD13   H N N 273 
ILE HXT    H N N 274 
LEU N      N N N 275 
LEU CA     C N S 276 
LEU C      C N N 277 
LEU O      O N N 278 
LEU CB     C N N 279 
LEU CG     C N N 280 
LEU CD1    C N N 281 
LEU CD2    C N N 282 
LEU OXT    O N N 283 
LEU H      H N N 284 
LEU H2     H N N 285 
LEU HA     H N N 286 
LEU HB2    H N N 287 
LEU HB3    H N N 288 
LEU HG     H N N 289 
LEU HD11   H N N 290 
LEU HD12   H N N 291 
LEU HD13   H N N 292 
LEU HD21   H N N 293 
LEU HD22   H N N 294 
LEU HD23   H N N 295 
LEU HXT    H N N 296 
LYS N      N N N 297 
LYS CA     C N S 298 
LYS C      C N N 299 
LYS O      O N N 300 
LYS CB     C N N 301 
LYS CG     C N N 302 
LYS CD     C N N 303 
LYS CE     C N N 304 
LYS NZ     N N N 305 
LYS OXT    O N N 306 
LYS H      H N N 307 
LYS H2     H N N 308 
LYS HA     H N N 309 
LYS HB2    H N N 310 
LYS HB3    H N N 311 
LYS HG2    H N N 312 
LYS HG3    H N N 313 
LYS HD2    H N N 314 
LYS HD3    H N N 315 
LYS HE2    H N N 316 
LYS HE3    H N N 317 
LYS HZ1    H N N 318 
LYS HZ2    H N N 319 
LYS HZ3    H N N 320 
LYS HXT    H N N 321 
MET N      N N N 322 
MET CA     C N S 323 
MET C      C N N 324 
MET O      O N N 325 
MET CB     C N N 326 
MET CG     C N N 327 
MET SD     S N N 328 
MET CE     C N N 329 
MET OXT    O N N 330 
MET H      H N N 331 
MET H2     H N N 332 
MET HA     H N N 333 
MET HB2    H N N 334 
MET HB3    H N N 335 
MET HG2    H N N 336 
MET HG3    H N N 337 
MET HE1    H N N 338 
MET HE2    H N N 339 
MET HE3    H N N 340 
MET HXT    H N N 341 
PHE N      N N N 342 
PHE CA     C N S 343 
PHE C      C N N 344 
PHE O      O N N 345 
PHE CB     C N N 346 
PHE CG     C Y N 347 
PHE CD1    C Y N 348 
PHE CD2    C Y N 349 
PHE CE1    C Y N 350 
PHE CE2    C Y N 351 
PHE CZ     C Y N 352 
PHE OXT    O N N 353 
PHE H      H N N 354 
PHE H2     H N N 355 
PHE HA     H N N 356 
PHE HB2    H N N 357 
PHE HB3    H N N 358 
PHE HD1    H N N 359 
PHE HD2    H N N 360 
PHE HE1    H N N 361 
PHE HE2    H N N 362 
PHE HZ     H N N 363 
PHE HXT    H N N 364 
PRO N      N N N 365 
PRO CA     C N S 366 
PRO C      C N N 367 
PRO O      O N N 368 
PRO CB     C N N 369 
PRO CG     C N N 370 
PRO CD     C N N 371 
PRO OXT    O N N 372 
PRO H      H N N 373 
PRO HA     H N N 374 
PRO HB2    H N N 375 
PRO HB3    H N N 376 
PRO HG2    H N N 377 
PRO HG3    H N N 378 
PRO HD2    H N N 379 
PRO HD3    H N N 380 
PRO HXT    H N N 381 
SER N      N N N 382 
SER CA     C N S 383 
SER C      C N N 384 
SER O      O N N 385 
SER CB     C N N 386 
SER OG     O N N 387 
SER OXT    O N N 388 
SER H      H N N 389 
SER H2     H N N 390 
SER HA     H N N 391 
SER HB2    H N N 392 
SER HB3    H N N 393 
SER HG     H N N 394 
SER HXT    H N N 395 
THR N      N N N 396 
THR CA     C N S 397 
THR C      C N N 398 
THR O      O N N 399 
THR CB     C N R 400 
THR OG1    O N N 401 
THR CG2    C N N 402 
THR OXT    O N N 403 
THR H      H N N 404 
THR H2     H N N 405 
THR HA     H N N 406 
THR HB     H N N 407 
THR HG1    H N N 408 
THR HG21   H N N 409 
THR HG22   H N N 410 
THR HG23   H N N 411 
THR HXT    H N N 412 
TRP N      N N N 413 
TRP CA     C N S 414 
TRP C      C N N 415 
TRP O      O N N 416 
TRP CB     C N N 417 
TRP CG     C Y N 418 
TRP CD1    C Y N 419 
TRP CD2    C Y N 420 
TRP NE1    N Y N 421 
TRP CE2    C Y N 422 
TRP CE3    C Y N 423 
TRP CZ2    C Y N 424 
TRP CZ3    C Y N 425 
TRP CH2    C Y N 426 
TRP OXT    O N N 427 
TRP H      H N N 428 
TRP H2     H N N 429 
TRP HA     H N N 430 
TRP HB2    H N N 431 
TRP HB3    H N N 432 
TRP HD1    H N N 433 
TRP HE1    H N N 434 
TRP HE3    H N N 435 
TRP HZ2    H N N 436 
TRP HZ3    H N N 437 
TRP HH2    H N N 438 
TRP HXT    H N N 439 
TYR N      N N N 440 
TYR CA     C N S 441 
TYR C      C N N 442 
TYR O      O N N 443 
TYR CB     C N N 444 
TYR CG     C Y N 445 
TYR CD1    C Y N 446 
TYR CD2    C Y N 447 
TYR CE1    C Y N 448 
TYR CE2    C Y N 449 
TYR CZ     C Y N 450 
TYR OH     O N N 451 
TYR OXT    O N N 452 
TYR H      H N N 453 
TYR H2     H N N 454 
TYR HA     H N N 455 
TYR HB2    H N N 456 
TYR HB3    H N N 457 
TYR HD1    H N N 458 
TYR HD2    H N N 459 
TYR HE1    H N N 460 
TYR HE2    H N N 461 
TYR HH     H N N 462 
TYR HXT    H N N 463 
VAL N      N N N 464 
VAL CA     C N S 465 
VAL C      C N N 466 
VAL O      O N N 467 
VAL CB     C N N 468 
VAL CG1    C N N 469 
VAL CG2    C N N 470 
VAL OXT    O N N 471 
VAL H      H N N 472 
VAL H2     H N N 473 
VAL HA     H N N 474 
VAL HB     H N N 475 
VAL HG11   H N N 476 
VAL HG12   H N N 477 
VAL HG13   H N N 478 
VAL HG21   H N N 479 
VAL HG22   H N N 480 
VAL HG23   H N N 481 
VAL HXT    H N N 482 
# 
loop_
_chem_comp_bond.comp_id 
_chem_comp_bond.atom_id_1 
_chem_comp_bond.atom_id_2 
_chem_comp_bond.value_order 
_chem_comp_bond.pdbx_aromatic_flag 
_chem_comp_bond.pdbx_stereo_config 
_chem_comp_bond.pdbx_ordinal 
ALA N     CA     sing N N 1   
ALA N     H      sing N N 2   
ALA N     H2     sing N N 3   
ALA CA    C      sing N N 4   
ALA CA    CB     sing N N 5   
ALA CA    HA     sing N N 6   
ALA C     O      doub N N 7   
ALA C     OXT    sing N N 8   
ALA CB    HB1    sing N N 9   
ALA CB    HB2    sing N N 10  
ALA CB    HB3    sing N N 11  
ALA OXT   HXT    sing N N 12  
ARG N     CA     sing N N 13  
ARG N     H      sing N N 14  
ARG N     H2     sing N N 15  
ARG CA    C      sing N N 16  
ARG CA    CB     sing N N 17  
ARG CA    HA     sing N N 18  
ARG C     O      doub N N 19  
ARG C     OXT    sing N N 20  
ARG CB    CG     sing N N 21  
ARG CB    HB2    sing N N 22  
ARG CB    HB3    sing N N 23  
ARG CG    CD     sing N N 24  
ARG CG    HG2    sing N N 25  
ARG CG    HG3    sing N N 26  
ARG CD    NE     sing N N 27  
ARG CD    HD2    sing N N 28  
ARG CD    HD3    sing N N 29  
ARG NE    CZ     sing N N 30  
ARG NE    HE     sing N N 31  
ARG CZ    NH1    sing N N 32  
ARG CZ    NH2    doub N N 33  
ARG NH1   HH11   sing N N 34  
ARG NH1   HH12   sing N N 35  
ARG NH2   HH21   sing N N 36  
ARG NH2   HH22   sing N N 37  
ARG OXT   HXT    sing N N 38  
ASP N     CA     sing N N 39  
ASP N     H      sing N N 40  
ASP N     H2     sing N N 41  
ASP CA    C      sing N N 42  
ASP CA    CB     sing N N 43  
ASP CA    HA     sing N N 44  
ASP C     O      doub N N 45  
ASP C     OXT    sing N N 46  
ASP CB    CG     sing N N 47  
ASP CB    HB2    sing N N 48  
ASP CB    HB3    sing N N 49  
ASP CG    OD1    doub N N 50  
ASP CG    OD2    sing N N 51  
ASP OD2   HD2    sing N N 52  
ASP OXT   HXT    sing N N 53  
DA  OP3   P      sing N N 54  
DA  OP3   HOP3   sing N N 55  
DA  P     OP1    doub N N 56  
DA  P     OP2    sing N N 57  
DA  P     "O5'"  sing N N 58  
DA  OP2   HOP2   sing N N 59  
DA  "O5'" "C5'"  sing N N 60  
DA  "C5'" "C4'"  sing N N 61  
DA  "C5'" "H5'"  sing N N 62  
DA  "C5'" "H5''" sing N N 63  
DA  "C4'" "O4'"  sing N N 64  
DA  "C4'" "C3'"  sing N N 65  
DA  "C4'" "H4'"  sing N N 66  
DA  "O4'" "C1'"  sing N N 67  
DA  "C3'" "O3'"  sing N N 68  
DA  "C3'" "C2'"  sing N N 69  
DA  "C3'" "H3'"  sing N N 70  
DA  "O3'" "HO3'" sing N N 71  
DA  "C2'" "C1'"  sing N N 72  
DA  "C2'" "H2'"  sing N N 73  
DA  "C2'" "H2''" sing N N 74  
DA  "C1'" N9     sing N N 75  
DA  "C1'" "H1'"  sing N N 76  
DA  N9    C8     sing Y N 77  
DA  N9    C4     sing Y N 78  
DA  C8    N7     doub Y N 79  
DA  C8    H8     sing N N 80  
DA  N7    C5     sing Y N 81  
DA  C5    C6     sing Y N 82  
DA  C5    C4     doub Y N 83  
DA  C6    N6     sing N N 84  
DA  C6    N1     doub Y N 85  
DA  N6    H61    sing N N 86  
DA  N6    H62    sing N N 87  
DA  N1    C2     sing Y N 88  
DA  C2    N3     doub Y N 89  
DA  C2    H2     sing N N 90  
DA  N3    C4     sing Y N 91  
DC  OP3   P      sing N N 92  
DC  OP3   HOP3   sing N N 93  
DC  P     OP1    doub N N 94  
DC  P     OP2    sing N N 95  
DC  P     "O5'"  sing N N 96  
DC  OP2   HOP2   sing N N 97  
DC  "O5'" "C5'"  sing N N 98  
DC  "C5'" "C4'"  sing N N 99  
DC  "C5'" "H5'"  sing N N 100 
DC  "C5'" "H5''" sing N N 101 
DC  "C4'" "O4'"  sing N N 102 
DC  "C4'" "C3'"  sing N N 103 
DC  "C4'" "H4'"  sing N N 104 
DC  "O4'" "C1'"  sing N N 105 
DC  "C3'" "O3'"  sing N N 106 
DC  "C3'" "C2'"  sing N N 107 
DC  "C3'" "H3'"  sing N N 108 
DC  "O3'" "HO3'" sing N N 109 
DC  "C2'" "C1'"  sing N N 110 
DC  "C2'" "H2'"  sing N N 111 
DC  "C2'" "H2''" sing N N 112 
DC  "C1'" N1     sing N N 113 
DC  "C1'" "H1'"  sing N N 114 
DC  N1    C2     sing N N 115 
DC  N1    C6     sing N N 116 
DC  C2    O2     doub N N 117 
DC  C2    N3     sing N N 118 
DC  N3    C4     doub N N 119 
DC  C4    N4     sing N N 120 
DC  C4    C5     sing N N 121 
DC  N4    H41    sing N N 122 
DC  N4    H42    sing N N 123 
DC  C5    C6     doub N N 124 
DC  C5    H5     sing N N 125 
DC  C6    H6     sing N N 126 
DG  OP3   P      sing N N 127 
DG  OP3   HOP3   sing N N 128 
DG  P     OP1    doub N N 129 
DG  P     OP2    sing N N 130 
DG  P     "O5'"  sing N N 131 
DG  OP2   HOP2   sing N N 132 
DG  "O5'" "C5'"  sing N N 133 
DG  "C5'" "C4'"  sing N N 134 
DG  "C5'" "H5'"  sing N N 135 
DG  "C5'" "H5''" sing N N 136 
DG  "C4'" "O4'"  sing N N 137 
DG  "C4'" "C3'"  sing N N 138 
DG  "C4'" "H4'"  sing N N 139 
DG  "O4'" "C1'"  sing N N 140 
DG  "C3'" "O3'"  sing N N 141 
DG  "C3'" "C2'"  sing N N 142 
DG  "C3'" "H3'"  sing N N 143 
DG  "O3'" "HO3'" sing N N 144 
DG  "C2'" "C1'"  sing N N 145 
DG  "C2'" "H2'"  sing N N 146 
DG  "C2'" "H2''" sing N N 147 
DG  "C1'" N9     sing N N 148 
DG  "C1'" "H1'"  sing N N 149 
DG  N9    C8     sing Y N 150 
DG  N9    C4     sing Y N 151 
DG  C8    N7     doub Y N 152 
DG  C8    H8     sing N N 153 
DG  N7    C5     sing Y N 154 
DG  C5    C6     sing N N 155 
DG  C5    C4     doub Y N 156 
DG  C6    O6     doub N N 157 
DG  C6    N1     sing N N 158 
DG  N1    C2     sing N N 159 
DG  N1    H1     sing N N 160 
DG  C2    N2     sing N N 161 
DG  C2    N3     doub N N 162 
DG  N2    H21    sing N N 163 
DG  N2    H22    sing N N 164 
DG  N3    C4     sing N N 165 
DT  OP3   P      sing N N 166 
DT  OP3   HOP3   sing N N 167 
DT  P     OP1    doub N N 168 
DT  P     OP2    sing N N 169 
DT  P     "O5'"  sing N N 170 
DT  OP2   HOP2   sing N N 171 
DT  "O5'" "C5'"  sing N N 172 
DT  "C5'" "C4'"  sing N N 173 
DT  "C5'" "H5'"  sing N N 174 
DT  "C5'" "H5''" sing N N 175 
DT  "C4'" "O4'"  sing N N 176 
DT  "C4'" "C3'"  sing N N 177 
DT  "C4'" "H4'"  sing N N 178 
DT  "O4'" "C1'"  sing N N 179 
DT  "C3'" "O3'"  sing N N 180 
DT  "C3'" "C2'"  sing N N 181 
DT  "C3'" "H3'"  sing N N 182 
DT  "O3'" "HO3'" sing N N 183 
DT  "C2'" "C1'"  sing N N 184 
DT  "C2'" "H2'"  sing N N 185 
DT  "C2'" "H2''" sing N N 186 
DT  "C1'" N1     sing N N 187 
DT  "C1'" "H1'"  sing N N 188 
DT  N1    C2     sing N N 189 
DT  N1    C6     sing N N 190 
DT  C2    O2     doub N N 191 
DT  C2    N3     sing N N 192 
DT  N3    C4     sing N N 193 
DT  N3    H3     sing N N 194 
DT  C4    O4     doub N N 195 
DT  C4    C5     sing N N 196 
DT  C5    C7     sing N N 197 
DT  C5    C6     doub N N 198 
DT  C7    H71    sing N N 199 
DT  C7    H72    sing N N 200 
DT  C7    H73    sing N N 201 
DT  C6    H6     sing N N 202 
GLU N     CA     sing N N 203 
GLU N     H      sing N N 204 
GLU N     H2     sing N N 205 
GLU CA    C      sing N N 206 
GLU CA    CB     sing N N 207 
GLU CA    HA     sing N N 208 
GLU C     O      doub N N 209 
GLU C     OXT    sing N N 210 
GLU CB    CG     sing N N 211 
GLU CB    HB2    sing N N 212 
GLU CB    HB3    sing N N 213 
GLU CG    CD     sing N N 214 
GLU CG    HG2    sing N N 215 
GLU CG    HG3    sing N N 216 
GLU CD    OE1    doub N N 217 
GLU CD    OE2    sing N N 218 
GLU OE2   HE2    sing N N 219 
GLU OXT   HXT    sing N N 220 
GLY N     CA     sing N N 221 
GLY N     H      sing N N 222 
GLY N     H2     sing N N 223 
GLY CA    C      sing N N 224 
GLY CA    HA2    sing N N 225 
GLY CA    HA3    sing N N 226 
GLY C     O      doub N N 227 
GLY C     OXT    sing N N 228 
GLY OXT   HXT    sing N N 229 
HIS N     CA     sing N N 230 
HIS N     H      sing N N 231 
HIS N     H2     sing N N 232 
HIS CA    C      sing N N 233 
HIS CA    CB     sing N N 234 
HIS CA    HA     sing N N 235 
HIS C     O      doub N N 236 
HIS C     OXT    sing N N 237 
HIS CB    CG     sing N N 238 
HIS CB    HB2    sing N N 239 
HIS CB    HB3    sing N N 240 
HIS CG    ND1    sing Y N 241 
HIS CG    CD2    doub Y N 242 
HIS ND1   CE1    doub Y N 243 
HIS ND1   HD1    sing N N 244 
HIS CD2   NE2    sing Y N 245 
HIS CD2   HD2    sing N N 246 
HIS CE1   NE2    sing Y N 247 
HIS CE1   HE1    sing N N 248 
HIS NE2   HE2    sing N N 249 
HIS OXT   HXT    sing N N 250 
HOH O     H1     sing N N 251 
HOH O     H2     sing N N 252 
ILE N     CA     sing N N 253 
ILE N     H      sing N N 254 
ILE N     H2     sing N N 255 
ILE CA    C      sing N N 256 
ILE CA    CB     sing N N 257 
ILE CA    HA     sing N N 258 
ILE C     O      doub N N 259 
ILE C     OXT    sing N N 260 
ILE CB    CG1    sing N N 261 
ILE CB    CG2    sing N N 262 
ILE CB    HB     sing N N 263 
ILE CG1   CD1    sing N N 264 
ILE CG1   HG12   sing N N 265 
ILE CG1   HG13   sing N N 266 
ILE CG2   HG21   sing N N 267 
ILE CG2   HG22   sing N N 268 
ILE CG2   HG23   sing N N 269 
ILE CD1   HD11   sing N N 270 
ILE CD1   HD12   sing N N 271 
ILE CD1   HD13   sing N N 272 
ILE OXT   HXT    sing N N 273 
LEU N     CA     sing N N 274 
LEU N     H      sing N N 275 
LEU N     H2     sing N N 276 
LEU CA    C      sing N N 277 
LEU CA    CB     sing N N 278 
LEU CA    HA     sing N N 279 
LEU C     O      doub N N 280 
LEU C     OXT    sing N N 281 
LEU CB    CG     sing N N 282 
LEU CB    HB2    sing N N 283 
LEU CB    HB3    sing N N 284 
LEU CG    CD1    sing N N 285 
LEU CG    CD2    sing N N 286 
LEU CG    HG     sing N N 287 
LEU CD1   HD11   sing N N 288 
LEU CD1   HD12   sing N N 289 
LEU CD1   HD13   sing N N 290 
LEU CD2   HD21   sing N N 291 
LEU CD2   HD22   sing N N 292 
LEU CD2   HD23   sing N N 293 
LEU OXT   HXT    sing N N 294 
LYS N     CA     sing N N 295 
LYS N     H      sing N N 296 
LYS N     H2     sing N N 297 
LYS CA    C      sing N N 298 
LYS CA    CB     sing N N 299 
LYS CA    HA     sing N N 300 
LYS C     O      doub N N 301 
LYS C     OXT    sing N N 302 
LYS CB    CG     sing N N 303 
LYS CB    HB2    sing N N 304 
LYS CB    HB3    sing N N 305 
LYS CG    CD     sing N N 306 
LYS CG    HG2    sing N N 307 
LYS CG    HG3    sing N N 308 
LYS CD    CE     sing N N 309 
LYS CD    HD2    sing N N 310 
LYS CD    HD3    sing N N 311 
LYS CE    NZ     sing N N 312 
LYS CE    HE2    sing N N 313 
LYS CE    HE3    sing N N 314 
LYS NZ    HZ1    sing N N 315 
LYS NZ    HZ2    sing N N 316 
LYS NZ    HZ3    sing N N 317 
LYS OXT   HXT    sing N N 318 
MET N     CA     sing N N 319 
MET N     H      sing N N 320 
MET N     H2     sing N N 321 
MET CA    C      sing N N 322 
MET CA    CB     sing N N 323 
MET CA    HA     sing N N 324 
MET C     O      doub N N 325 
MET C     OXT    sing N N 326 
MET CB    CG     sing N N 327 
MET CB    HB2    sing N N 328 
MET CB    HB3    sing N N 329 
MET CG    SD     sing N N 330 
MET CG    HG2    sing N N 331 
MET CG    HG3    sing N N 332 
MET SD    CE     sing N N 333 
MET CE    HE1    sing N N 334 
MET CE    HE2    sing N N 335 
MET CE    HE3    sing N N 336 
MET OXT   HXT    sing N N 337 
PHE N     CA     sing N N 338 
PHE N     H      sing N N 339 
PHE N     H2     sing N N 340 
PHE CA    C      sing N N 341 
PHE CA    CB     sing N N 342 
PHE CA    HA     sing N N 343 
PHE C     O      doub N N 344 
PHE C     OXT    sing N N 345 
PHE CB    CG     sing N N 346 
PHE CB    HB2    sing N N 347 
PHE CB    HB3    sing N N 348 
PHE CG    CD1    doub Y N 349 
PHE CG    CD2    sing Y N 350 
PHE CD1   CE1    sing Y N 351 
PHE CD1   HD1    sing N N 352 
PHE CD2   CE2    doub Y N 353 
PHE CD2   HD2    sing N N 354 
PHE CE1   CZ     doub Y N 355 
PHE CE1   HE1    sing N N 356 
PHE CE2   CZ     sing Y N 357 
PHE CE2   HE2    sing N N 358 
PHE CZ    HZ     sing N N 359 
PHE OXT   HXT    sing N N 360 
PRO N     CA     sing N N 361 
PRO N     CD     sing N N 362 
PRO N     H      sing N N 363 
PRO CA    C      sing N N 364 
PRO CA    CB     sing N N 365 
PRO CA    HA     sing N N 366 
PRO C     O      doub N N 367 
PRO C     OXT    sing N N 368 
PRO CB    CG     sing N N 369 
PRO CB    HB2    sing N N 370 
PRO CB    HB3    sing N N 371 
PRO CG    CD     sing N N 372 
PRO CG    HG2    sing N N 373 
PRO CG    HG3    sing N N 374 
PRO CD    HD2    sing N N 375 
PRO CD    HD3    sing N N 376 
PRO OXT   HXT    sing N N 377 
SER N     CA     sing N N 378 
SER N     H      sing N N 379 
SER N     H2     sing N N 380 
SER CA    C      sing N N 381 
SER CA    CB     sing N N 382 
SER CA    HA     sing N N 383 
SER C     O      doub N N 384 
SER C     OXT    sing N N 385 
SER CB    OG     sing N N 386 
SER CB    HB2    sing N N 387 
SER CB    HB3    sing N N 388 
SER OG    HG     sing N N 389 
SER OXT   HXT    sing N N 390 
THR N     CA     sing N N 391 
THR N     H      sing N N 392 
THR N     H2     sing N N 393 
THR CA    C      sing N N 394 
THR CA    CB     sing N N 395 
THR CA    HA     sing N N 396 
THR C     O      doub N N 397 
THR C     OXT    sing N N 398 
THR CB    OG1    sing N N 399 
THR CB    CG2    sing N N 400 
THR CB    HB     sing N N 401 
THR OG1   HG1    sing N N 402 
THR CG2   HG21   sing N N 403 
THR CG2   HG22   sing N N 404 
THR CG2   HG23   sing N N 405 
THR OXT   HXT    sing N N 406 
TRP N     CA     sing N N 407 
TRP N     H      sing N N 408 
TRP N     H2     sing N N 409 
TRP CA    C      sing N N 410 
TRP CA    CB     sing N N 411 
TRP CA    HA     sing N N 412 
TRP C     O      doub N N 413 
TRP C     OXT    sing N N 414 
TRP CB    CG     sing N N 415 
TRP CB    HB2    sing N N 416 
TRP CB    HB3    sing N N 417 
TRP CG    CD1    doub Y N 418 
TRP CG    CD2    sing Y N 419 
TRP CD1   NE1    sing Y N 420 
TRP CD1   HD1    sing N N 421 
TRP CD2   CE2    doub Y N 422 
TRP CD2   CE3    sing Y N 423 
TRP NE1   CE2    sing Y N 424 
TRP NE1   HE1    sing N N 425 
TRP CE2   CZ2    sing Y N 426 
TRP CE3   CZ3    doub Y N 427 
TRP CE3   HE3    sing N N 428 
TRP CZ2   CH2    doub Y N 429 
TRP CZ2   HZ2    sing N N 430 
TRP CZ3   CH2    sing Y N 431 
TRP CZ3   HZ3    sing N N 432 
TRP CH2   HH2    sing N N 433 
TRP OXT   HXT    sing N N 434 
TYR N     CA     sing N N 435 
TYR N     H      sing N N 436 
TYR N     H2     sing N N 437 
TYR CA    C      sing N N 438 
TYR CA    CB     sing N N 439 
TYR CA    HA     sing N N 440 
TYR C     O      doub N N 441 
TYR C     OXT    sing N N 442 
TYR CB    CG     sing N N 443 
TYR CB    HB2    sing N N 444 
TYR CB    HB3    sing N N 445 
TYR CG    CD1    doub Y N 446 
TYR CG    CD2    sing Y N 447 
TYR CD1   CE1    sing Y N 448 
TYR CD1   HD1    sing N N 449 
TYR CD2   CE2    doub Y N 450 
TYR CD2   HD2    sing N N 451 
TYR CE1   CZ     doub Y N 452 
TYR CE1   HE1    sing N N 453 
TYR CE2   CZ     sing Y N 454 
TYR CE2   HE2    sing N N 455 
TYR CZ    OH     sing N N 456 
TYR OH    HH     sing N N 457 
TYR OXT   HXT    sing N N 458 
VAL N     CA     sing N N 459 
VAL N     H      sing N N 460 
VAL N     H2     sing N N 461 
VAL CA    C      sing N N 462 
VAL CA    CB     sing N N 463 
VAL CA    HA     sing N N 464 
VAL C     O      doub N N 465 
VAL C     OXT    sing N N 466 
VAL CB    CG1    sing N N 467 
VAL CB    CG2    sing N N 468 
VAL CB    HB     sing N N 469 
VAL CG1   HG11   sing N N 470 
VAL CG1   HG12   sing N N 471 
VAL CG1   HG13   sing N N 472 
VAL CG2   HG21   sing N N 473 
VAL CG2   HG22   sing N N 474 
VAL CG2   HG23   sing N N 475 
VAL OXT   HXT    sing N N 476 
# 
_ndb_struct_conf_na.entry_id   4R55 
_ndb_struct_conf_na.feature    'b-form double helix' 
# 
loop_
_ndb_struct_na_base_pair.model_number 
_ndb_struct_na_base_pair.i_label_asym_id 
_ndb_struct_na_base_pair.i_label_comp_id 
_ndb_struct_na_base_pair.i_label_seq_id 
_ndb_struct_na_base_pair.i_symmetry 
_ndb_struct_na_base_pair.j_label_asym_id 
_ndb_struct_na_base_pair.j_label_comp_id 
_ndb_struct_na_base_pair.j_label_seq_id 
_ndb_struct_na_base_pair.j_symmetry 
_ndb_struct_na_base_pair.shear 
_ndb_struct_na_base_pair.stretch 
_ndb_struct_na_base_pair.stagger 
_ndb_struct_na_base_pair.buckle 
_ndb_struct_na_base_pair.propeller 
_ndb_struct_na_base_pair.opening 
_ndb_struct_na_base_pair.pair_number 
_ndb_struct_na_base_pair.pair_name 
_ndb_struct_na_base_pair.i_auth_asym_id 
_ndb_struct_na_base_pair.i_auth_seq_id 
_ndb_struct_na_base_pair.i_PDB_ins_code 
_ndb_struct_na_base_pair.j_auth_asym_id 
_ndb_struct_na_base_pair.j_auth_seq_id 
_ndb_struct_na_base_pair.j_PDB_ins_code 
_ndb_struct_na_base_pair.hbond_type_28 
_ndb_struct_na_base_pair.hbond_type_12 
1 B DG 1 1_555 C DC 8 1_555 -0.193 -0.112 0.196  5.655   -1.714 -0.712 1 B_DG101:DC116_C B 101 ? C 116 ? 19 1 
1 B DT 2 1_555 C DA 7 1_555 -0.005 -0.126 0.069  2.856   -9.852 -0.573 2 B_DT102:DA115_C B 102 ? C 115 ? 20 1 
1 B DG 3 1_555 C DC 6 1_555 -0.166 -0.120 0.413  24.096  -9.185 1.678  3 B_DG103:DC114_C B 103 ? C 114 ? 19 1 
1 B DA 4 1_555 C DT 5 1_555 0.162  -0.072 -0.315 -24.457 2.866  3.540  4 B_DA104:DT113_C B 104 ? C 113 ? 20 1 
1 B DT 5 1_555 C DA 4 1_555 -0.078 -0.048 0.124  -10.656 -7.736 1.621  5 B_DT105:DA112_C B 105 ? C 112 ? 20 1 
1 B DC 6 1_555 C DG 3 1_555 0.367  -0.114 0.071  2.099   -1.450 0.330  6 B_DC106:DG111_C B 106 ? C 111 ? 19 1 
1 B DA 7 1_555 C DT 2 1_555 0.016  -0.163 0.025  1.974   -5.586 -1.947 7 B_DA107:DT110_C B 107 ? C 110 ? 20 1 
1 B DC 8 1_555 C DG 1 1_555 0.198  -0.133 -0.085 5.633   -5.194 -0.604 8 B_DC108:DG109_C B 108 ? C 109 ? 19 1 
# 
loop_
_ndb_struct_na_base_pair_step.model_number 
_ndb_struct_na_base_pair_step.i_label_asym_id_1 
_ndb_struct_na_base_pair_step.i_label_comp_id_1 
_ndb_struct_na_base_pair_step.i_label_seq_id_1 
_ndb_struct_na_base_pair_step.i_symmetry_1 
_ndb_struct_na_base_pair_step.j_label_asym_id_1 
_ndb_struct_na_base_pair_step.j_label_comp_id_1 
_ndb_struct_na_base_pair_step.j_label_seq_id_1 
_ndb_struct_na_base_pair_step.j_symmetry_1 
_ndb_struct_na_base_pair_step.i_label_asym_id_2 
_ndb_struct_na_base_pair_step.i_label_comp_id_2 
_ndb_struct_na_base_pair_step.i_label_seq_id_2 
_ndb_struct_na_base_pair_step.i_symmetry_2 
_ndb_struct_na_base_pair_step.j_label_asym_id_2 
_ndb_struct_na_base_pair_step.j_label_comp_id_2 
_ndb_struct_na_base_pair_step.j_label_seq_id_2 
_ndb_struct_na_base_pair_step.j_symmetry_2 
_ndb_struct_na_base_pair_step.shift 
_ndb_struct_na_base_pair_step.slide 
_ndb_struct_na_base_pair_step.rise 
_ndb_struct_na_base_pair_step.tilt 
_ndb_struct_na_base_pair_step.roll 
_ndb_struct_na_base_pair_step.twist 
_ndb_struct_na_base_pair_step.x_displacement 
_ndb_struct_na_base_pair_step.y_displacement 
_ndb_struct_na_base_pair_step.helical_rise 
_ndb_struct_na_base_pair_step.inclination 
_ndb_struct_na_base_pair_step.tip 
_ndb_struct_na_base_pair_step.helical_twist 
_ndb_struct_na_base_pair_step.step_number 
_ndb_struct_na_base_pair_step.step_name 
_ndb_struct_na_base_pair_step.i_auth_asym_id_1 
_ndb_struct_na_base_pair_step.i_auth_seq_id_1 
_ndb_struct_na_base_pair_step.i_PDB_ins_code_1 
_ndb_struct_na_base_pair_step.j_auth_asym_id_1 
_ndb_struct_na_base_pair_step.j_auth_seq_id_1 
_ndb_struct_na_base_pair_step.j_PDB_ins_code_1 
_ndb_struct_na_base_pair_step.i_auth_asym_id_2 
_ndb_struct_na_base_pair_step.i_auth_seq_id_2 
_ndb_struct_na_base_pair_step.i_PDB_ins_code_2 
_ndb_struct_na_base_pair_step.j_auth_asym_id_2 
_ndb_struct_na_base_pair_step.j_auth_seq_id_2 
_ndb_struct_na_base_pair_step.j_PDB_ins_code_2 
1 B DG 1 1_555 C DC 8 1_555 B DT 2 1_555 C DA 7 1_555 -0.636 -0.648 3.437 1.028  -2.640 32.136 -0.671 1.338  3.456 -4.758 -1.853 
32.258 1 BB_DG101DT102:DA115DC116_CC B 101 ? C 116 ? B 102 ? C 115 ? 
1 B DT 2 1_555 C DA 7 1_555 B DG 3 1_555 C DC 6 1_555 0.257  1.097  2.865 -1.286 5.764  29.591 1.044  -0.732 3.007 11.145 2.487  
30.161 2 BB_DT102DG103:DC114DA115_CC B 102 ? C 115 ? B 103 ? C 114 ? 
1 B DG 3 1_555 C DC 6 1_555 B DA 4 1_555 C DT 5 1_555 -0.357 1.268  6.244 0.209  50.905 18.491 -5.940 0.424  3.396 71.347 -0.293 
53.949 3 BB_DG103DA104:DT113DC114_CC B 103 ? C 114 ? B 104 ? C 113 ? 
1 B DA 4 1_555 C DT 5 1_555 B DT 5 1_555 C DA 4 1_555 -0.343 -0.068 3.060 -3.856 5.960  24.984 -1.699 -0.238 2.982 13.435 8.693  
25.958 4 BB_DA104DT105:DA112DT113_CC B 104 ? C 113 ? B 105 ? C 112 ? 
1 B DT 5 1_555 C DA 4 1_555 B DC 6 1_555 C DG 3 1_555 -0.125 0.906  3.221 3.213  11.579 24.962 -1.043 1.077  3.270 25.020 -6.944 
27.662 5 BB_DT105DC106:DG111DA112_CC B 105 ? C 112 ? B 106 ? C 111 ? 
1 B DC 6 1_555 C DG 3 1_555 B DA 7 1_555 C DT 2 1_555 0.182  2.275  3.347 2.313  -7.945 48.174 3.339  -0.049 2.965 -9.650 -2.809 
48.838 6 BB_DC106DA107:DT110DG111_CC B 106 ? C 111 ? B 107 ? C 110 ? 
1 B DA 7 1_555 C DT 2 1_555 B DC 8 1_555 C DG 1 1_555 0.425  -0.435 3.308 -0.924 -0.914 30.501 -0.642 -0.993 3.306 -1.737 1.755  
30.528 7 BB_DA107DC108:DG109DT110_CC B 107 ? C 110 ? B 108 ? C 109 ? 
# 
_pdbx_entity_nonpoly.entity_id   3 
_pdbx_entity_nonpoly.name        water 
_pdbx_entity_nonpoly.comp_id     HOH 
# 
_pdbx_initial_refinement_model.id               1 
_pdbx_initial_refinement_model.entity_id_list   ? 
_pdbx_initial_refinement_model.type             'experimental model' 
_pdbx_initial_refinement_model.source_name      PDB 
_pdbx_initial_refinement_model.accession_code   3LWH 
_pdbx_initial_refinement_model.details          ? 
# 
